data_8DMT
#
_entry.id   8DMT
#
_cell.length_a   48.949
_cell.length_b   90.006
_cell.length_c   212.267
_cell.angle_alpha   90.000
_cell.angle_beta   95.890
_cell.angle_gamma   90.000
#
_symmetry.space_group_name_H-M   'P 1 21 1'
#
loop_
_entity.id
_entity.type
_entity.pdbx_description
1 polymer RE54994p
2 non-polymer '[(2R,3S,4R,5R)-5-(6-AMINOPURIN-9-YL)-3,4-DIHYDROXY-OXOLAN-2-YL]METHYL [HYDROXY-[[(2R,3S,4R,5S)-3,4,5-TRIHYDROXYOXOLAN-2-YL]METHOXY]PHOSPHORYL] HYDROGEN PHOSPHATE'
3 water water
#
_entity_poly.entity_id   1
_entity_poly.type   'polypeptide(L)'
_entity_poly.pdbx_seq_one_letter_code
;GPLGSWPAVTGDSPHLTNFGRKLLKDCRQVQKPIGGYENLGNVIKLSAEFPLEFGVNSVKVYRQSPSRLARINEEVASAY
PLIHERTLGLYLQYLEHKCRWGNAVEKPIYRNLSLCGFVQRLLVKRCASFFARNDKYLLVSGESGASGFEAVGTREEKAP
LVLANVLSYDDIKLSALLSVSSRTEFVNEGERTNCGHVDLNTKTLERHGVIVGMIGARLSRRNLMEFQDIVIARQQNTRE
RGYGMALDEPATTRDEDYRRLWREFYATRDLIHGQAVIDNQRFGPSKNKMDVFDNLVMKRRYAISFDMLLLEAEARAKRV
KKLAYIHVVGFGLGVWKAAEQQERIFMETFEQRMRTLGNRLNNVGLVHFSWFSITHCGGLSNGSLIEIPGHPKDGIRVLI
SKRNPARKLSDPEHAGMLLVVSYAWDGNALPGNEFWMKMLQSTGDSSTACSTLVAELHNPYINTKFCNGGNLHIASPEHG
VLHIAEYAKRVI
;
_entity_poly.pdbx_strand_id   A,B,C,D
#
# COMPACT_ATOMS: atom_id res chain seq x y z
N SER A 5 -34.20 50.26 2.91
CA SER A 5 -33.74 49.33 1.88
C SER A 5 -34.72 48.17 1.71
N TRP A 6 -34.60 47.46 0.60
CA TRP A 6 -35.43 46.31 0.25
C TRP A 6 -34.78 45.02 0.76
N PRO A 7 -35.57 44.07 1.30
CA PRO A 7 -37.01 44.19 1.50
C PRO A 7 -37.38 44.97 2.77
N ALA A 8 -38.58 45.53 2.79
CA ALA A 8 -39.02 46.30 3.95
C ALA A 8 -39.20 45.38 5.15
N VAL A 9 -38.99 45.94 6.35
CA VAL A 9 -39.09 45.14 7.56
C VAL A 9 -40.53 45.06 8.05
N THR A 10 -41.25 46.17 8.05
CA THR A 10 -42.61 46.24 8.58
C THR A 10 -43.60 46.41 7.43
N GLY A 11 -44.87 46.54 7.79
CA GLY A 11 -45.93 46.63 6.80
C GLY A 11 -46.04 45.43 5.90
N ASP A 12 -45.53 44.28 6.32
CA ASP A 12 -45.43 43.11 5.47
C ASP A 12 -46.75 42.34 5.41
N SER A 13 -46.79 41.20 6.11
CA SER A 13 -47.87 40.22 6.00
C SER A 13 -48.02 39.82 4.54
N PRO A 14 -47.22 38.86 4.06
CA PRO A 14 -47.29 38.47 2.65
C PRO A 14 -48.70 38.17 2.20
N HIS A 15 -48.99 38.53 0.95
CA HIS A 15 -50.33 38.43 0.38
C HIS A 15 -50.90 37.01 0.48
N LEU A 16 -50.28 36.09 -0.27
CA LEU A 16 -50.65 34.67 -0.28
C LEU A 16 -52.02 34.44 -0.91
N THR A 17 -52.08 33.54 -1.90
CA THR A 17 -53.33 33.13 -2.48
C THR A 17 -53.99 32.08 -1.59
N ASN A 18 -55.20 31.64 -1.98
CA ASN A 18 -55.88 30.59 -1.22
C ASN A 18 -55.04 29.32 -1.14
N PHE A 19 -54.30 29.02 -2.21
CA PHE A 19 -53.44 27.84 -2.24
C PHE A 19 -52.33 27.95 -1.20
N GLY A 20 -51.53 29.02 -1.27
CA GLY A 20 -50.50 29.22 -0.26
C GLY A 20 -51.06 29.49 1.13
N ARG A 21 -52.25 30.08 1.20
CA ARG A 21 -52.94 30.27 2.47
C ARG A 21 -53.09 28.95 3.21
N LYS A 22 -53.54 27.91 2.51
CA LYS A 22 -53.82 26.64 3.18
C LYS A 22 -52.55 25.88 3.49
N LEU A 23 -51.56 25.92 2.61
CA LEU A 23 -50.34 25.15 2.85
C LEU A 23 -49.58 25.71 4.03
N LEU A 24 -49.56 27.04 4.19
CA LEU A 24 -49.03 27.63 5.42
C LEU A 24 -49.92 27.31 6.61
N LYS A 25 -51.23 27.18 6.39
CA LYS A 25 -52.14 26.82 7.47
C LYS A 25 -51.81 25.43 8.01
N ASP A 26 -51.57 24.47 7.11
CA ASP A 26 -51.23 23.11 7.52
C ASP A 26 -49.88 23.02 8.21
N CYS A 27 -49.03 24.06 8.11
CA CYS A 27 -47.76 24.06 8.81
C CYS A 27 -47.89 24.32 10.30
N ARG A 28 -49.04 24.86 10.74
CA ARG A 28 -49.26 25.09 12.16
C ARG A 28 -49.32 23.79 12.95
N GLN A 29 -49.56 22.66 12.29
CA GLN A 29 -49.64 21.37 12.94
C GLN A 29 -48.33 20.59 12.87
N VAL A 30 -47.31 21.12 12.20
CA VAL A 30 -46.02 20.44 12.11
C VAL A 30 -45.34 20.50 13.47
N GLN A 31 -45.11 19.33 14.06
CA GLN A 31 -44.55 19.26 15.40
C GLN A 31 -43.06 19.61 15.37
N LYS A 32 -42.65 20.50 16.27
CA LYS A 32 -41.25 20.88 16.40
C LYS A 32 -40.49 19.74 17.07
N PRO A 33 -39.47 19.17 16.43
CA PRO A 33 -38.74 18.05 17.05
C PRO A 33 -37.97 18.51 18.28
N ILE A 34 -38.13 17.75 19.36
CA ILE A 34 -37.53 18.09 20.65
C ILE A 34 -36.26 17.25 20.82
N GLY A 35 -35.16 17.90 21.21
CA GLY A 35 -33.92 17.19 21.40
C GLY A 35 -33.85 16.46 22.73
N GLY A 36 -32.99 15.44 22.79
CA GLY A 36 -32.84 14.66 24.00
C GLY A 36 -31.42 14.21 24.28
N TYR A 37 -31.25 12.95 24.67
CA TYR A 37 -29.93 12.37 24.94
C TYR A 37 -29.47 11.38 23.88
N GLU A 38 -30.40 10.65 23.28
CA GLU A 38 -30.06 9.67 22.25
C GLU A 38 -29.92 10.29 20.87
N ASN A 39 -29.66 11.60 20.77
CA ASN A 39 -29.59 12.18 19.44
C ASN A 39 -28.30 11.76 18.75
N LEU A 40 -27.22 11.66 19.53
CA LEU A 40 -25.92 11.29 18.98
C LEU A 40 -25.91 9.84 18.52
N GLY A 41 -26.60 8.95 19.25
CA GLY A 41 -26.61 7.55 18.88
C GLY A 41 -27.17 7.31 17.50
N ASN A 42 -28.26 8.00 17.16
CA ASN A 42 -28.84 7.84 15.83
C ASN A 42 -27.92 8.42 14.76
N VAL A 43 -27.27 9.55 15.04
CA VAL A 43 -26.35 10.15 14.09
C VAL A 43 -25.16 9.22 13.87
N ILE A 44 -24.60 8.68 14.94
CA ILE A 44 -23.43 7.82 14.85
C ILE A 44 -23.75 6.60 14.00
N LYS A 45 -24.90 5.95 14.26
CA LYS A 45 -25.26 4.74 13.54
C LYS A 45 -25.59 5.04 12.08
N LEU A 46 -26.39 6.09 11.85
CA LEU A 46 -26.75 6.45 10.48
C LEU A 46 -25.56 6.98 9.69
N SER A 47 -24.58 7.57 10.39
CA SER A 47 -23.36 7.99 9.69
C SER A 47 -22.56 6.79 9.22
N ALA A 48 -22.57 5.69 9.99
CA ALA A 48 -21.89 4.48 9.54
C ALA A 48 -22.64 3.81 8.39
N GLU A 49 -23.95 3.99 8.32
CA GLU A 49 -24.75 3.41 7.25
C GLU A 49 -24.84 4.30 6.02
N PHE A 50 -24.16 5.45 6.03
CA PHE A 50 -24.19 6.32 4.86
C PHE A 50 -23.49 5.64 3.69
N PRO A 51 -24.13 5.54 2.53
CA PRO A 51 -23.56 4.72 1.44
C PRO A 51 -22.35 5.34 0.77
N LEU A 52 -21.98 6.57 1.10
CA LEU A 52 -20.86 7.25 0.46
C LEU A 52 -19.75 7.50 1.47
N GLU A 53 -18.52 7.34 1.02
CA GLU A 53 -17.36 7.56 1.88
C GLU A 53 -17.09 9.04 2.06
N PHE A 54 -16.72 9.42 3.28
CA PHE A 54 -16.38 10.80 3.56
C PHE A 54 -15.06 11.18 2.89
N GLY A 55 -14.92 12.46 2.56
CA GLY A 55 -13.64 12.94 2.05
C GLY A 55 -12.53 12.77 3.07
N VAL A 56 -12.79 13.13 4.31
CA VAL A 56 -11.92 12.83 5.44
C VAL A 56 -12.76 12.21 6.55
N ASN A 57 -12.12 11.42 7.38
CA ASN A 57 -12.81 10.74 8.47
C ASN A 57 -12.72 11.50 9.79
N SER A 58 -11.85 12.50 9.90
CA SER A 58 -11.63 13.17 11.18
C SER A 58 -12.84 14.01 11.62
N VAL A 59 -13.76 14.32 10.71
CA VAL A 59 -14.91 15.15 11.04
C VAL A 59 -16.07 14.29 11.51
N LYS A 60 -15.86 12.98 11.63
CA LYS A 60 -16.91 12.09 12.07
C LYS A 60 -17.07 12.17 13.58
N VAL A 61 -18.29 11.85 14.04
CA VAL A 61 -18.62 12.04 15.45
C VAL A 61 -17.82 11.10 16.34
N TYR A 62 -17.60 9.86 15.89
CA TYR A 62 -16.99 8.86 16.76
C TYR A 62 -15.51 9.12 17.03
N ARG A 63 -14.89 10.02 16.28
CA ARG A 63 -13.48 10.37 16.42
C ARG A 63 -13.29 11.65 17.22
N GLN A 64 -14.37 12.27 17.69
CA GLN A 64 -14.29 13.42 18.58
C GLN A 64 -14.14 12.94 20.02
N SER A 65 -13.48 13.75 20.83
CA SER A 65 -13.19 13.37 22.20
C SER A 65 -14.50 13.06 22.94
N PRO A 66 -14.56 11.96 23.69
CA PRO A 66 -15.82 11.59 24.36
C PRO A 66 -16.31 12.63 25.36
N SER A 67 -15.41 13.44 25.92
CA SER A 67 -15.84 14.49 26.84
C SER A 67 -16.66 15.56 26.16
N ARG A 68 -16.56 15.69 24.84
CA ARG A 68 -17.31 16.67 24.08
C ARG A 68 -18.55 16.10 23.41
N LEU A 69 -18.84 14.81 23.63
CA LEU A 69 -20.00 14.19 23.01
C LEU A 69 -21.32 14.76 23.54
N ALA A 70 -21.32 15.21 24.79
CA ALA A 70 -22.53 15.82 25.34
C ALA A 70 -22.84 17.13 24.65
N ARG A 71 -21.82 17.93 24.34
CA ARG A 71 -22.05 19.17 23.63
C ARG A 71 -22.42 18.91 22.17
N ILE A 72 -21.76 17.94 21.53
CA ILE A 72 -22.12 17.58 20.16
C ILE A 72 -23.56 17.08 20.10
N ASN A 73 -24.04 16.45 21.16
CA ASN A 73 -25.43 16.00 21.19
C ASN A 73 -26.39 17.18 21.07
N GLU A 74 -26.13 18.24 21.82
CA GLU A 74 -26.94 19.46 21.69
C GLU A 74 -26.81 20.06 20.30
N GLU A 75 -25.62 19.94 19.69
CA GLU A 75 -25.41 20.51 18.36
C GLU A 75 -26.23 19.79 17.29
N VAL A 76 -26.47 18.48 17.47
CA VAL A 76 -27.32 17.75 16.54
C VAL A 76 -28.74 18.30 16.56
N ALA A 77 -29.26 18.60 17.75
CA ALA A 77 -30.60 19.14 17.90
C ALA A 77 -30.70 20.61 17.50
N SER A 78 -29.58 21.30 17.30
CA SER A 78 -29.58 22.70 16.94
C SER A 78 -29.68 22.93 15.44
N ALA A 79 -29.57 21.88 14.63
CA ALA A 79 -29.58 22.02 13.18
C ALA A 79 -31.00 22.19 12.66
N TYR A 80 -31.16 23.09 11.69
CA TYR A 80 -32.44 23.23 11.00
C TYR A 80 -32.21 23.89 9.65
N PRO A 81 -33.00 23.52 8.64
CA PRO A 81 -33.03 24.33 7.41
C PRO A 81 -33.70 25.67 7.67
N LEU A 82 -33.36 26.64 6.81
CA LEU A 82 -33.75 28.02 7.07
C LEU A 82 -33.93 28.76 5.75
N ILE A 83 -35.02 29.52 5.64
CA ILE A 83 -35.28 30.36 4.48
C ILE A 83 -35.83 31.71 4.96
N HIS A 84 -35.64 32.71 4.11
CA HIS A 84 -36.26 34.02 4.35
C HIS A 84 -37.77 33.91 4.26
N GLU A 85 -38.47 34.79 5.00
CA GLU A 85 -39.91 34.86 4.84
C GLU A 85 -40.30 35.25 3.42
N ARG A 86 -39.45 36.07 2.77
CA ARG A 86 -39.62 36.37 1.36
C ARG A 86 -39.60 35.09 0.53
N THR A 87 -38.70 34.17 0.85
CA THR A 87 -38.58 32.93 0.11
C THR A 87 -39.75 32.00 0.38
N LEU A 88 -40.33 32.07 1.58
CA LEU A 88 -41.49 31.26 1.89
C LEU A 88 -42.64 31.57 0.93
N GLY A 89 -42.89 32.85 0.67
CA GLY A 89 -43.91 33.20 -0.31
C GLY A 89 -43.58 32.67 -1.70
N LEU A 90 -42.30 32.69 -2.07
CA LEU A 90 -41.91 32.18 -3.38
C LEU A 90 -42.10 30.67 -3.48
N TYR A 91 -41.73 29.94 -2.42
CA TYR A 91 -41.94 28.49 -2.42
C TYR A 91 -43.41 28.14 -2.59
N LEU A 92 -44.30 28.85 -1.89
CA LEU A 92 -45.73 28.57 -1.99
C LEU A 92 -46.27 28.95 -3.36
N GLN A 93 -45.78 30.06 -3.93
CA GLN A 93 -46.19 30.43 -5.29
C GLN A 93 -45.63 29.45 -6.32
N TYR A 94 -44.42 28.95 -6.09
CA TYR A 94 -43.82 27.97 -6.99
C TYR A 94 -44.61 26.67 -6.99
N LEU A 95 -44.95 26.16 -5.80
CA LEU A 95 -45.78 24.96 -5.71
C LEU A 95 -47.08 25.17 -6.48
N GLU A 96 -47.75 26.30 -6.26
CA GLU A 96 -48.98 26.60 -7.01
C GLU A 96 -48.71 26.63 -8.51
N HIS A 97 -47.58 27.23 -8.93
CA HIS A 97 -47.28 27.31 -10.35
C HIS A 97 -47.03 25.93 -10.94
N LYS A 98 -46.30 25.07 -10.22
CA LYS A 98 -46.02 23.74 -10.73
C LYS A 98 -47.26 22.85 -10.70
N CYS A 99 -48.21 23.15 -9.81
CA CYS A 99 -49.42 22.34 -9.73
C CYS A 99 -50.26 22.45 -10.99
N ARG A 100 -50.33 23.64 -11.58
CA ARG A 100 -51.14 23.88 -12.77
C ARG A 100 -50.33 23.85 -14.06
N TRP A 101 -49.14 24.45 -14.07
CA TRP A 101 -48.35 24.58 -15.29
C TRP A 101 -47.34 23.47 -15.47
N GLY A 102 -47.23 22.55 -14.53
CA GLY A 102 -46.29 21.45 -14.68
C GLY A 102 -46.73 20.50 -15.80
N ASN A 103 -45.73 19.91 -16.45
CA ASN A 103 -46.01 18.95 -17.52
C ASN A 103 -46.42 17.62 -16.89
N ALA A 104 -46.54 16.58 -17.73
CA ALA A 104 -46.97 15.27 -17.24
C ALA A 104 -45.98 14.66 -16.27
N VAL A 105 -44.72 15.10 -16.30
CA VAL A 105 -43.71 14.55 -15.40
C VAL A 105 -43.69 15.29 -14.07
N GLU A 106 -43.92 16.60 -14.07
CA GLU A 106 -43.77 17.40 -12.86
C GLU A 106 -44.99 17.29 -11.95
N LYS A 107 -46.19 17.27 -12.54
CA LYS A 107 -47.42 17.28 -11.74
C LYS A 107 -47.51 16.15 -10.71
N PRO A 108 -47.16 14.90 -11.01
CA PRO A 108 -47.22 13.86 -9.96
C PRO A 108 -46.29 14.11 -8.79
N ILE A 109 -45.29 14.97 -8.95
CA ILE A 109 -44.34 15.24 -7.88
C ILE A 109 -44.80 16.40 -7.00
N TYR A 110 -45.29 17.48 -7.61
CA TYR A 110 -45.48 18.73 -6.89
C TYR A 110 -46.86 18.90 -6.28
N ARG A 111 -47.89 18.23 -6.78
CA ARG A 111 -49.20 18.37 -6.17
C ARG A 111 -49.36 17.50 -4.95
N ASN A 112 -50.10 18.03 -3.97
CA ASN A 112 -50.22 17.50 -2.62
C ASN A 112 -48.89 17.52 -1.87
N LEU A 113 -47.89 18.21 -2.40
CA LEU A 113 -46.66 18.48 -1.65
C LEU A 113 -46.94 19.57 -0.63
N SER A 114 -46.86 19.21 0.65
CA SER A 114 -46.87 20.23 1.69
C SER A 114 -45.62 21.10 1.55
N LEU A 115 -45.69 22.28 2.16
CA LEU A 115 -44.51 23.15 2.22
C LEU A 115 -43.30 22.41 2.78
N CYS A 116 -43.48 21.79 3.96
CA CYS A 116 -42.36 21.10 4.59
C CYS A 116 -41.89 19.92 3.76
N GLY A 117 -42.81 19.26 3.05
CA GLY A 117 -42.39 18.18 2.16
C GLY A 117 -41.60 18.67 0.96
N PHE A 118 -41.88 19.90 0.50
CA PHE A 118 -41.11 20.47 -0.59
C PHE A 118 -39.70 20.85 -0.12
N VAL A 119 -39.58 21.36 1.10
CA VAL A 119 -38.27 21.60 1.69
C VAL A 119 -37.52 20.28 1.84
N GLN A 120 -38.24 19.23 2.25
CA GLN A 120 -37.61 17.91 2.38
C GLN A 120 -37.16 17.37 1.03
N ARG A 121 -37.89 17.68 -0.03
CA ARG A 121 -37.43 17.31 -1.37
C ARG A 121 -36.17 18.08 -1.74
N LEU A 122 -36.11 19.37 -1.40
CA LEU A 122 -34.92 20.16 -1.69
C LEU A 122 -33.72 19.74 -0.86
N LEU A 123 -33.92 18.92 0.17
CA LEU A 123 -32.82 18.45 1.00
C LEU A 123 -32.34 17.05 0.61
N VAL A 124 -33.28 16.12 0.38
CA VAL A 124 -32.89 14.73 0.18
C VAL A 124 -32.58 14.42 -1.29
N LYS A 125 -33.18 15.16 -2.22
CA LYS A 125 -33.01 14.89 -3.65
C LYS A 125 -31.83 15.65 -4.24
N ARG A 126 -31.09 16.40 -3.43
CA ARG A 126 -29.82 16.96 -3.90
C ARG A 126 -28.88 15.84 -4.30
N CYS A 127 -27.97 16.15 -5.21
CA CYS A 127 -26.83 15.26 -5.41
C CYS A 127 -25.92 15.32 -4.19
N ALA A 128 -25.05 14.32 -4.06
CA ALA A 128 -23.97 14.44 -3.10
C ALA A 128 -22.99 15.52 -3.54
N SER A 129 -22.53 15.44 -4.79
CA SER A 129 -21.66 16.44 -5.38
C SER A 129 -22.30 16.97 -6.66
N PHE A 130 -22.11 18.26 -6.92
CA PHE A 130 -22.68 18.90 -8.10
C PHE A 130 -21.92 20.20 -8.31
N PHE A 131 -20.93 20.18 -9.20
CA PHE A 131 -20.02 21.30 -9.36
C PHE A 131 -19.56 21.38 -10.81
N ALA A 132 -18.72 22.38 -11.08
CA ALA A 132 -18.12 22.64 -12.39
C ALA A 132 -19.16 23.08 -13.42
N ARG A 133 -18.70 23.70 -14.51
CA ARG A 133 -19.61 24.26 -15.50
C ARG A 133 -20.39 23.18 -16.23
N ASN A 134 -19.80 22.00 -16.43
CA ASN A 134 -20.46 20.91 -17.13
C ASN A 134 -21.28 20.02 -16.20
N ASP A 135 -21.45 20.42 -14.94
CA ASP A 135 -22.31 19.74 -13.98
C ASP A 135 -21.85 18.30 -13.72
N LYS A 136 -20.63 18.19 -13.18
CA LYS A 136 -20.18 16.91 -12.66
C LYS A 136 -20.96 16.57 -11.40
N TYR A 137 -21.53 15.37 -11.36
CA TYR A 137 -22.44 15.02 -10.28
C TYR A 137 -22.13 13.63 -9.74
N LEU A 138 -22.51 13.42 -8.49
CA LEU A 138 -22.49 12.10 -7.85
C LEU A 138 -23.72 12.02 -6.95
N LEU A 139 -24.56 11.02 -7.16
CA LEU A 139 -25.76 10.85 -6.36
C LEU A 139 -25.44 10.06 -5.09
N VAL A 140 -26.32 10.21 -4.10
CA VAL A 140 -26.17 9.45 -2.86
C VAL A 140 -26.31 7.96 -3.12
N SER A 141 -27.11 7.57 -4.11
CA SER A 141 -27.28 6.17 -4.46
C SER A 141 -26.09 5.59 -5.23
N GLY A 142 -25.10 6.41 -5.58
CA GLY A 142 -23.87 5.94 -6.16
C GLY A 142 -23.65 6.33 -7.61
N GLU A 143 -24.71 6.62 -8.35
CA GLU A 143 -24.56 6.97 -9.76
C GLU A 143 -23.81 8.28 -9.92
N SER A 144 -22.89 8.31 -10.89
CA SER A 144 -22.09 9.50 -11.17
C SER A 144 -22.10 9.76 -12.67
N GLY A 145 -21.67 10.96 -13.04
CA GLY A 145 -21.64 11.36 -14.42
C GLY A 145 -21.35 12.84 -14.55
N ALA A 146 -21.78 13.41 -15.67
CA ALA A 146 -21.62 14.82 -15.94
C ALA A 146 -22.74 15.24 -16.87
N SER A 147 -23.31 16.42 -16.60
CA SER A 147 -24.35 17.04 -17.41
C SER A 147 -25.63 16.20 -17.41
N GLY A 148 -26.63 16.66 -18.16
CA GLY A 148 -27.88 15.94 -18.30
C GLY A 148 -29.01 16.42 -17.41
N PHE A 149 -28.83 17.53 -16.69
CA PHE A 149 -29.85 17.98 -15.76
C PHE A 149 -30.89 18.90 -16.38
N GLU A 150 -30.59 19.51 -17.53
CA GLU A 150 -31.57 20.36 -18.18
C GLU A 150 -32.81 19.59 -18.62
N ALA A 151 -32.66 18.28 -18.87
CA ALA A 151 -33.78 17.45 -19.25
C ALA A 151 -34.64 17.02 -18.07
N VAL A 152 -34.12 17.14 -16.84
CA VAL A 152 -34.89 16.75 -15.67
C VAL A 152 -36.14 17.61 -15.56
N GLY A 153 -37.28 16.95 -15.36
CA GLY A 153 -38.55 17.64 -15.27
C GLY A 153 -39.28 17.81 -16.57
N THR A 154 -38.74 17.32 -17.67
CA THR A 154 -39.40 17.37 -18.98
C THR A 154 -39.85 15.98 -19.39
N ARG A 155 -40.42 15.89 -20.59
CA ARG A 155 -40.96 14.62 -21.08
C ARG A 155 -39.87 13.64 -21.49
N GLU A 156 -38.68 14.12 -21.80
CA GLU A 156 -37.58 13.27 -22.26
C GLU A 156 -36.43 13.26 -21.27
N GLU A 157 -36.76 13.22 -19.97
CA GLU A 157 -35.76 12.98 -18.95
C GLU A 157 -35.36 11.50 -18.96
N LYS A 158 -34.11 11.24 -18.58
CA LYS A 158 -33.57 9.89 -18.58
C LYS A 158 -33.05 9.54 -17.19
N ALA A 159 -33.41 8.35 -16.72
CA ALA A 159 -32.89 7.86 -15.45
C ALA A 159 -31.38 7.70 -15.54
N PRO A 160 -30.65 7.91 -14.43
CA PRO A 160 -31.14 8.19 -13.08
C PRO A 160 -31.52 9.65 -12.84
N LEU A 161 -31.43 10.48 -13.88
CA LEU A 161 -31.77 11.89 -13.76
C LEU A 161 -33.24 12.11 -14.10
N VAL A 162 -34.09 11.64 -13.19
CA VAL A 162 -35.53 11.84 -13.27
C VAL A 162 -35.96 12.71 -12.10
N LEU A 163 -37.06 13.45 -12.31
CA LEU A 163 -37.51 14.42 -11.32
C LEU A 163 -37.81 13.78 -9.97
N ALA A 164 -38.28 12.52 -9.98
CA ALA A 164 -38.59 11.84 -8.72
C ALA A 164 -37.34 11.50 -7.92
N ASN A 165 -36.17 11.48 -8.56
CA ASN A 165 -34.94 11.09 -7.90
C ASN A 165 -33.95 12.23 -7.71
N VAL A 166 -33.94 13.22 -8.59
CA VAL A 166 -33.04 14.37 -8.49
C VAL A 166 -33.86 15.64 -8.71
N LEU A 167 -33.18 16.78 -8.52
CA LEU A 167 -33.82 18.08 -8.68
C LEU A 167 -33.67 18.59 -10.11
N SER A 168 -34.69 19.31 -10.57
CA SER A 168 -34.59 20.05 -11.81
C SER A 168 -33.92 21.39 -11.56
N TYR A 169 -33.52 22.05 -12.66
CA TYR A 169 -32.90 23.38 -12.51
C TYR A 169 -33.87 24.38 -11.91
N ASP A 170 -35.17 24.16 -12.07
CA ASP A 170 -36.14 25.00 -11.37
C ASP A 170 -36.11 24.75 -9.87
N ASP A 171 -35.95 23.49 -9.47
CA ASP A 171 -35.80 23.17 -8.05
C ASP A 171 -34.51 23.73 -7.49
N ILE A 172 -33.40 23.56 -8.22
CA ILE A 172 -32.11 24.05 -7.75
C ILE A 172 -32.13 25.56 -7.61
N LYS A 173 -32.92 26.25 -8.46
CA LYS A 173 -33.04 27.70 -8.33
C LYS A 173 -33.64 28.08 -6.98
N LEU A 174 -34.57 27.28 -6.48
CA LEU A 174 -35.16 27.56 -5.18
C LEU A 174 -34.29 27.00 -4.05
N SER A 175 -33.62 25.88 -4.28
CA SER A 175 -32.73 25.32 -3.27
C SER A 175 -31.55 26.24 -2.98
N ALA A 176 -31.19 27.11 -3.92
CA ALA A 176 -30.13 28.09 -3.67
C ALA A 176 -30.55 29.14 -2.65
N LEU A 177 -31.86 29.27 -2.40
CA LEU A 177 -32.36 30.18 -1.38
C LEU A 177 -32.64 29.46 -0.05
N LEU A 178 -32.27 28.19 0.05
CA LEU A 178 -32.48 27.39 1.25
C LEU A 178 -31.15 27.16 1.95
N SER A 179 -31.09 27.49 3.23
CA SER A 179 -29.87 27.38 4.01
C SER A 179 -30.06 26.36 5.13
N VAL A 180 -28.94 25.82 5.60
CA VAL A 180 -28.88 24.95 6.76
C VAL A 180 -27.90 25.53 7.75
N SER A 181 -28.30 25.62 9.02
CA SER A 181 -27.48 26.22 10.06
C SER A 181 -27.55 25.36 11.31
N SER A 182 -26.47 25.36 12.07
CA SER A 182 -26.40 24.58 13.31
C SER A 182 -25.21 25.04 14.14
N ARG A 183 -25.31 24.85 15.44
CA ARG A 183 -24.12 24.86 16.28
C ARG A 183 -23.21 23.72 15.86
N THR A 184 -21.90 23.92 16.03
CA THR A 184 -20.96 22.93 15.53
C THR A 184 -19.68 22.96 16.33
N GLU A 185 -18.99 21.82 16.34
CA GLU A 185 -17.61 21.76 16.77
C GLU A 185 -16.71 22.10 15.59
N PHE A 186 -15.61 22.79 15.87
CA PHE A 186 -14.63 23.15 14.84
C PHE A 186 -13.46 22.18 14.93
N VAL A 187 -13.27 21.39 13.88
CA VAL A 187 -12.25 20.34 13.91
C VAL A 187 -10.86 20.93 13.75
N ASN A 188 -10.69 21.89 12.83
CA ASN A 188 -9.46 22.65 12.71
C ASN A 188 -9.82 24.08 12.37
N GLU A 189 -8.81 24.91 12.10
CA GLU A 189 -9.05 26.34 11.92
C GLU A 189 -9.90 26.67 10.71
N GLY A 190 -10.00 25.76 9.74
CA GLY A 190 -10.88 25.95 8.62
C GLY A 190 -10.27 26.65 7.42
N GLU A 191 -8.94 26.77 7.36
CA GLU A 191 -8.32 27.27 6.15
C GLU A 191 -8.62 26.33 4.99
N ARG A 192 -8.49 26.86 3.76
CA ARG A 192 -8.91 26.09 2.60
C ARG A 192 -8.11 24.80 2.45
N THR A 193 -6.84 24.83 2.82
CA THR A 193 -5.95 23.68 2.65
C THR A 193 -5.93 22.75 3.85
N ASN A 194 -6.90 22.86 4.76
CA ASN A 194 -6.83 22.09 6.01
C ASN A 194 -6.93 20.59 5.75
N CYS A 195 -7.80 20.18 4.82
CA CYS A 195 -7.89 18.79 4.38
C CYS A 195 -8.16 17.82 5.53
N GLY A 196 -8.87 18.28 6.56
CA GLY A 196 -9.20 17.43 7.68
C GLY A 196 -8.08 17.16 8.66
N HIS A 197 -6.95 17.84 8.53
CA HIS A 197 -5.87 17.67 9.49
C HIS A 197 -6.28 18.18 10.86
N VAL A 198 -5.96 17.42 11.90
CA VAL A 198 -6.27 17.78 13.28
C VAL A 198 -4.97 18.01 14.02
N ASP A 199 -4.88 19.14 14.72
CA ASP A 199 -3.77 19.43 15.62
C ASP A 199 -4.35 19.40 17.03
N LEU A 200 -4.13 18.27 17.72
CA LEU A 200 -4.87 18.00 18.95
C LEU A 200 -4.54 19.01 20.04
N ASN A 201 -3.28 19.42 20.15
CA ASN A 201 -2.89 20.38 21.16
C ASN A 201 -2.59 21.74 20.55
N THR A 202 -3.51 22.25 19.74
CA THR A 202 -3.38 23.58 19.18
C THR A 202 -3.83 24.63 20.19
N LYS A 203 -3.33 25.84 20.01
CA LYS A 203 -3.63 26.95 20.91
C LYS A 203 -4.39 28.08 20.22
N THR A 204 -4.74 27.92 18.94
CA THR A 204 -5.32 29.01 18.16
C THR A 204 -6.65 28.60 17.53
N LEU A 205 -7.30 27.55 18.02
CA LEU A 205 -8.53 27.04 17.44
C LEU A 205 -9.71 27.37 18.35
N GLU A 206 -10.63 28.18 17.84
CA GLU A 206 -11.98 28.25 18.40
C GLU A 206 -12.70 26.96 18.02
N ARG A 207 -12.94 26.10 19.01
CA ARG A 207 -13.45 24.76 18.75
C ARG A 207 -14.97 24.66 18.64
N HIS A 208 -15.77 25.63 19.08
CA HIS A 208 -17.19 25.46 18.84
C HIS A 208 -17.88 26.80 18.62
N GLY A 209 -18.90 26.77 17.76
CA GLY A 209 -19.63 27.97 17.39
C GLY A 209 -20.82 27.60 16.51
N VAL A 210 -21.04 28.38 15.45
CA VAL A 210 -22.17 28.18 14.54
C VAL A 210 -21.63 28.20 13.11
N ILE A 211 -22.19 27.33 12.27
CA ILE A 211 -21.83 27.24 10.86
C ILE A 211 -23.11 27.38 10.04
N VAL A 212 -23.07 28.26 9.03
CA VAL A 212 -24.27 28.58 8.24
C VAL A 212 -23.91 28.49 6.76
N GLY A 213 -24.67 27.67 6.02
CA GLY A 213 -24.44 27.51 4.60
C GLY A 213 -25.15 28.54 3.76
N MET A 214 -24.38 29.39 3.08
CA MET A 214 -24.92 30.41 2.20
C MET A 214 -24.58 30.09 0.75
N ILE A 215 -25.53 30.35 -0.14
CA ILE A 215 -25.43 29.99 -1.55
C ILE A 215 -25.48 31.27 -2.36
N GLY A 216 -24.40 31.54 -3.11
CA GLY A 216 -24.37 32.67 -3.99
C GLY A 216 -25.19 32.45 -5.25
N ALA A 217 -25.11 33.42 -6.15
CA ALA A 217 -25.85 33.36 -7.41
C ALA A 217 -25.01 32.64 -8.46
N ARG A 218 -25.55 31.54 -8.99
CA ARG A 218 -24.90 30.84 -10.10
C ARG A 218 -25.27 31.53 -11.40
N LEU A 219 -24.26 32.05 -12.08
CA LEU A 219 -24.42 33.01 -13.15
C LEU A 219 -23.73 32.59 -14.44
N SER A 220 -23.04 31.45 -14.45
CA SER A 220 -22.28 30.99 -15.60
C SER A 220 -23.08 30.10 -16.54
N ARG A 221 -24.12 29.42 -16.05
CA ARG A 221 -24.96 28.58 -16.90
C ARG A 221 -26.00 29.48 -17.57
N ARG A 222 -25.91 29.62 -18.89
CA ARG A 222 -26.80 30.53 -19.60
C ARG A 222 -28.24 30.04 -19.57
N ASN A 223 -29.16 30.99 -19.42
CA ASN A 223 -30.60 30.76 -19.42
C ASN A 223 -31.04 29.84 -18.27
N LEU A 224 -30.24 29.77 -17.20
CA LEU A 224 -30.53 28.85 -16.10
C LEU A 224 -30.21 29.50 -14.77
N MET A 225 -31.13 29.38 -13.83
CA MET A 225 -30.97 29.85 -12.44
C MET A 225 -30.84 31.38 -12.45
N GLU A 226 -30.00 31.96 -11.59
CA GLU A 226 -29.96 33.41 -11.41
C GLU A 226 -29.67 34.16 -12.69
N PHE A 227 -29.11 33.49 -13.70
CA PHE A 227 -28.98 34.08 -15.03
C PHE A 227 -30.32 34.58 -15.55
N GLN A 228 -31.41 33.88 -15.20
CA GLN A 228 -32.74 34.25 -15.71
C GLN A 228 -33.21 35.58 -15.17
N ASP A 229 -32.73 35.99 -14.00
CA ASP A 229 -33.22 37.20 -13.36
C ASP A 229 -32.22 38.34 -13.31
N ILE A 230 -30.92 38.04 -13.47
CA ILE A 230 -29.86 39.01 -13.29
C ILE A 230 -29.18 39.36 -14.61
N VAL A 231 -28.98 38.40 -15.49
CA VAL A 231 -28.36 38.64 -16.77
C VAL A 231 -29.45 38.85 -17.82
N ILE A 232 -29.36 39.95 -18.55
CA ILE A 232 -30.29 40.28 -19.61
C ILE A 232 -29.61 39.96 -20.93
N ALA A 233 -30.02 38.87 -21.56
CA ALA A 233 -29.35 38.33 -22.74
C ALA A 233 -30.27 38.39 -23.95
N ARG A 234 -29.70 38.08 -25.11
CA ARG A 234 -30.42 38.19 -26.37
C ARG A 234 -31.41 37.02 -26.53
N GLN A 235 -30.93 35.80 -26.34
CA GLN A 235 -31.79 34.63 -26.57
C GLN A 235 -32.87 34.49 -25.51
N GLN A 236 -32.56 34.86 -24.26
CA GLN A 236 -33.43 34.58 -23.14
C GLN A 236 -34.51 35.64 -22.92
N ASN A 237 -34.10 36.92 -22.88
CA ASN A 237 -35.00 38.00 -22.49
C ASN A 237 -35.86 38.42 -23.69
N THR A 238 -36.83 37.58 -24.00
CA THR A 238 -37.77 37.81 -25.09
C THR A 238 -39.19 37.86 -24.54
N ARG A 239 -40.07 38.47 -25.33
CA ARG A 239 -41.48 38.55 -24.94
C ARG A 239 -42.12 37.18 -24.93
N GLU A 240 -41.69 36.28 -25.81
CA GLU A 240 -42.27 34.93 -25.91
C GLU A 240 -41.90 34.04 -24.72
N ARG A 241 -40.96 34.49 -23.90
CA ARG A 241 -40.51 33.65 -22.76
C ARG A 241 -40.94 34.34 -21.46
N GLY A 242 -41.92 35.22 -21.51
CA GLY A 242 -42.49 35.80 -20.28
C GLY A 242 -41.88 37.08 -19.80
N TYR A 243 -40.87 37.59 -20.48
CA TYR A 243 -40.19 38.79 -20.03
C TYR A 243 -40.92 40.03 -20.52
N GLY A 244 -40.92 41.05 -19.68
CA GLY A 244 -41.46 42.35 -20.07
C GLY A 244 -42.93 42.55 -19.83
N MET A 245 -43.49 41.95 -18.79
CA MET A 245 -44.91 42.06 -18.48
C MET A 245 -45.12 42.93 -17.26
N ALA A 246 -46.28 43.60 -17.22
CA ALA A 246 -46.60 44.49 -16.11
C ALA A 246 -46.98 43.69 -14.87
N LEU A 247 -47.17 44.42 -13.76
CA LEU A 247 -47.45 43.79 -12.47
C LEU A 247 -48.71 42.93 -12.53
N ASP A 248 -49.85 43.55 -12.75
CA ASP A 248 -51.13 42.85 -12.74
C ASP A 248 -51.52 42.30 -14.11
N GLU A 249 -50.59 42.29 -15.06
CA GLU A 249 -50.84 41.68 -16.36
C GLU A 249 -50.87 40.17 -16.22
N PRO A 250 -52.04 39.52 -16.33
CA PRO A 250 -52.13 38.09 -16.01
C PRO A 250 -51.37 37.23 -17.01
N ALA A 251 -50.75 36.17 -16.50
CA ALA A 251 -49.96 35.25 -17.31
C ALA A 251 -50.85 34.16 -17.88
N THR A 252 -50.72 33.91 -19.18
CA THR A 252 -51.55 32.93 -19.87
C THR A 252 -50.76 31.75 -20.41
N THR A 253 -49.46 31.68 -20.14
CA THR A 253 -48.63 30.55 -20.54
C THR A 253 -47.77 30.11 -19.36
N ARG A 254 -47.06 28.99 -19.55
CA ARG A 254 -46.15 28.51 -18.52
C ARG A 254 -44.97 29.47 -18.35
N ASP A 255 -44.40 29.93 -19.46
CA ASP A 255 -43.25 30.82 -19.38
C ASP A 255 -43.62 32.15 -18.72
N GLU A 256 -44.81 32.66 -19.01
CA GLU A 256 -45.22 33.93 -18.42
C GLU A 256 -45.46 33.80 -16.92
N ASP A 257 -46.04 32.68 -16.49
CA ASP A 257 -46.29 32.48 -15.06
C ASP A 257 -44.99 32.22 -14.29
N TYR A 258 -44.03 31.56 -14.92
CA TYR A 258 -42.74 31.35 -14.27
C TYR A 258 -42.02 32.67 -14.05
N ARG A 259 -42.01 33.54 -15.07
CA ARG A 259 -41.41 34.86 -14.92
C ARG A 259 -42.17 35.70 -13.90
N ARG A 260 -43.48 35.46 -13.76
CA ARG A 260 -44.26 36.18 -12.76
C ARG A 260 -43.83 35.81 -11.34
N LEU A 261 -43.47 34.53 -11.13
CA LEU A 261 -43.00 34.09 -9.82
C LEU A 261 -41.80 34.93 -9.38
N TRP A 262 -40.89 35.24 -10.30
CA TRP A 262 -39.65 35.92 -9.97
C TRP A 262 -39.78 37.44 -10.03
N ARG A 263 -40.65 37.95 -10.90
CA ARG A 263 -40.96 39.38 -10.85
C ARG A 263 -41.54 39.77 -9.50
N GLU A 264 -42.43 38.95 -8.96
CA GLU A 264 -43.08 39.26 -7.69
C GLU A 264 -42.22 38.87 -6.49
N PHE A 265 -41.29 37.93 -6.66
CA PHE A 265 -40.34 37.63 -5.59
C PHE A 265 -39.39 38.81 -5.36
N TYR A 266 -38.76 39.29 -6.43
CA TYR A 266 -37.86 40.43 -6.35
C TYR A 266 -38.60 41.77 -6.34
N ALA A 267 -39.92 41.75 -6.48
CA ALA A 267 -40.75 42.97 -6.44
C ALA A 267 -40.29 43.98 -7.49
N THR A 268 -39.99 43.50 -8.69
CA THR A 268 -39.57 44.37 -9.78
C THR A 268 -39.87 43.69 -11.11
N ARG A 269 -39.94 44.51 -12.15
CA ARG A 269 -40.15 44.02 -13.50
C ARG A 269 -38.94 43.25 -13.99
N ASP A 270 -39.18 42.34 -14.94
CA ASP A 270 -38.11 41.78 -15.74
C ASP A 270 -38.01 42.58 -17.04
N LEU A 271 -37.01 42.25 -17.86
CA LEU A 271 -36.66 43.12 -18.97
C LEU A 271 -36.48 42.32 -20.25
N ILE A 272 -36.99 42.86 -21.35
CA ILE A 272 -36.76 42.32 -22.68
C ILE A 272 -35.44 42.88 -23.20
N HIS A 273 -34.69 42.06 -23.94
CA HIS A 273 -33.45 42.51 -24.56
C HIS A 273 -33.68 43.76 -25.38
N GLY A 274 -32.84 44.77 -25.16
CA GLY A 274 -32.98 46.07 -25.79
C GLY A 274 -33.53 47.14 -24.87
N GLN A 275 -34.40 46.76 -23.93
CA GLN A 275 -34.95 47.73 -22.98
C GLN A 275 -33.92 48.17 -21.95
N ALA A 276 -32.89 47.36 -21.70
CA ALA A 276 -31.91 47.62 -20.66
C ALA A 276 -30.59 48.06 -21.31
N VAL A 277 -30.28 49.34 -21.18
CA VAL A 277 -29.01 49.90 -21.62
C VAL A 277 -28.21 50.26 -20.37
N ILE A 278 -26.89 50.04 -20.44
CA ILE A 278 -26.04 50.14 -19.27
C ILE A 278 -25.99 51.59 -18.80
N ASP A 279 -26.49 51.84 -17.58
CA ASP A 279 -26.37 53.14 -16.93
C ASP A 279 -25.50 53.09 -15.69
N ASN A 280 -24.92 51.93 -15.38
CA ASN A 280 -24.00 51.72 -14.26
C ASN A 280 -24.62 52.06 -12.90
N GLN A 281 -25.96 52.02 -12.80
CA GLN A 281 -26.62 52.03 -11.50
C GLN A 281 -27.48 50.79 -11.31
N ARG A 282 -28.47 50.55 -12.18
CA ARG A 282 -29.17 49.27 -12.20
C ARG A 282 -28.61 48.32 -13.25
N PHE A 283 -28.15 48.85 -14.38
CA PHE A 283 -27.62 48.03 -15.48
C PHE A 283 -26.12 48.21 -15.55
N GLY A 284 -25.38 47.12 -15.38
CA GLY A 284 -23.94 47.13 -15.49
C GLY A 284 -23.45 46.11 -16.50
N PRO A 285 -22.14 46.08 -16.72
CA PRO A 285 -21.57 45.09 -17.65
C PRO A 285 -21.47 43.71 -17.03
N SER A 286 -21.51 42.71 -17.90
CA SER A 286 -21.26 41.31 -17.57
C SER A 286 -20.06 40.84 -18.38
N LYS A 287 -19.74 39.56 -18.25
CA LYS A 287 -18.61 39.04 -18.99
C LYS A 287 -18.91 38.93 -20.48
N ASN A 288 -20.16 38.69 -20.86
CA ASN A 288 -20.52 38.73 -22.28
C ASN A 288 -20.77 40.18 -22.68
N LYS A 289 -20.07 40.63 -23.73
CA LYS A 289 -20.12 42.03 -24.10
C LYS A 289 -21.47 42.46 -24.63
N MET A 290 -22.29 41.53 -25.12
CA MET A 290 -23.60 41.85 -25.67
C MET A 290 -24.73 41.59 -24.68
N ASP A 291 -24.41 41.31 -23.41
CA ASP A 291 -25.40 41.13 -22.37
C ASP A 291 -25.40 42.34 -21.44
N VAL A 292 -26.34 42.35 -20.51
CA VAL A 292 -26.48 43.42 -19.53
C VAL A 292 -26.71 42.80 -18.16
N PHE A 293 -26.03 43.32 -17.15
CA PHE A 293 -26.11 42.83 -15.78
C PHE A 293 -27.10 43.67 -14.99
N ASP A 294 -28.07 43.01 -14.36
CA ASP A 294 -29.07 43.69 -13.55
C ASP A 294 -28.51 43.87 -12.14
N ASN A 295 -27.99 45.06 -11.86
CA ASN A 295 -27.41 45.33 -10.55
C ASN A 295 -28.46 45.39 -9.45
N LEU A 296 -29.71 45.70 -9.79
CA LEU A 296 -30.75 45.78 -8.77
C LEU A 296 -31.17 44.40 -8.30
N VAL A 297 -31.45 43.48 -9.25
CA VAL A 297 -31.84 42.13 -8.87
C VAL A 297 -30.71 41.42 -8.15
N MET A 298 -29.46 41.73 -8.50
CA MET A 298 -28.33 41.17 -7.76
C MET A 298 -28.30 41.68 -6.33
N LYS A 299 -28.63 42.95 -6.13
CA LYS A 299 -28.70 43.49 -4.78
C LYS A 299 -29.81 42.83 -3.97
N ARG A 300 -30.97 42.65 -4.58
CA ARG A 300 -32.11 42.08 -3.86
C ARG A 300 -31.89 40.61 -3.55
N ARG A 301 -31.17 39.88 -4.41
CA ARG A 301 -30.84 38.50 -4.10
C ARG A 301 -29.87 38.42 -2.93
N TYR A 302 -28.83 39.27 -2.93
CA TYR A 302 -27.92 39.31 -1.80
C TYR A 302 -28.60 39.83 -0.54
N ALA A 303 -29.56 40.73 -0.69
CA ALA A 303 -30.29 41.25 0.47
C ALA A 303 -31.01 40.13 1.20
N ILE A 304 -31.64 39.22 0.46
CA ILE A 304 -32.34 38.09 1.07
C ILE A 304 -31.36 37.23 1.86
N SER A 305 -30.20 36.93 1.25
CA SER A 305 -29.22 36.09 1.91
C SER A 305 -28.65 36.75 3.16
N PHE A 306 -28.46 38.08 3.11
CA PHE A 306 -27.86 38.77 4.24
C PHE A 306 -28.83 38.86 5.42
N ASP A 307 -30.12 39.04 5.14
CA ASP A 307 -31.11 38.97 6.20
C ASP A 307 -31.07 37.63 6.92
N MET A 308 -30.92 36.55 6.15
CA MET A 308 -30.82 35.22 6.76
C MET A 308 -29.58 35.12 7.62
N LEU A 309 -28.45 35.66 7.16
CA LEU A 309 -27.21 35.55 7.93
C LEU A 309 -27.29 36.34 9.23
N LEU A 310 -27.79 37.58 9.16
CA LEU A 310 -27.80 38.43 10.34
C LEU A 310 -28.87 37.99 11.33
N LEU A 311 -30.06 37.65 10.85
CA LEU A 311 -31.12 37.20 11.76
C LEU A 311 -30.81 35.85 12.37
N GLU A 312 -30.13 34.97 11.64
CA GLU A 312 -29.77 33.66 12.20
C GLU A 312 -28.67 33.79 13.24
N ALA A 313 -27.64 34.59 12.96
CA ALA A 313 -26.62 34.83 13.96
C ALA A 313 -27.19 35.54 15.19
N GLU A 314 -28.22 36.37 15.00
CA GLU A 314 -28.73 37.13 16.14
C GLU A 314 -29.54 36.20 17.04
N ALA A 315 -30.19 35.21 16.45
CA ALA A 315 -30.94 34.21 17.21
C ALA A 315 -30.02 33.25 17.96
N ARG A 316 -28.94 32.80 17.31
CA ARG A 316 -28.01 31.90 17.98
C ARG A 316 -27.33 32.57 19.15
N ALA A 317 -26.86 33.80 18.94
CA ALA A 317 -26.19 34.54 20.02
C ALA A 317 -27.16 34.90 21.14
N LYS A 318 -28.44 35.11 20.81
CA LYS A 318 -29.43 35.43 21.82
C LYS A 318 -29.70 34.24 22.74
N ARG A 319 -29.65 33.02 22.18
CA ARG A 319 -29.97 31.84 22.97
C ARG A 319 -28.89 31.55 24.00
N VAL A 320 -27.63 31.85 23.70
CA VAL A 320 -26.54 31.61 24.63
C VAL A 320 -26.14 32.88 25.38
N LYS A 321 -26.89 33.96 25.22
CA LYS A 321 -26.62 35.25 25.86
C LYS A 321 -25.18 35.70 25.60
N LYS A 322 -24.86 35.80 24.31
CA LYS A 322 -23.57 36.31 23.87
C LYS A 322 -23.79 37.23 22.67
N LEU A 323 -22.71 37.85 22.21
CA LEU A 323 -22.73 38.65 21.01
C LEU A 323 -22.15 37.84 19.86
N ALA A 324 -22.73 37.99 18.68
CA ALA A 324 -22.32 37.20 17.53
C ALA A 324 -21.10 37.81 16.85
N TYR A 325 -20.15 36.95 16.50
CA TYR A 325 -18.98 37.32 15.70
C TYR A 325 -19.16 36.59 14.37
N ILE A 326 -19.66 37.30 13.36
CA ILE A 326 -20.02 36.69 12.09
C ILE A 326 -18.81 36.72 11.16
N HIS A 327 -18.28 35.55 10.84
CA HIS A 327 -17.25 35.40 9.82
C HIS A 327 -17.94 35.35 8.46
N VAL A 328 -17.87 36.44 7.70
CA VAL A 328 -18.60 36.59 6.45
C VAL A 328 -17.67 36.27 5.29
N VAL A 329 -18.08 35.34 4.45
CA VAL A 329 -17.36 35.02 3.22
C VAL A 329 -18.16 35.55 2.04
N GLY A 330 -17.47 35.79 0.95
CA GLY A 330 -18.11 36.26 -0.26
C GLY A 330 -18.70 35.13 -1.09
N PHE A 331 -19.83 34.58 -0.64
CA PHE A 331 -20.46 33.50 -1.39
C PHE A 331 -20.97 34.02 -2.73
N GLY A 332 -20.64 33.30 -3.79
CA GLY A 332 -20.89 33.75 -5.14
C GLY A 332 -19.78 34.58 -5.75
N LEU A 333 -18.81 35.02 -4.94
CA LEU A 333 -17.72 35.85 -5.42
C LEU A 333 -16.45 35.05 -5.70
N GLY A 334 -16.45 33.75 -5.44
CA GLY A 334 -15.30 32.93 -5.72
C GLY A 334 -15.31 32.40 -7.14
N VAL A 335 -15.49 31.08 -7.29
CA VAL A 335 -15.56 30.48 -8.62
C VAL A 335 -16.83 30.84 -9.35
N TRP A 336 -17.80 31.45 -8.68
CA TRP A 336 -19.08 31.79 -9.27
C TRP A 336 -19.20 33.26 -9.66
N LYS A 337 -18.15 34.05 -9.47
CA LYS A 337 -18.24 35.47 -9.78
C LYS A 337 -18.43 35.66 -11.29
N ALA A 338 -19.29 36.61 -11.65
CA ALA A 338 -19.62 36.85 -13.04
C ALA A 338 -19.53 38.31 -13.46
N ALA A 339 -19.65 39.26 -12.54
CA ALA A 339 -19.49 40.68 -12.84
C ALA A 339 -18.45 41.26 -11.89
N GLU A 340 -17.68 42.22 -12.40
CA GLU A 340 -16.64 42.85 -11.59
C GLU A 340 -17.21 43.71 -10.48
N GLN A 341 -18.48 44.11 -10.58
CA GLN A 341 -19.12 44.97 -9.59
C GLN A 341 -19.92 44.20 -8.56
N GLN A 342 -19.83 42.86 -8.56
CA GLN A 342 -20.59 42.06 -7.61
C GLN A 342 -20.14 42.34 -6.17
N GLU A 343 -18.83 42.44 -5.96
CA GLU A 343 -18.32 42.60 -4.59
C GLU A 343 -18.74 43.94 -4.01
N ARG A 344 -18.77 44.99 -4.83
CA ARG A 344 -19.27 46.28 -4.36
C ARG A 344 -20.74 46.20 -4.00
N ILE A 345 -21.55 45.56 -4.84
CA ILE A 345 -22.96 45.34 -4.52
C ILE A 345 -23.10 44.50 -3.26
N PHE A 346 -22.22 43.50 -3.11
CA PHE A 346 -22.23 42.64 -1.92
C PHE A 346 -22.16 43.46 -0.64
N MET A 347 -21.11 44.27 -0.50
CA MET A 347 -20.87 44.98 0.75
C MET A 347 -21.80 46.17 0.92
N GLU A 348 -22.18 46.83 -0.18
CA GLU A 348 -23.19 47.89 -0.08
C GLU A 348 -24.50 47.35 0.47
N THR A 349 -24.94 46.20 -0.06
CA THR A 349 -26.18 45.60 0.40
C THR A 349 -26.08 45.07 1.82
N PHE A 350 -24.89 44.58 2.22
CA PHE A 350 -24.72 44.09 3.58
C PHE A 350 -24.89 45.23 4.59
N GLU A 351 -24.19 46.34 4.38
CA GLU A 351 -24.33 47.48 5.28
C GLU A 351 -25.75 48.02 5.26
N GLN A 352 -26.41 48.00 4.10
CA GLN A 352 -27.80 48.46 4.02
C GLN A 352 -28.71 47.63 4.91
N ARG A 353 -28.58 46.30 4.82
CA ARG A 353 -29.42 45.43 5.64
C ARG A 353 -29.06 45.52 7.11
N MET A 354 -27.80 45.83 7.43
CA MET A 354 -27.41 46.00 8.83
C MET A 354 -28.10 47.22 9.43
N ARG A 355 -28.19 48.32 8.67
CA ARG A 355 -28.85 49.52 9.16
C ARG A 355 -30.36 49.37 9.14
N THR A 356 -30.89 48.69 8.12
CA THR A 356 -32.34 48.53 8.01
C THR A 356 -32.89 47.64 9.13
N LEU A 357 -32.22 46.52 9.40
CA LEU A 357 -32.63 45.66 10.51
C LEU A 357 -32.46 46.38 11.85
N GLY A 358 -31.34 47.08 12.03
CA GLY A 358 -31.13 47.93 13.19
C GLY A 358 -31.17 47.21 14.52
N ASN A 359 -32.09 47.64 15.39
CA ASN A 359 -32.19 47.08 16.74
C ASN A 359 -32.56 45.61 16.74
N ARG A 360 -33.01 45.07 15.61
CA ARG A 360 -33.19 43.62 15.48
C ARG A 360 -31.86 42.88 15.51
N LEU A 361 -30.74 43.59 15.54
CA LEU A 361 -29.40 43.00 15.58
C LEU A 361 -28.69 43.36 16.88
N ASN A 362 -29.45 43.55 17.97
CA ASN A 362 -28.86 43.97 19.23
C ASN A 362 -27.89 42.95 19.80
N ASN A 363 -27.94 41.70 19.34
CA ASN A 363 -27.04 40.66 19.82
C ASN A 363 -25.96 40.31 18.81
N VAL A 364 -25.84 41.08 17.73
CA VAL A 364 -24.72 40.94 16.80
C VAL A 364 -23.64 41.93 17.21
N GLY A 365 -22.43 41.41 17.41
CA GLY A 365 -21.34 42.24 17.89
C GLY A 365 -20.38 42.71 16.81
N LEU A 366 -19.97 41.80 15.93
CA LEU A 366 -18.96 42.10 14.94
C LEU A 366 -19.26 41.36 13.65
N VAL A 367 -18.99 42.02 12.53
CA VAL A 367 -19.07 41.41 11.20
C VAL A 367 -17.67 41.44 10.60
N HIS A 368 -17.14 40.25 10.29
CA HIS A 368 -15.78 40.10 9.78
C HIS A 368 -15.85 39.65 8.32
N PHE A 369 -15.56 40.57 7.41
CA PHE A 369 -15.49 40.25 5.98
C PHE A 369 -14.11 39.68 5.69
N SER A 370 -14.04 38.39 5.37
CA SER A 370 -12.78 37.70 5.16
C SER A 370 -12.60 37.35 3.69
N TRP A 371 -11.38 37.55 3.18
CA TRP A 371 -11.02 37.26 1.80
C TRP A 371 -11.88 38.08 0.82
N PHE A 372 -11.93 39.38 1.05
CA PHE A 372 -12.52 40.34 0.14
C PHE A 372 -11.44 41.23 -0.43
N SER A 373 -11.57 41.59 -1.71
CA SER A 373 -10.56 42.40 -2.36
C SER A 373 -10.74 43.89 -2.09
N ILE A 374 -11.97 44.33 -1.84
CA ILE A 374 -12.24 45.73 -1.51
C ILE A 374 -12.03 45.94 -0.03
N THR A 375 -11.24 46.97 0.31
CA THR A 375 -10.86 47.21 1.71
C THR A 375 -11.73 48.25 2.40
N HIS A 376 -12.49 49.04 1.65
CA HIS A 376 -13.39 50.03 2.26
C HIS A 376 -14.60 50.21 1.34
N CYS A 377 -15.79 50.21 1.93
CA CYS A 377 -17.03 50.37 1.17
C CYS A 377 -18.01 51.13 2.05
N GLY A 378 -18.09 52.44 1.86
CA GLY A 378 -18.99 53.25 2.66
C GLY A 378 -18.61 53.19 4.12
N GLY A 379 -19.57 52.83 4.97
CA GLY A 379 -19.30 52.66 6.39
C GLY A 379 -18.49 51.43 6.73
N LEU A 380 -18.27 50.53 5.77
CA LEU A 380 -17.54 49.29 6.01
C LEU A 380 -16.05 49.52 5.80
N SER A 381 -15.27 49.38 6.87
CA SER A 381 -13.83 49.40 6.80
C SER A 381 -13.30 48.71 8.04
N ASN A 382 -12.04 48.26 7.97
CA ASN A 382 -11.44 47.57 9.09
C ASN A 382 -11.44 48.45 10.33
N GLY A 383 -12.12 47.99 11.38
CA GLY A 383 -12.23 48.73 12.62
C GLY A 383 -13.35 49.75 12.66
N SER A 384 -14.19 49.83 11.63
CA SER A 384 -15.28 50.79 11.61
C SER A 384 -16.42 50.32 12.51
N LEU A 385 -17.43 51.19 12.66
CA LEU A 385 -18.58 50.91 13.51
C LEU A 385 -19.84 51.33 12.78
N ILE A 386 -20.73 50.38 12.55
CA ILE A 386 -22.05 50.68 11.97
C ILE A 386 -22.93 51.14 13.12
N GLU A 387 -23.15 52.45 13.23
CA GLU A 387 -23.89 53.02 14.35
C GLU A 387 -25.35 52.58 14.29
N ILE A 388 -25.83 51.96 15.37
CA ILE A 388 -27.23 51.61 15.51
C ILE A 388 -27.72 52.19 16.84
N PRO A 389 -28.65 53.14 16.83
CA PRO A 389 -29.15 53.69 18.10
C PRO A 389 -29.88 52.63 18.90
N GLY A 390 -29.55 52.53 20.18
CA GLY A 390 -30.13 51.53 21.05
C GLY A 390 -29.35 50.24 21.15
N HIS A 391 -28.28 50.08 20.38
CA HIS A 391 -27.48 48.87 20.46
C HIS A 391 -26.69 48.86 21.77
N PRO A 392 -26.57 47.69 22.42
CA PRO A 392 -25.82 47.64 23.69
C PRO A 392 -24.40 48.15 23.57
N LYS A 393 -23.68 47.76 22.52
CA LYS A 393 -22.34 48.27 22.25
C LYS A 393 -22.34 49.41 21.24
N ASP A 394 -23.47 50.12 21.10
CA ASP A 394 -23.62 51.30 20.26
C ASP A 394 -23.57 50.98 18.77
N GLY A 395 -23.29 49.73 18.41
CA GLY A 395 -23.26 49.36 17.00
C GLY A 395 -22.53 48.04 16.81
N ILE A 396 -22.12 47.81 15.56
CA ILE A 396 -21.46 46.58 15.15
C ILE A 396 -20.10 46.93 14.56
N ARG A 397 -19.05 46.39 15.17
CA ARG A 397 -17.70 46.46 14.62
C ARG A 397 -17.65 45.81 13.24
N VAL A 398 -16.81 46.37 12.36
CA VAL A 398 -16.51 45.76 11.06
C VAL A 398 -15.03 45.46 11.01
N LEU A 399 -14.68 44.26 10.57
CA LEU A 399 -13.30 43.87 10.33
C LEU A 399 -13.19 43.33 8.91
N ILE A 400 -12.20 43.81 8.17
CA ILE A 400 -11.99 43.42 6.78
C ILE A 400 -10.54 42.95 6.65
N SER A 401 -10.33 41.64 6.66
CA SER A 401 -9.00 41.06 6.54
C SER A 401 -9.16 39.56 6.32
N LYS A 402 -8.12 38.95 5.77
CA LYS A 402 -8.10 37.49 5.63
C LYS A 402 -7.99 36.84 7.00
N ARG A 403 -8.90 35.92 7.28
CA ARG A 403 -8.94 35.27 8.59
C ARG A 403 -9.40 33.83 8.42
N ASN A 404 -8.78 32.93 9.17
CA ASN A 404 -9.25 31.56 9.21
C ASN A 404 -10.63 31.51 9.86
N PRO A 405 -11.57 30.73 9.32
CA PRO A 405 -12.93 30.72 9.86
C PRO A 405 -13.00 30.42 11.35
N ALA A 406 -12.25 29.42 11.83
CA ALA A 406 -12.30 29.00 13.21
C ALA A 406 -11.08 29.45 14.01
N ARG A 407 -10.40 30.51 13.57
CA ARG A 407 -9.34 31.10 14.37
C ARG A 407 -9.91 31.55 15.71
N LYS A 408 -9.21 31.19 16.79
CA LYS A 408 -9.72 31.44 18.13
C LYS A 408 -9.92 32.94 18.35
N LEU A 409 -11.05 33.28 18.96
CA LEU A 409 -11.34 34.67 19.34
C LEU A 409 -10.65 34.94 20.68
N SER A 410 -9.33 35.09 20.60
CA SER A 410 -8.50 35.27 21.79
C SER A 410 -8.36 36.72 22.21
N ASP A 411 -8.59 37.67 21.30
CA ASP A 411 -8.45 39.07 21.65
C ASP A 411 -9.45 39.46 22.73
N PRO A 412 -9.06 40.30 23.69
CA PRO A 412 -10.03 40.74 24.71
C PRO A 412 -11.18 41.54 24.12
N GLU A 413 -11.00 42.15 22.95
CA GLU A 413 -12.08 42.87 22.30
C GLU A 413 -13.21 41.93 21.89
N HIS A 414 -12.88 40.68 21.56
CA HIS A 414 -13.85 39.69 21.12
C HIS A 414 -14.03 38.55 22.11
N ALA A 415 -13.47 38.67 23.32
CA ALA A 415 -13.45 37.58 24.27
C ALA A 415 -14.87 37.14 24.64
N GLY A 416 -15.17 35.86 24.46
CA GLY A 416 -16.43 35.30 24.86
C GLY A 416 -17.58 35.49 23.89
N MET A 417 -17.32 35.96 22.68
CA MET A 417 -18.39 36.10 21.70
C MET A 417 -18.68 34.77 21.03
N LEU A 418 -19.87 34.69 20.41
CA LEU A 418 -20.28 33.49 19.69
C LEU A 418 -19.83 33.61 18.25
N LEU A 419 -18.94 32.71 17.83
CA LEU A 419 -18.44 32.71 16.47
C LEU A 419 -19.46 32.08 15.53
N VAL A 420 -19.98 32.88 14.61
CA VAL A 420 -20.92 32.41 13.59
C VAL A 420 -20.18 32.45 12.25
N VAL A 421 -20.07 31.29 11.60
CA VAL A 421 -19.30 31.14 10.38
C VAL A 421 -20.25 30.90 9.23
N SER A 422 -20.12 31.70 8.18
CA SER A 422 -20.79 31.46 6.91
C SER A 422 -19.84 30.76 5.95
N TYR A 423 -20.40 29.96 5.06
CA TYR A 423 -19.57 29.29 4.05
C TYR A 423 -20.37 29.15 2.77
N ALA A 424 -19.65 29.18 1.65
CA ALA A 424 -20.26 29.15 0.32
C ALA A 424 -20.71 27.74 -0.02
N TRP A 425 -22.01 27.55 -0.21
CA TRP A 425 -22.62 26.25 -0.43
C TRP A 425 -23.16 26.16 -1.85
N ASP A 426 -23.91 25.09 -2.11
CA ASP A 426 -24.53 24.82 -3.40
C ASP A 426 -25.95 24.33 -3.16
N GLY A 427 -26.88 24.75 -4.04
CA GLY A 427 -28.26 24.36 -3.88
C GLY A 427 -28.54 22.90 -4.22
N ASN A 428 -27.64 22.26 -4.97
CA ASN A 428 -27.86 20.89 -5.43
C ASN A 428 -26.77 19.95 -4.92
N ALA A 429 -26.25 20.20 -3.73
CA ALA A 429 -25.18 19.36 -3.20
C ALA A 429 -25.31 19.26 -1.69
N LEU A 430 -24.86 18.12 -1.16
CA LEU A 430 -24.72 17.97 0.27
C LEU A 430 -23.59 18.87 0.78
N PRO A 431 -23.55 19.15 2.07
CA PRO A 431 -22.43 19.92 2.63
C PRO A 431 -21.09 19.32 2.23
N GLY A 432 -20.24 20.15 1.62
CA GLY A 432 -18.95 19.75 1.11
C GLY A 432 -18.89 19.64 -0.40
N ASN A 433 -20.00 19.28 -1.03
CA ASN A 433 -20.08 19.16 -2.48
C ASN A 433 -19.04 18.19 -3.01
N GLU A 434 -18.00 18.72 -3.68
CA GLU A 434 -16.91 17.89 -4.18
C GLU A 434 -16.14 17.18 -3.08
N PHE A 435 -16.41 17.53 -1.81
CA PHE A 435 -15.87 16.79 -0.68
C PHE A 435 -16.15 15.29 -0.81
N TRP A 436 -17.31 14.94 -1.38
CA TRP A 436 -17.70 13.55 -1.56
C TRP A 436 -17.04 12.89 -2.76
N MET A 437 -16.30 13.65 -3.57
CA MET A 437 -15.50 13.09 -4.65
C MET A 437 -14.00 13.20 -4.36
N LYS A 438 -13.65 13.21 -3.07
CA LYS A 438 -12.26 13.22 -2.60
C LYS A 438 -11.51 14.49 -3.00
N MET A 439 -12.22 15.53 -3.40
CA MET A 439 -11.62 16.84 -3.65
C MET A 439 -11.88 17.69 -2.41
N LEU A 440 -10.83 17.88 -1.60
CA LEU A 440 -10.97 18.39 -0.25
C LEU A 440 -10.62 19.86 -0.09
N GLN A 441 -9.97 20.47 -1.09
CA GLN A 441 -9.35 21.78 -0.94
C GLN A 441 -9.54 22.65 -2.18
N SER A 442 -10.66 22.50 -2.88
CA SER A 442 -10.89 23.26 -4.10
C SER A 442 -11.82 24.45 -3.92
N THR A 443 -12.76 24.39 -2.98
CA THR A 443 -13.63 25.51 -2.67
C THR A 443 -13.82 25.61 -1.16
N GLY A 444 -14.55 26.63 -0.73
CA GLY A 444 -14.92 26.74 0.67
C GLY A 444 -15.94 25.70 1.10
N ASP A 445 -16.70 25.15 0.15
CA ASP A 445 -17.64 24.09 0.47
C ASP A 445 -16.91 22.84 0.96
N SER A 446 -15.93 22.37 0.18
CA SER A 446 -15.19 21.17 0.57
C SER A 446 -14.29 21.42 1.78
N SER A 447 -13.78 22.65 1.93
CA SER A 447 -12.93 22.95 3.07
C SER A 447 -13.73 23.00 4.37
N THR A 448 -14.99 23.42 4.31
CA THR A 448 -15.82 23.47 5.50
C THR A 448 -16.17 22.07 5.99
N ALA A 449 -16.53 21.17 5.07
CA ALA A 449 -16.85 19.80 5.46
C ALA A 449 -15.63 19.04 5.99
N CYS A 450 -14.43 19.55 5.74
CA CYS A 450 -13.22 18.98 6.31
C CYS A 450 -12.85 19.57 7.66
N SER A 451 -13.54 20.64 8.08
CA SER A 451 -13.19 21.34 9.32
C SER A 451 -14.34 21.44 10.32
N THR A 452 -15.56 21.11 9.92
CA THR A 452 -16.70 21.15 10.84
C THR A 452 -17.43 19.81 10.83
N LEU A 453 -18.63 19.77 11.41
CA LEU A 453 -19.44 18.55 11.45
C LEU A 453 -20.63 18.63 10.49
N VAL A 454 -20.56 19.48 9.47
CA VAL A 454 -21.69 19.66 8.57
C VAL A 454 -21.94 18.40 7.76
N ALA A 455 -20.90 17.60 7.48
CA ALA A 455 -21.08 16.39 6.69
C ALA A 455 -21.99 15.37 7.37
N GLU A 456 -22.23 15.53 8.67
CA GLU A 456 -23.17 14.69 9.41
C GLU A 456 -24.36 15.47 9.96
N LEU A 457 -24.13 16.68 10.48
CA LEU A 457 -25.20 17.42 11.14
C LEU A 457 -26.09 18.14 10.14
N HIS A 458 -25.51 18.65 9.06
CA HIS A 458 -26.28 19.27 7.98
C HIS A 458 -26.64 18.27 6.89
N ASN A 459 -26.56 16.97 7.18
CA ASN A 459 -26.86 15.93 6.21
C ASN A 459 -28.23 15.35 6.50
N PRO A 460 -29.20 15.49 5.59
CA PRO A 460 -30.55 14.97 5.86
C PRO A 460 -30.63 13.44 5.81
N TYR A 461 -29.57 12.75 5.44
CA TYR A 461 -29.52 11.30 5.51
C TYR A 461 -28.97 10.79 6.84
N ILE A 462 -28.22 11.64 7.55
CA ILE A 462 -27.62 11.27 8.83
C ILE A 462 -28.35 11.92 10.00
N ASN A 463 -28.44 13.25 10.01
CA ASN A 463 -29.20 13.99 11.02
C ASN A 463 -30.65 14.12 10.54
N THR A 464 -31.34 12.96 10.54
CA THR A 464 -32.65 12.89 9.92
C THR A 464 -33.73 13.60 10.74
N LYS A 465 -33.54 13.70 12.05
CA LYS A 465 -34.59 14.26 12.90
C LYS A 465 -34.66 15.78 12.78
N PHE A 466 -33.52 16.45 12.78
CA PHE A 466 -33.48 17.90 12.82
C PHE A 466 -33.13 18.56 11.50
N CYS A 467 -32.59 17.80 10.55
CA CYS A 467 -32.33 18.31 9.20
C CYS A 467 -33.34 17.73 8.22
N ASN A 468 -34.60 18.16 8.39
CA ASN A 468 -35.66 17.81 7.45
C ASN A 468 -36.59 19.02 7.34
N GLY A 469 -37.57 18.92 6.43
CA GLY A 469 -38.50 20.02 6.23
C GLY A 469 -39.36 20.29 7.45
N GLY A 470 -39.69 19.25 8.20
CA GLY A 470 -40.47 19.40 9.42
C GLY A 470 -39.80 20.25 10.48
N ASN A 471 -38.51 20.55 10.33
CA ASN A 471 -37.79 21.45 11.21
C ASN A 471 -37.42 22.76 10.51
N LEU A 472 -38.16 23.14 9.48
CA LEU A 472 -37.85 24.37 8.76
C LEU A 472 -38.05 25.57 9.67
N HIS A 473 -37.08 26.47 9.66
CA HIS A 473 -37.16 27.73 10.40
C HIS A 473 -37.24 28.88 9.41
N ILE A 474 -38.03 29.89 9.76
CA ILE A 474 -38.27 31.04 8.89
C ILE A 474 -37.57 32.25 9.48
N ALA A 475 -36.72 32.88 8.67
CA ALA A 475 -36.04 34.12 9.06
C ALA A 475 -36.92 35.29 8.63
N SER A 476 -37.69 35.83 9.57
CA SER A 476 -38.54 36.98 9.31
C SER A 476 -37.97 38.21 9.99
N PRO A 477 -37.72 39.31 9.27
CA PRO A 477 -37.24 40.52 9.95
C PRO A 477 -38.19 41.01 11.02
N GLU A 478 -39.49 40.80 10.85
CA GLU A 478 -40.47 41.24 11.84
C GLU A 478 -40.48 40.32 13.06
N HIS A 479 -40.58 39.02 12.83
CA HIS A 479 -40.78 38.05 13.91
C HIS A 479 -39.50 37.32 14.30
N GLY A 480 -38.36 37.69 13.73
CA GLY A 480 -37.12 37.02 14.06
C GLY A 480 -36.99 35.68 13.34
N VAL A 481 -36.27 34.76 13.98
CA VAL A 481 -36.11 33.40 13.48
C VAL A 481 -37.01 32.49 14.29
N LEU A 482 -38.00 31.90 13.63
CA LEU A 482 -38.98 31.04 14.28
C LEU A 482 -39.11 29.74 13.52
N HIS A 483 -39.52 28.69 14.24
CA HIS A 483 -39.92 27.45 13.58
C HIS A 483 -41.13 27.71 12.68
N ILE A 484 -41.24 26.91 11.63
CA ILE A 484 -42.30 27.12 10.63
C ILE A 484 -43.68 27.09 11.28
N ALA A 485 -43.85 26.30 12.34
CA ALA A 485 -45.15 26.22 13.00
C ALA A 485 -45.49 27.54 13.70
N GLU A 486 -44.51 28.16 14.36
CA GLU A 486 -44.78 29.41 15.06
C GLU A 486 -44.93 30.57 14.08
N TYR A 487 -44.14 30.59 13.00
CA TYR A 487 -44.32 31.63 12.00
C TYR A 487 -45.70 31.53 11.36
N ALA A 488 -46.17 30.30 11.11
CA ALA A 488 -47.49 30.14 10.53
C ALA A 488 -48.58 30.57 11.50
N LYS A 489 -48.43 30.26 12.79
CA LYS A 489 -49.42 30.66 13.77
C LYS A 489 -49.49 32.18 13.91
N ARG A 490 -48.38 32.88 13.67
CA ARG A 490 -48.30 34.30 13.95
C ARG A 490 -48.49 35.19 12.73
N VAL A 491 -48.63 34.62 11.53
CA VAL A 491 -48.94 35.42 10.35
C VAL A 491 -50.32 35.08 9.80
N ILE A 492 -50.89 33.93 10.13
CA ILE A 492 -52.24 33.56 9.71
C ILE A 492 -53.27 34.24 10.61
N SER B 5 6.24 -6.17 -24.59
CA SER B 5 6.30 -7.48 -25.22
C SER B 5 5.63 -8.55 -24.37
N TRP B 6 5.31 -8.21 -23.12
CA TRP B 6 4.62 -9.23 -22.33
C TRP B 6 3.12 -9.16 -22.58
N PRO B 7 2.45 -10.32 -22.76
CA PRO B 7 3.08 -11.65 -22.73
C PRO B 7 3.68 -12.04 -24.08
N ALA B 8 4.71 -12.88 -24.04
CA ALA B 8 5.37 -13.31 -25.26
C ALA B 8 4.43 -14.13 -26.12
N VAL B 9 4.66 -14.09 -27.43
CA VAL B 9 3.76 -14.76 -28.36
C VAL B 9 3.98 -16.27 -28.36
N THR B 10 5.21 -16.73 -28.16
CA THR B 10 5.53 -18.14 -28.14
C THR B 10 6.40 -18.45 -26.93
N GLY B 11 5.96 -19.42 -26.12
CA GLY B 11 6.71 -19.82 -24.95
C GLY B 11 5.98 -19.53 -23.65
N PRO B 14 1.25 -21.99 -20.91
CA PRO B 14 1.38 -23.45 -20.93
C PRO B 14 1.65 -24.04 -19.53
N HIS B 15 2.51 -25.06 -19.44
CA HIS B 15 2.47 -26.11 -18.42
C HIS B 15 1.22 -26.11 -17.54
N LEU B 16 0.30 -27.00 -17.83
CA LEU B 16 -0.82 -27.28 -16.95
C LEU B 16 -0.44 -28.37 -15.95
N THR B 17 -1.24 -28.47 -14.89
CA THR B 17 -1.11 -29.58 -13.94
C THR B 17 -1.91 -30.78 -14.44
N ASN B 18 -1.80 -31.90 -13.72
CA ASN B 18 -2.60 -33.07 -14.07
C ASN B 18 -4.09 -32.78 -13.96
N PHE B 19 -4.46 -31.91 -13.01
CA PHE B 19 -5.84 -31.46 -12.91
C PHE B 19 -6.22 -30.62 -14.13
N GLY B 20 -5.43 -29.58 -14.41
CA GLY B 20 -5.73 -28.71 -15.53
C GLY B 20 -5.64 -29.40 -16.87
N ARG B 21 -4.72 -30.35 -17.00
CA ARG B 21 -4.59 -31.10 -18.25
C ARG B 21 -5.86 -31.90 -18.53
N LYS B 22 -6.40 -32.58 -17.53
CA LYS B 22 -7.60 -33.39 -17.72
C LYS B 22 -8.79 -32.52 -18.12
N LEU B 23 -8.91 -31.34 -17.51
CA LEU B 23 -10.02 -30.45 -17.85
C LEU B 23 -9.90 -29.95 -19.29
N LEU B 24 -8.72 -29.49 -19.67
CA LEU B 24 -8.51 -29.10 -21.06
C LEU B 24 -8.63 -30.28 -22.00
N LYS B 25 -8.13 -31.44 -21.56
CA LYS B 25 -8.27 -32.67 -22.35
C LYS B 25 -9.74 -33.00 -22.59
N ASP B 26 -10.59 -32.75 -21.60
CA ASP B 26 -12.01 -33.02 -21.72
C ASP B 26 -12.72 -32.03 -22.64
N CYS B 27 -12.07 -30.92 -23.00
CA CYS B 27 -12.68 -29.98 -23.93
C CYS B 27 -12.63 -30.46 -25.38
N ARG B 28 -11.82 -31.48 -25.67
CA ARG B 28 -11.66 -31.95 -27.04
C ARG B 28 -12.93 -32.60 -27.58
N GLN B 29 -13.82 -33.05 -26.71
CA GLN B 29 -15.10 -33.60 -27.14
C GLN B 29 -16.21 -32.57 -27.18
N VAL B 30 -15.97 -31.34 -26.70
CA VAL B 30 -16.96 -30.29 -26.86
C VAL B 30 -17.06 -29.93 -28.33
N GLN B 31 -18.28 -29.83 -28.82
CA GLN B 31 -18.60 -29.65 -30.23
C GLN B 31 -19.12 -28.26 -30.52
N LYS B 32 -18.50 -27.62 -31.50
CA LYS B 32 -18.81 -26.26 -31.89
C LYS B 32 -20.23 -26.19 -32.45
N PRO B 33 -21.10 -25.38 -31.89
CA PRO B 33 -22.46 -25.27 -32.43
C PRO B 33 -22.44 -24.69 -33.83
N ILE B 34 -23.27 -25.27 -34.70
CA ILE B 34 -23.42 -24.80 -36.08
C ILE B 34 -24.84 -24.25 -36.24
N GLY B 35 -24.94 -23.07 -36.82
CA GLY B 35 -26.22 -22.45 -37.10
C GLY B 35 -26.62 -22.61 -38.55
N GLY B 36 -27.93 -22.58 -38.79
CA GLY B 36 -28.46 -22.59 -40.13
C GLY B 36 -29.29 -21.35 -40.41
N TYR B 37 -30.55 -21.55 -40.75
CA TYR B 37 -31.47 -20.44 -40.94
C TYR B 37 -32.46 -20.29 -39.79
N GLU B 38 -32.52 -21.27 -38.88
CA GLU B 38 -33.43 -21.23 -37.74
C GLU B 38 -32.78 -20.65 -36.49
N ASN B 39 -31.71 -19.86 -36.63
CA ASN B 39 -31.08 -19.26 -35.47
C ASN B 39 -31.98 -18.21 -34.83
N LEU B 40 -32.76 -17.49 -35.64
CA LEU B 40 -33.60 -16.41 -35.12
C LEU B 40 -34.76 -16.94 -34.27
N GLY B 41 -35.26 -18.13 -34.58
CA GLY B 41 -36.42 -18.65 -33.87
C GLY B 41 -36.20 -18.76 -32.38
N ASN B 42 -35.04 -19.28 -31.98
CA ASN B 42 -34.74 -19.42 -30.56
C ASN B 42 -34.54 -18.06 -29.90
N VAL B 43 -33.87 -17.14 -30.58
CA VAL B 43 -33.59 -15.83 -30.01
C VAL B 43 -34.89 -15.03 -29.83
N ILE B 44 -35.72 -15.02 -30.88
CA ILE B 44 -36.99 -14.29 -30.79
C ILE B 44 -37.87 -14.85 -29.67
N LYS B 45 -37.91 -16.18 -29.55
CA LYS B 45 -38.78 -16.80 -28.56
C LYS B 45 -38.28 -16.57 -27.15
N LEU B 46 -36.98 -16.74 -26.92
CA LEU B 46 -36.42 -16.55 -25.59
C LEU B 46 -36.31 -15.08 -25.21
N SER B 47 -36.28 -14.18 -26.19
CA SER B 47 -36.27 -12.75 -25.89
C SER B 47 -37.63 -12.31 -25.33
N ALA B 48 -38.72 -12.81 -25.92
CA ALA B 48 -40.05 -12.47 -25.43
C ALA B 48 -40.33 -13.06 -24.06
N GLU B 49 -39.63 -14.12 -23.69
CA GLU B 49 -39.83 -14.78 -22.40
C GLU B 49 -38.79 -14.38 -21.36
N PHE B 50 -37.95 -13.39 -21.66
CA PHE B 50 -36.97 -12.92 -20.69
C PHE B 50 -37.68 -12.16 -19.59
N PRO B 51 -37.42 -12.48 -18.32
CA PRO B 51 -38.20 -11.88 -17.22
C PRO B 51 -37.92 -10.42 -16.95
N LEU B 52 -37.00 -9.79 -17.69
CA LEU B 52 -36.65 -8.39 -17.48
C LEU B 52 -36.97 -7.57 -18.72
N GLU B 53 -37.53 -6.39 -18.51
CA GLU B 53 -37.81 -5.49 -19.61
C GLU B 53 -36.54 -4.79 -20.07
N PHE B 54 -36.39 -4.65 -21.38
CA PHE B 54 -35.22 -3.97 -21.93
C PHE B 54 -35.30 -2.47 -21.62
N GLY B 55 -34.14 -1.83 -21.57
CA GLY B 55 -34.12 -0.38 -21.45
C GLY B 55 -34.82 0.29 -22.61
N VAL B 56 -34.56 -0.16 -23.83
CA VAL B 56 -35.30 0.25 -25.01
C VAL B 56 -35.59 -0.99 -25.84
N ASN B 57 -36.73 -0.99 -26.51
CA ASN B 57 -37.17 -2.13 -27.31
C ASN B 57 -36.72 -2.03 -28.77
N SER B 58 -36.09 -0.92 -29.16
CA SER B 58 -35.65 -0.76 -30.55
C SER B 58 -34.45 -1.64 -30.89
N VAL B 59 -33.78 -2.22 -29.89
CA VAL B 59 -32.64 -3.10 -30.15
C VAL B 59 -33.04 -4.55 -30.27
N LYS B 60 -34.33 -4.87 -30.14
CA LYS B 60 -34.78 -6.24 -30.23
C LYS B 60 -34.91 -6.67 -31.70
N VAL B 61 -34.93 -7.98 -31.91
CA VAL B 61 -34.89 -8.51 -33.28
C VAL B 61 -36.18 -8.18 -34.02
N TYR B 62 -37.33 -8.30 -33.36
CA TYR B 62 -38.60 -8.10 -34.06
C TYR B 62 -38.83 -6.66 -34.47
N ARG B 63 -38.05 -5.71 -33.95
CA ARG B 63 -38.15 -4.32 -34.38
C ARG B 63 -37.26 -4.01 -35.58
N GLN B 64 -36.39 -4.93 -35.97
CA GLN B 64 -35.51 -4.70 -37.10
C GLN B 64 -36.24 -4.94 -38.42
N SER B 65 -35.69 -4.37 -39.49
CA SER B 65 -36.31 -4.48 -40.80
C SER B 65 -36.28 -5.94 -41.26
N PRO B 66 -37.34 -6.42 -41.91
CA PRO B 66 -37.35 -7.82 -42.37
C PRO B 66 -36.24 -8.13 -43.37
N SER B 67 -35.77 -7.14 -44.11
CA SER B 67 -34.71 -7.37 -45.09
C SER B 67 -33.34 -7.52 -44.44
N ARG B 68 -33.18 -7.10 -43.19
CA ARG B 68 -31.95 -7.31 -42.45
C ARG B 68 -31.97 -8.57 -41.61
N LEU B 69 -33.11 -9.29 -41.58
CA LEU B 69 -33.25 -10.45 -40.70
C LEU B 69 -32.34 -11.59 -41.13
N ALA B 70 -32.15 -11.77 -42.45
CA ALA B 70 -31.27 -12.83 -42.93
C ALA B 70 -29.85 -12.63 -42.42
N ARG B 71 -29.37 -11.38 -42.42
CA ARG B 71 -28.04 -11.10 -41.89
C ARG B 71 -28.01 -11.24 -40.38
N ILE B 72 -29.05 -10.75 -39.69
CA ILE B 72 -29.13 -10.89 -38.24
C ILE B 72 -29.13 -12.36 -37.83
N ASN B 73 -29.80 -13.21 -38.60
CA ASN B 73 -29.72 -14.65 -38.38
C ASN B 73 -28.28 -15.11 -38.32
N GLU B 74 -27.41 -14.46 -39.10
CA GLU B 74 -26.06 -15.00 -39.26
C GLU B 74 -25.24 -14.54 -38.07
N GLU B 75 -25.50 -13.30 -37.64
CA GLU B 75 -24.91 -12.64 -36.47
C GLU B 75 -25.25 -13.35 -35.15
N VAL B 76 -26.43 -13.95 -35.04
CA VAL B 76 -26.73 -14.78 -33.88
C VAL B 76 -25.70 -15.90 -33.77
N ALA B 77 -25.37 -16.52 -34.90
CA ALA B 77 -24.40 -17.60 -34.92
C ALA B 77 -22.96 -17.12 -34.83
N SER B 78 -22.72 -15.82 -34.96
CA SER B 78 -21.36 -15.29 -34.89
C SER B 78 -20.91 -15.00 -33.46
N ALA B 79 -21.79 -15.12 -32.48
CA ALA B 79 -21.46 -14.79 -31.10
C ALA B 79 -20.73 -15.94 -30.42
N TYR B 80 -19.80 -15.59 -29.54
CA TYR B 80 -19.16 -16.56 -28.67
C TYR B 80 -18.47 -15.82 -27.53
N PRO B 81 -18.40 -16.41 -26.34
CA PRO B 81 -17.53 -15.87 -25.30
C PRO B 81 -16.07 -16.11 -25.66
N LEU B 82 -15.20 -15.25 -25.16
CA LEU B 82 -13.81 -15.26 -25.59
C LEU B 82 -12.89 -14.85 -24.45
N ILE B 83 -11.79 -15.60 -24.29
CA ILE B 83 -10.78 -15.30 -23.28
C ILE B 83 -9.40 -15.44 -23.90
N HIS B 84 -8.44 -14.76 -23.29
CA HIS B 84 -7.04 -14.96 -23.65
C HIS B 84 -6.59 -16.35 -23.20
N GLU B 85 -5.62 -16.92 -23.94
CA GLU B 85 -5.15 -18.25 -23.59
C GLU B 85 -4.44 -18.24 -22.24
N ARG B 86 -3.82 -17.13 -21.87
CA ARG B 86 -3.28 -16.99 -20.52
C ARG B 86 -4.40 -17.00 -19.49
N THR B 87 -5.54 -16.38 -19.82
CA THR B 87 -6.71 -16.47 -18.96
C THR B 87 -7.24 -17.89 -18.86
N LEU B 88 -7.10 -18.67 -19.94
CA LEU B 88 -7.52 -20.06 -19.92
C LEU B 88 -6.75 -20.85 -18.86
N GLY B 89 -5.42 -20.74 -18.86
CA GLY B 89 -4.64 -21.39 -17.83
C GLY B 89 -4.96 -20.89 -16.44
N LEU B 90 -5.34 -19.61 -16.32
CA LEU B 90 -5.76 -19.08 -15.03
C LEU B 90 -7.07 -19.73 -14.58
N TYR B 91 -7.99 -19.96 -15.51
CA TYR B 91 -9.25 -20.61 -15.16
C TYR B 91 -9.02 -22.03 -14.66
N LEU B 92 -8.13 -22.77 -15.33
CA LEU B 92 -7.86 -24.14 -14.92
C LEU B 92 -7.18 -24.19 -13.56
N GLN B 93 -6.29 -23.25 -13.28
CA GLN B 93 -5.65 -23.19 -11.97
C GLN B 93 -6.64 -22.75 -10.89
N TYR B 94 -7.59 -21.88 -11.24
CA TYR B 94 -8.59 -21.45 -10.28
C TYR B 94 -9.51 -22.59 -9.87
N LEU B 95 -9.88 -23.44 -10.82
CA LEU B 95 -10.73 -24.59 -10.49
C LEU B 95 -10.01 -25.56 -9.56
N GLU B 96 -8.72 -25.80 -9.81
CA GLU B 96 -7.94 -26.64 -8.90
C GLU B 96 -7.83 -26.02 -7.53
N HIS B 97 -7.67 -24.69 -7.47
CA HIS B 97 -7.56 -24.02 -6.18
C HIS B 97 -8.85 -24.14 -5.38
N LYS B 98 -10.00 -23.89 -6.02
CA LYS B 98 -11.27 -23.95 -5.32
C LYS B 98 -11.62 -25.39 -4.92
N CYS B 99 -11.26 -26.36 -5.76
CA CYS B 99 -11.51 -27.76 -5.41
C CYS B 99 -10.69 -28.19 -4.21
N ARG B 100 -9.53 -27.57 -4.00
CA ARG B 100 -8.64 -27.92 -2.90
C ARG B 100 -8.87 -27.04 -1.67
N TRP B 101 -8.99 -25.73 -1.87
CA TRP B 101 -9.01 -24.76 -0.77
C TRP B 101 -10.37 -24.13 -0.55
N GLY B 102 -11.40 -24.56 -1.27
CA GLY B 102 -12.72 -24.00 -1.07
C GLY B 102 -13.33 -24.43 0.25
N ASN B 103 -14.19 -23.58 0.79
CA ASN B 103 -14.92 -23.91 2.00
C ASN B 103 -16.11 -24.81 1.65
N ALA B 104 -16.93 -25.12 2.66
CA ALA B 104 -18.04 -26.05 2.46
C ALA B 104 -19.08 -25.50 1.49
N VAL B 105 -19.10 -24.18 1.26
CA VAL B 105 -20.08 -23.61 0.34
C VAL B 105 -19.58 -23.72 -1.11
N GLU B 106 -18.29 -23.56 -1.33
CA GLU B 106 -17.76 -23.56 -2.68
C GLU B 106 -17.44 -24.96 -3.19
N LYS B 107 -17.07 -25.87 -2.30
CA LYS B 107 -16.66 -27.21 -2.72
C LYS B 107 -17.70 -27.94 -3.58
N PRO B 108 -19.00 -27.95 -3.26
CA PRO B 108 -19.94 -28.65 -4.15
C PRO B 108 -20.17 -27.95 -5.47
N ILE B 109 -19.85 -26.66 -5.58
CA ILE B 109 -20.10 -25.92 -6.81
C ILE B 109 -18.94 -26.04 -7.79
N TYR B 110 -17.70 -25.97 -7.30
CA TYR B 110 -16.54 -25.98 -8.18
C TYR B 110 -16.02 -27.38 -8.47
N ARG B 111 -16.21 -28.32 -7.55
CA ARG B 111 -15.85 -29.71 -7.84
C ARG B 111 -16.80 -30.26 -8.91
N ASN B 112 -16.22 -30.94 -9.89
CA ASN B 112 -16.90 -31.51 -11.06
C ASN B 112 -17.33 -30.46 -12.07
N LEU B 113 -16.89 -29.22 -11.94
CA LEU B 113 -17.09 -28.23 -13.01
C LEU B 113 -16.11 -28.49 -14.13
N SER B 114 -16.63 -28.64 -15.35
CA SER B 114 -15.79 -28.58 -16.52
C SER B 114 -15.36 -27.13 -16.77
N LEU B 115 -14.31 -26.99 -17.58
CA LEU B 115 -13.89 -25.66 -18.03
C LEU B 115 -15.07 -24.89 -18.61
N CYS B 116 -15.72 -25.46 -19.63
CA CYS B 116 -16.83 -24.76 -20.26
C CYS B 116 -17.98 -24.55 -19.28
N GLY B 117 -18.16 -25.47 -18.33
CA GLY B 117 -19.16 -25.27 -17.29
C GLY B 117 -18.83 -24.10 -16.37
N PHE B 118 -17.54 -23.82 -16.19
CA PHE B 118 -17.16 -22.66 -15.39
C PHE B 118 -17.42 -21.36 -16.14
N VAL B 119 -17.12 -21.33 -17.44
CA VAL B 119 -17.42 -20.16 -18.26
C VAL B 119 -18.92 -19.94 -18.32
N GLN B 120 -19.70 -21.02 -18.43
CA GLN B 120 -21.15 -20.91 -18.45
C GLN B 120 -21.68 -20.37 -17.13
N ARG B 121 -21.07 -20.77 -16.02
CA ARG B 121 -21.42 -20.17 -14.73
C ARG B 121 -21.10 -18.68 -14.72
N LEU B 122 -19.93 -18.30 -15.25
CA LEU B 122 -19.55 -16.90 -15.31
C LEU B 122 -20.50 -16.07 -16.17
N LEU B 123 -21.27 -16.71 -17.04
CA LEU B 123 -22.19 -15.99 -17.93
C LEU B 123 -23.59 -15.87 -17.33
N VAL B 124 -24.18 -16.98 -16.90
CA VAL B 124 -25.58 -17.01 -16.49
C VAL B 124 -25.77 -16.77 -15.00
N LYS B 125 -24.69 -16.63 -14.23
CA LYS B 125 -24.80 -16.27 -12.82
C LYS B 125 -24.42 -14.81 -12.56
N ARG B 126 -24.09 -14.06 -13.61
CA ARG B 126 -23.96 -12.62 -13.46
C ARG B 126 -25.27 -12.01 -13.00
N CYS B 127 -25.18 -10.83 -12.42
CA CYS B 127 -26.37 -10.01 -12.30
C CYS B 127 -26.74 -9.46 -13.67
N ALA B 128 -28.00 -9.04 -13.81
CA ALA B 128 -28.36 -8.25 -14.97
C ALA B 128 -27.72 -6.87 -14.89
N SER B 129 -27.83 -6.23 -13.72
CA SER B 129 -27.23 -4.94 -13.46
C SER B 129 -26.36 -5.05 -12.21
N PHE B 130 -25.19 -4.41 -12.26
CA PHE B 130 -24.25 -4.46 -11.12
C PHE B 130 -23.27 -3.30 -11.35
N PHE B 131 -23.57 -2.15 -10.76
CA PHE B 131 -22.83 -0.93 -11.05
C PHE B 131 -22.73 -0.11 -9.77
N ALA B 132 -22.15 1.10 -9.92
CA ALA B 132 -21.97 2.07 -8.85
C ALA B 132 -20.95 1.60 -7.80
N ARG B 133 -20.34 2.56 -7.11
CA ARG B 133 -19.32 2.29 -6.12
C ARG B 133 -19.86 1.57 -4.89
N ASN B 134 -21.19 1.41 -4.80
CA ASN B 134 -21.85 0.79 -3.65
C ASN B 134 -22.47 -0.56 -3.98
N ASP B 135 -22.29 -1.05 -5.21
CA ASP B 135 -22.74 -2.39 -5.63
C ASP B 135 -24.27 -2.44 -5.77
N LYS B 136 -24.83 -1.44 -6.46
CA LYS B 136 -26.24 -1.50 -6.84
C LYS B 136 -26.45 -2.62 -7.85
N TYR B 137 -27.41 -3.51 -7.59
CA TYR B 137 -27.56 -4.69 -8.40
C TYR B 137 -29.03 -4.98 -8.70
N LEU B 138 -29.26 -5.63 -9.83
CA LEU B 138 -30.55 -6.22 -10.17
C LEU B 138 -30.29 -7.63 -10.68
N LEU B 139 -30.95 -8.62 -10.08
CA LEU B 139 -30.81 -10.00 -10.52
C LEU B 139 -31.78 -10.29 -11.65
N VAL B 140 -31.40 -11.24 -12.51
CA VAL B 140 -32.27 -11.67 -13.60
C VAL B 140 -33.60 -12.17 -13.06
N SER B 141 -33.59 -12.78 -11.88
CA SER B 141 -34.80 -13.29 -11.25
C SER B 141 -35.65 -12.19 -10.60
N GLY B 142 -35.24 -10.93 -10.69
CA GLY B 142 -36.06 -9.80 -10.28
C GLY B 142 -35.59 -9.07 -9.04
N GLU B 143 -34.80 -9.70 -8.18
CA GLU B 143 -34.39 -9.07 -6.94
C GLU B 143 -33.43 -7.91 -7.20
N SER B 144 -33.55 -6.87 -6.38
CA SER B 144 -32.71 -5.69 -6.49
C SER B 144 -32.31 -5.22 -5.10
N GLY B 145 -31.28 -4.39 -5.04
CA GLY B 145 -30.78 -3.88 -3.78
C GLY B 145 -29.38 -3.31 -3.96
N ALA B 146 -28.62 -3.33 -2.87
CA ALA B 146 -27.26 -2.81 -2.87
C ALA B 146 -26.42 -3.59 -1.87
N SER B 147 -25.16 -3.86 -2.26
CA SER B 147 -24.18 -4.53 -1.42
C SER B 147 -24.62 -5.94 -1.01
N GLY B 148 -23.85 -6.58 -0.15
CA GLY B 148 -24.10 -7.95 0.26
C GLY B 148 -23.34 -9.00 -0.52
N PHE B 149 -22.45 -8.59 -1.43
CA PHE B 149 -21.76 -9.52 -2.31
C PHE B 149 -20.45 -10.03 -1.74
N GLU B 150 -19.86 -9.33 -0.77
CA GLU B 150 -18.62 -9.80 -0.17
C GLU B 150 -18.81 -11.11 0.58
N ALA B 151 -20.01 -11.35 1.09
CA ALA B 151 -20.30 -12.57 1.83
C ALA B 151 -20.67 -13.74 0.94
N VAL B 152 -20.82 -13.53 -0.36
CA VAL B 152 -21.16 -14.62 -1.27
C VAL B 152 -20.01 -15.62 -1.32
N GLY B 153 -20.34 -16.89 -1.11
CA GLY B 153 -19.34 -17.94 -1.11
C GLY B 153 -18.76 -18.29 0.24
N THR B 154 -19.22 -17.64 1.30
CA THR B 154 -18.77 -17.92 2.66
C THR B 154 -19.94 -18.49 3.46
N ARG B 155 -19.67 -18.74 4.75
CA ARG B 155 -20.70 -19.33 5.62
C ARG B 155 -21.85 -18.38 5.85
N GLU B 156 -21.60 -17.08 5.91
CA GLU B 156 -22.60 -16.08 6.22
C GLU B 156 -23.28 -15.51 4.97
N GLU B 157 -23.24 -16.21 3.85
CA GLU B 157 -23.93 -15.75 2.66
C GLU B 157 -25.44 -15.81 2.88
N LYS B 158 -26.13 -14.77 2.40
CA LYS B 158 -27.56 -14.61 2.65
C LYS B 158 -28.30 -14.55 1.32
N ALA B 159 -29.38 -15.33 1.22
CA ALA B 159 -30.21 -15.31 0.02
C ALA B 159 -30.77 -13.90 -0.21
N PRO B 160 -30.96 -13.49 -1.47
CA PRO B 160 -30.72 -14.28 -2.69
C PRO B 160 -29.26 -14.31 -3.13
N LEU B 161 -28.38 -13.66 -2.37
CA LEU B 161 -26.96 -13.59 -2.72
C LEU B 161 -26.23 -14.82 -2.16
N VAL B 162 -26.46 -15.95 -2.82
CA VAL B 162 -25.81 -17.21 -2.48
C VAL B 162 -24.99 -17.67 -3.67
N LEU B 163 -23.89 -18.36 -3.38
CA LEU B 163 -22.91 -18.70 -4.42
C LEU B 163 -23.54 -19.57 -5.51
N ALA B 164 -24.55 -20.37 -5.19
CA ALA B 164 -25.18 -21.22 -6.19
C ALA B 164 -25.99 -20.42 -7.20
N ASN B 165 -26.38 -19.20 -6.86
CA ASN B 165 -27.20 -18.37 -7.74
C ASN B 165 -26.47 -17.15 -8.30
N VAL B 166 -25.51 -16.59 -7.55
CA VAL B 166 -24.79 -15.41 -7.98
C VAL B 166 -23.29 -15.70 -7.89
N LEU B 167 -22.50 -14.78 -8.45
CA LEU B 167 -21.05 -14.91 -8.47
C LEU B 167 -20.43 -14.26 -7.24
N SER B 168 -19.41 -14.91 -6.68
CA SER B 168 -18.59 -14.29 -5.67
C SER B 168 -17.61 -13.32 -6.33
N TYR B 169 -17.01 -12.45 -5.52
CA TYR B 169 -16.01 -11.52 -6.04
C TYR B 169 -14.83 -12.27 -6.65
N ASP B 170 -14.51 -13.45 -6.13
CA ASP B 170 -13.51 -14.30 -6.77
C ASP B 170 -13.94 -14.67 -8.19
N ASP B 171 -15.22 -15.01 -8.37
CA ASP B 171 -15.74 -15.30 -9.70
C ASP B 171 -15.74 -14.05 -10.57
N ILE B 172 -16.24 -12.94 -10.04
CA ILE B 172 -16.35 -11.71 -10.83
C ILE B 172 -14.97 -11.23 -11.27
N LYS B 173 -13.95 -11.45 -10.45
CA LYS B 173 -12.60 -11.07 -10.85
C LYS B 173 -12.14 -11.86 -12.06
N LEU B 174 -12.58 -13.11 -12.19
CA LEU B 174 -12.27 -13.89 -13.39
C LEU B 174 -13.18 -13.55 -14.55
N SER B 175 -14.44 -13.21 -14.26
CA SER B 175 -15.36 -12.81 -15.31
C SER B 175 -14.95 -11.50 -15.97
N ALA B 176 -14.18 -10.67 -15.28
CA ALA B 176 -13.65 -9.45 -15.87
C ALA B 176 -12.69 -9.73 -17.02
N LEU B 177 -12.13 -10.94 -17.07
CA LEU B 177 -11.24 -11.34 -18.16
C LEU B 177 -11.96 -12.13 -19.23
N LEU B 178 -13.30 -12.12 -19.23
CA LEU B 178 -14.11 -12.88 -20.17
C LEU B 178 -14.91 -11.90 -21.01
N SER B 179 -14.74 -11.98 -22.33
CA SER B 179 -15.43 -11.10 -23.27
C SER B 179 -16.41 -11.90 -24.11
N VAL B 180 -17.40 -11.20 -24.66
CA VAL B 180 -18.35 -11.75 -25.61
C VAL B 180 -18.31 -10.88 -26.86
N SER B 181 -18.10 -11.49 -28.01
CA SER B 181 -17.96 -10.79 -29.27
C SER B 181 -18.88 -11.41 -30.32
N SER B 182 -19.37 -10.58 -31.23
CA SER B 182 -20.27 -11.03 -32.27
C SER B 182 -20.38 -9.98 -33.36
N ARG B 183 -20.70 -10.42 -34.56
CA ARG B 183 -21.18 -9.50 -35.58
C ARG B 183 -22.53 -8.94 -35.15
N THR B 184 -22.80 -7.70 -35.53
CA THR B 184 -24.03 -7.05 -35.07
C THR B 184 -24.51 -6.03 -36.09
N GLU B 185 -25.79 -5.74 -36.01
CA GLU B 185 -26.35 -4.56 -36.66
C GLU B 185 -26.20 -3.37 -35.73
N PHE B 186 -26.04 -2.20 -36.32
CA PHE B 186 -25.93 -0.95 -35.57
C PHE B 186 -27.24 -0.20 -35.70
N VAL B 187 -28.00 -0.15 -34.60
CA VAL B 187 -29.33 0.47 -34.64
C VAL B 187 -29.22 1.96 -34.90
N ASN B 188 -28.24 2.62 -34.27
CA ASN B 188 -27.92 4.01 -34.56
C ASN B 188 -26.41 4.18 -34.47
N GLU B 189 -25.95 5.43 -34.55
CA GLU B 189 -24.52 5.70 -34.63
C GLU B 189 -23.79 5.39 -33.32
N GLY B 190 -24.53 5.29 -32.22
CA GLY B 190 -23.93 4.83 -30.98
C GLY B 190 -23.40 5.89 -30.06
N GLU B 191 -23.75 7.16 -30.27
CA GLU B 191 -23.36 8.19 -29.32
C GLU B 191 -23.96 7.88 -27.95
N ARG B 192 -23.32 8.41 -26.90
CA ARG B 192 -23.70 8.04 -25.53
C ARG B 192 -25.15 8.41 -25.23
N THR B 193 -25.67 9.46 -25.87
CA THR B 193 -27.03 9.91 -25.61
C THR B 193 -28.03 9.39 -26.65
N ASN B 194 -27.68 8.31 -27.36
CA ASN B 194 -28.55 7.84 -28.43
C ASN B 194 -29.88 7.31 -27.89
N CYS B 195 -29.84 6.63 -26.74
CA CYS B 195 -31.05 6.20 -26.03
C CYS B 195 -31.97 5.37 -26.92
N GLY B 196 -31.38 4.59 -27.81
CA GLY B 196 -32.16 3.72 -28.67
C GLY B 196 -32.94 4.41 -29.76
N HIS B 197 -32.59 5.66 -30.08
CA HIS B 197 -33.29 6.39 -31.13
C HIS B 197 -32.91 5.83 -32.50
N VAL B 198 -33.87 5.89 -33.43
CA VAL B 198 -33.69 5.38 -34.78
C VAL B 198 -34.04 6.47 -35.77
N ASP B 199 -33.16 6.71 -36.74
CA ASP B 199 -33.41 7.61 -37.86
C ASP B 199 -33.58 6.74 -39.09
N LEU B 200 -34.79 6.74 -39.65
CA LEU B 200 -35.12 5.84 -40.76
C LEU B 200 -34.54 6.29 -42.10
N ASN B 201 -33.95 7.49 -42.17
CA ASN B 201 -33.37 8.02 -43.41
C ASN B 201 -31.99 8.57 -43.11
N THR B 202 -31.07 7.67 -42.73
CA THR B 202 -29.70 8.04 -42.39
C THR B 202 -28.77 7.72 -43.56
N LYS B 203 -27.82 8.61 -43.80
CA LYS B 203 -26.75 8.37 -44.76
C LYS B 203 -25.38 8.26 -44.09
N THR B 204 -25.31 8.46 -42.77
CA THR B 204 -24.06 8.49 -42.03
C THR B 204 -23.99 7.38 -40.98
N LEU B 205 -24.65 6.26 -41.23
CA LEU B 205 -24.68 5.12 -40.31
C LEU B 205 -24.07 3.91 -40.98
N GLU B 206 -23.05 3.33 -40.36
CA GLU B 206 -22.52 2.04 -40.78
C GLU B 206 -23.48 0.95 -40.29
N ARG B 207 -24.03 0.18 -41.23
CA ARG B 207 -25.17 -0.67 -40.90
C ARG B 207 -24.76 -1.83 -40.00
N HIS B 208 -23.68 -2.52 -40.33
CA HIS B 208 -23.30 -3.73 -39.61
C HIS B 208 -21.80 -3.75 -39.36
N GLY B 209 -21.41 -4.54 -38.37
CA GLY B 209 -20.02 -4.70 -38.01
C GLY B 209 -19.84 -5.72 -36.90
N VAL B 210 -18.75 -5.60 -36.14
CA VAL B 210 -18.47 -6.48 -35.01
C VAL B 210 -18.50 -5.65 -33.74
N ILE B 211 -19.10 -6.19 -32.69
CA ILE B 211 -19.14 -5.56 -31.37
C ILE B 211 -18.44 -6.48 -30.38
N VAL B 212 -17.50 -5.93 -29.62
CA VAL B 212 -16.69 -6.70 -28.69
C VAL B 212 -16.73 -6.02 -27.32
N GLY B 213 -17.13 -6.77 -26.30
CA GLY B 213 -17.20 -6.22 -24.96
C GLY B 213 -15.93 -6.40 -24.16
N MET B 214 -15.22 -5.31 -23.93
CA MET B 214 -14.00 -5.32 -23.14
C MET B 214 -14.27 -4.79 -21.73
N ILE B 215 -13.56 -5.34 -20.76
CA ILE B 215 -13.76 -5.02 -19.35
C ILE B 215 -12.46 -4.47 -18.79
N GLY B 216 -12.49 -3.21 -18.34
CA GLY B 216 -11.35 -2.61 -17.71
C GLY B 216 -11.17 -3.07 -16.28
N ALA B 217 -10.12 -2.55 -15.65
CA ALA B 217 -9.79 -2.92 -14.28
C ALA B 217 -10.63 -2.11 -13.31
N ARG B 218 -11.37 -2.79 -12.44
CA ARG B 218 -12.16 -2.14 -11.40
C ARG B 218 -11.32 -2.05 -10.14
N LEU B 219 -11.02 -0.81 -9.72
CA LEU B 219 -10.15 -0.57 -8.57
C LEU B 219 -10.87 0.23 -7.47
N SER B 220 -12.20 0.29 -7.52
CA SER B 220 -12.96 1.10 -6.57
C SER B 220 -13.30 0.35 -5.29
N ARG B 221 -13.69 -0.92 -5.38
CA ARG B 221 -13.93 -1.73 -4.18
C ARG B 221 -12.59 -2.10 -3.57
N ARG B 222 -12.29 -1.56 -2.40
CA ARG B 222 -11.03 -1.86 -1.73
C ARG B 222 -10.95 -3.35 -1.41
N ASN B 223 -9.76 -3.92 -1.59
CA ASN B 223 -9.44 -5.30 -1.29
C ASN B 223 -10.17 -6.30 -2.18
N LEU B 224 -10.71 -5.87 -3.33
CA LEU B 224 -11.47 -6.76 -4.18
C LEU B 224 -11.13 -6.55 -5.64
N MET B 225 -11.21 -7.65 -6.39
CA MET B 225 -10.88 -7.70 -7.82
C MET B 225 -9.55 -7.03 -8.14
N GLU B 226 -9.49 -6.25 -9.23
CA GLU B 226 -8.22 -5.76 -9.72
C GLU B 226 -7.48 -4.91 -8.70
N PHE B 227 -8.18 -4.40 -7.68
CA PHE B 227 -7.51 -3.77 -6.55
C PHE B 227 -6.52 -4.72 -5.90
N GLN B 228 -6.82 -6.02 -5.87
CA GLN B 228 -5.98 -6.99 -5.18
C GLN B 228 -4.59 -7.10 -5.79
N ASP B 229 -4.42 -6.74 -7.07
CA ASP B 229 -3.15 -6.90 -7.75
C ASP B 229 -2.52 -5.61 -8.22
N ILE B 230 -3.29 -4.53 -8.37
CA ILE B 230 -2.78 -3.29 -8.93
C ILE B 230 -2.52 -2.26 -7.83
N VAL B 231 -3.37 -2.20 -6.81
CA VAL B 231 -3.23 -1.24 -5.72
C VAL B 231 -2.57 -1.94 -4.54
N ILE B 232 -1.49 -1.34 -4.04
CA ILE B 232 -0.75 -1.87 -2.89
C ILE B 232 -1.19 -1.03 -1.70
N ALA B 233 -2.22 -1.50 -1.00
CA ALA B 233 -2.85 -0.75 0.08
C ALA B 233 -2.36 -1.25 1.44
N ARG B 234 -2.87 -0.60 2.49
CA ARG B 234 -2.37 -0.84 3.84
C ARG B 234 -2.95 -2.10 4.46
N GLN B 235 -4.25 -2.34 4.28
CA GLN B 235 -4.91 -3.47 4.94
C GLN B 235 -4.80 -4.77 4.17
N GLN B 236 -4.46 -4.71 2.87
CA GLN B 236 -4.50 -5.89 2.01
C GLN B 236 -3.13 -6.54 1.83
N ASN B 237 -2.08 -5.75 1.58
CA ASN B 237 -0.79 -6.29 1.16
C ASN B 237 0.06 -6.64 2.40
N THR B 238 -0.31 -7.76 3.02
CA THR B 238 0.42 -8.30 4.15
C THR B 238 0.77 -9.76 3.89
N ARG B 239 1.85 -10.21 4.52
CA ARG B 239 2.27 -11.61 4.35
C ARG B 239 1.24 -12.58 4.91
N GLU B 240 0.53 -12.18 5.97
CA GLU B 240 -0.53 -13.02 6.51
C GLU B 240 -1.70 -13.19 5.55
N ARG B 241 -1.77 -12.37 4.49
CA ARG B 241 -2.76 -12.53 3.44
C ARG B 241 -2.18 -13.20 2.20
N GLY B 242 -0.93 -13.68 2.27
CA GLY B 242 -0.31 -14.37 1.17
C GLY B 242 0.55 -13.52 0.27
N TYR B 243 0.75 -12.24 0.61
CA TYR B 243 1.49 -11.32 -0.24
C TYR B 243 2.98 -11.40 0.03
N GLY B 244 3.78 -11.08 -0.99
CA GLY B 244 5.21 -10.96 -0.86
C GLY B 244 6.01 -12.23 -1.08
N MET B 245 5.33 -13.37 -1.29
CA MET B 245 6.05 -14.63 -1.45
C MET B 245 6.80 -14.67 -2.79
N ALA B 246 7.92 -15.38 -2.79
CA ALA B 246 8.66 -15.59 -4.03
C ALA B 246 7.82 -16.40 -5.01
N LEU B 247 8.12 -16.22 -6.30
CA LEU B 247 7.34 -16.87 -7.35
C LEU B 247 7.50 -18.39 -7.34
N ASP B 248 8.55 -18.91 -6.71
CA ASP B 248 8.82 -20.35 -6.68
C ASP B 248 8.61 -20.96 -5.31
N GLU B 249 7.97 -20.25 -4.39
CA GLU B 249 7.74 -20.73 -3.04
C GLU B 249 6.38 -21.39 -2.94
N PRO B 250 6.30 -22.63 -2.43
CA PRO B 250 5.01 -23.33 -2.41
C PRO B 250 4.02 -22.69 -1.46
N ALA B 251 2.74 -22.81 -1.80
CA ALA B 251 1.65 -22.26 -1.01
C ALA B 251 1.08 -23.35 -0.09
N THR B 252 0.95 -23.03 1.19
CA THR B 252 0.50 -23.98 2.18
C THR B 252 -0.81 -23.63 2.87
N THR B 253 -1.33 -22.42 2.66
CA THR B 253 -2.60 -22.02 3.22
C THR B 253 -3.56 -21.64 2.11
N ARG B 254 -4.84 -21.58 2.46
CA ARG B 254 -5.84 -21.15 1.50
C ARG B 254 -5.45 -19.82 0.87
N ASP B 255 -5.11 -18.83 1.70
CA ASP B 255 -4.89 -17.48 1.20
C ASP B 255 -3.61 -17.38 0.38
N GLU B 256 -2.59 -18.19 0.71
CA GLU B 256 -1.36 -18.16 -0.03
C GLU B 256 -1.54 -18.73 -1.44
N ASP B 257 -2.38 -19.76 -1.57
CA ASP B 257 -2.61 -20.35 -2.89
C ASP B 257 -3.38 -19.39 -3.80
N TYR B 258 -4.31 -18.62 -3.24
CA TYR B 258 -5.04 -17.65 -4.03
C TYR B 258 -4.11 -16.57 -4.58
N ARG B 259 -3.19 -16.09 -3.74
CA ARG B 259 -2.22 -15.10 -4.20
C ARG B 259 -1.28 -15.69 -5.25
N ARG B 260 -0.96 -16.98 -5.13
CA ARG B 260 -0.10 -17.61 -6.13
C ARG B 260 -0.78 -17.67 -7.50
N LEU B 261 -2.11 -17.80 -7.51
CA LEU B 261 -2.84 -17.79 -8.78
C LEU B 261 -2.55 -16.52 -9.56
N TRP B 262 -2.61 -15.38 -8.90
CA TRP B 262 -2.49 -14.09 -9.59
C TRP B 262 -1.04 -13.67 -9.78
N ARG B 263 -0.13 -14.14 -8.92
CA ARG B 263 1.29 -13.94 -9.19
C ARG B 263 1.71 -14.69 -10.44
N GLU B 264 1.29 -15.94 -10.56
CA GLU B 264 1.65 -16.74 -11.73
C GLU B 264 0.99 -16.21 -13.00
N PHE B 265 -0.25 -15.73 -12.90
CA PHE B 265 -0.94 -15.19 -14.06
C PHE B 265 -0.23 -13.95 -14.59
N TYR B 266 0.09 -13.01 -13.70
CA TYR B 266 0.79 -11.80 -14.10
C TYR B 266 2.30 -11.99 -14.20
N ALA B 267 2.81 -13.14 -13.78
CA ALA B 267 4.25 -13.45 -13.86
C ALA B 267 5.09 -12.39 -13.17
N THR B 268 4.61 -11.90 -12.04
CA THR B 268 5.34 -10.90 -11.27
C THR B 268 4.96 -11.03 -9.80
N ARG B 269 5.93 -10.76 -8.93
CA ARG B 269 5.71 -10.89 -7.50
C ARG B 269 4.84 -9.76 -6.96
N ASP B 270 3.87 -10.11 -6.11
CA ASP B 270 3.07 -9.10 -5.47
C ASP B 270 3.84 -8.47 -4.30
N LEU B 271 3.38 -7.32 -3.85
CA LEU B 271 4.15 -6.47 -2.96
C LEU B 271 3.54 -6.43 -1.57
N ILE B 272 4.39 -6.11 -0.60
CA ILE B 272 3.97 -5.87 0.79
C ILE B 272 3.87 -4.36 1.00
N HIS B 273 2.91 -3.95 1.82
CA HIS B 273 2.75 -2.53 2.14
C HIS B 273 4.05 -1.98 2.72
N GLY B 274 4.64 -1.01 2.02
CA GLY B 274 5.92 -0.44 2.38
C GLY B 274 7.04 -0.82 1.43
N GLN B 275 6.97 -2.01 0.83
CA GLN B 275 7.99 -2.42 -0.14
C GLN B 275 7.93 -1.56 -1.40
N ALA B 276 6.77 -1.01 -1.72
CA ALA B 276 6.59 -0.21 -2.92
C ALA B 276 6.59 1.27 -2.56
N VAL B 277 7.51 2.02 -3.16
CA VAL B 277 7.62 3.46 -2.94
C VAL B 277 7.29 4.16 -4.25
N ILE B 278 6.51 5.24 -4.16
CA ILE B 278 6.11 5.98 -5.35
C ILE B 278 7.35 6.56 -6.02
N ASP B 279 7.54 6.21 -7.29
CA ASP B 279 8.58 6.82 -8.12
C ASP B 279 8.04 7.28 -9.47
N ASN B 280 6.74 7.15 -9.71
CA ASN B 280 6.09 7.52 -10.96
C ASN B 280 6.63 6.72 -12.14
N GLN B 281 7.31 5.60 -11.87
CA GLN B 281 7.81 4.74 -12.92
C GLN B 281 6.99 3.43 -12.85
N ARG B 282 7.44 2.44 -12.08
CA ARG B 282 6.61 1.26 -11.88
C ARG B 282 5.51 1.51 -10.85
N PHE B 283 5.77 2.39 -9.88
CA PHE B 283 4.83 2.68 -8.81
C PHE B 283 4.42 4.14 -8.87
N GLY B 284 3.13 4.38 -9.11
CA GLY B 284 2.60 5.73 -9.18
C GLY B 284 1.52 5.95 -8.15
N PRO B 285 0.98 7.17 -8.09
CA PRO B 285 -0.06 7.48 -7.12
C PRO B 285 -1.41 6.93 -7.55
N SER B 286 -2.32 6.86 -6.58
CA SER B 286 -3.68 6.42 -6.79
C SER B 286 -4.63 7.57 -6.43
N LYS B 287 -5.94 7.27 -6.51
CA LYS B 287 -6.92 8.24 -6.04
C LYS B 287 -6.83 8.45 -4.53
N ASN B 288 -6.45 7.40 -3.79
CA ASN B 288 -6.17 7.49 -2.37
C ASN B 288 -4.68 7.79 -2.20
N LYS B 289 -4.36 8.90 -1.52
CA LYS B 289 -2.98 9.32 -1.38
C LYS B 289 -2.15 8.36 -0.54
N MET B 290 -2.79 7.49 0.25
CA MET B 290 -2.08 6.53 1.08
C MET B 290 -1.91 5.17 0.41
N ASP B 291 -2.32 5.05 -0.86
CA ASP B 291 -2.17 3.81 -1.61
C ASP B 291 -1.00 3.91 -2.58
N VAL B 292 -0.71 2.80 -3.25
CA VAL B 292 0.34 2.73 -4.26
C VAL B 292 -0.23 2.02 -5.49
N PHE B 293 0.01 2.59 -6.66
CA PHE B 293 -0.48 2.04 -7.92
C PHE B 293 0.66 1.30 -8.61
N ASP B 294 0.45 0.02 -8.92
CA ASP B 294 1.45 -0.78 -9.62
C ASP B 294 1.22 -0.63 -11.13
N ASN B 295 2.00 0.25 -11.76
CA ASN B 295 1.82 0.52 -13.18
C ASN B 295 2.16 -0.70 -14.03
N LEU B 296 3.04 -1.58 -13.53
CA LEU B 296 3.41 -2.76 -14.30
C LEU B 296 2.25 -3.74 -14.42
N VAL B 297 1.62 -4.08 -13.30
CA VAL B 297 0.47 -4.98 -13.33
C VAL B 297 -0.68 -4.36 -14.09
N MET B 298 -0.80 -3.03 -14.05
CA MET B 298 -1.80 -2.35 -14.86
C MET B 298 -1.50 -2.51 -16.35
N LYS B 299 -0.22 -2.40 -16.73
CA LYS B 299 0.15 -2.59 -18.13
C LYS B 299 -0.11 -4.03 -18.56
N ARG B 300 0.16 -5.00 -17.69
CA ARG B 300 -0.03 -6.40 -18.04
C ARG B 300 -1.50 -6.77 -18.10
N ARG B 301 -2.34 -6.17 -17.24
CA ARG B 301 -3.77 -6.41 -17.30
C ARG B 301 -4.36 -5.90 -18.61
N TYR B 302 -3.91 -4.73 -19.07
CA TYR B 302 -4.33 -4.23 -20.37
C TYR B 302 -3.75 -5.04 -21.52
N ALA B 303 -2.53 -5.58 -21.34
CA ALA B 303 -1.92 -6.40 -22.37
C ALA B 303 -2.78 -7.61 -22.69
N ILE B 304 -3.37 -8.22 -21.66
CA ILE B 304 -4.30 -9.33 -21.88
C ILE B 304 -5.52 -8.86 -22.65
N SER B 305 -6.06 -7.69 -22.27
CA SER B 305 -7.26 -7.17 -22.93
C SER B 305 -6.97 -6.81 -24.38
N PHE B 306 -5.85 -6.14 -24.64
CA PHE B 306 -5.55 -5.67 -25.98
C PHE B 306 -5.29 -6.84 -26.93
N ASP B 307 -4.65 -7.90 -26.44
CA ASP B 307 -4.46 -9.09 -27.27
C ASP B 307 -5.80 -9.68 -27.71
N MET B 308 -6.77 -9.72 -26.80
CA MET B 308 -8.08 -10.24 -27.15
C MET B 308 -8.75 -9.37 -28.21
N LEU B 309 -8.72 -8.04 -28.01
CA LEU B 309 -9.38 -7.13 -28.93
C LEU B 309 -8.74 -7.19 -30.31
N LEU B 310 -7.41 -7.16 -30.37
CA LEU B 310 -6.72 -7.14 -31.66
C LEU B 310 -6.86 -8.47 -32.38
N LEU B 311 -6.68 -9.59 -31.67
CA LEU B 311 -6.79 -10.89 -32.30
C LEU B 311 -8.24 -11.19 -32.71
N GLU B 312 -9.21 -10.69 -31.95
CA GLU B 312 -10.61 -10.89 -32.33
C GLU B 312 -10.96 -10.09 -33.59
N ALA B 313 -10.49 -8.84 -33.66
CA ALA B 313 -10.72 -8.05 -34.86
C ALA B 313 -9.98 -8.63 -36.06
N GLU B 314 -8.77 -9.15 -35.83
CA GLU B 314 -8.04 -9.85 -36.89
C GLU B 314 -8.86 -11.01 -37.43
N ALA B 315 -9.43 -11.83 -36.55
CA ALA B 315 -10.17 -13.00 -36.98
C ALA B 315 -11.47 -12.63 -37.67
N ARG B 316 -12.20 -11.65 -37.13
CA ARG B 316 -13.47 -11.25 -37.74
C ARG B 316 -13.25 -10.74 -39.15
N ALA B 317 -12.26 -9.85 -39.33
CA ALA B 317 -11.98 -9.31 -40.65
C ALA B 317 -11.47 -10.37 -41.62
N LYS B 318 -10.98 -11.51 -41.11
CA LYS B 318 -10.38 -12.50 -41.98
C LYS B 318 -11.42 -13.32 -42.73
N ARG B 319 -12.53 -13.70 -42.08
CA ARG B 319 -13.57 -14.45 -42.79
C ARG B 319 -14.44 -13.57 -43.69
N VAL B 320 -14.40 -12.25 -43.52
CA VAL B 320 -15.06 -11.35 -44.46
C VAL B 320 -14.12 -10.83 -45.53
N LYS B 321 -12.85 -11.22 -45.47
CA LYS B 321 -11.83 -10.82 -46.45
C LYS B 321 -11.69 -9.29 -46.50
N LYS B 322 -11.57 -8.69 -45.32
CA LYS B 322 -11.50 -7.24 -45.19
C LYS B 322 -10.42 -6.86 -44.19
N LEU B 323 -10.19 -5.56 -44.05
CA LEU B 323 -9.30 -5.02 -43.04
C LEU B 323 -10.14 -4.46 -41.89
N ALA B 324 -9.65 -4.62 -40.67
CA ALA B 324 -10.41 -4.23 -39.49
C ALA B 324 -10.23 -2.75 -39.19
N TYR B 325 -11.35 -2.05 -39.01
CA TYR B 325 -11.37 -0.67 -38.53
C TYR B 325 -11.81 -0.74 -37.06
N ILE B 326 -10.84 -0.73 -36.15
CA ILE B 326 -11.11 -0.94 -34.74
C ILE B 326 -11.45 0.39 -34.09
N HIS B 327 -12.66 0.48 -33.53
CA HIS B 327 -13.06 1.62 -32.72
C HIS B 327 -12.73 1.30 -31.27
N VAL B 328 -11.68 1.95 -30.75
CA VAL B 328 -11.15 1.66 -29.42
C VAL B 328 -11.70 2.67 -28.44
N VAL B 329 -12.38 2.18 -27.40
CA VAL B 329 -12.81 3.01 -26.28
C VAL B 329 -11.90 2.72 -25.11
N GLY B 330 -11.77 3.71 -24.22
CA GLY B 330 -10.93 3.55 -23.06
C GLY B 330 -11.64 2.85 -21.91
N PHE B 331 -11.79 1.53 -22.01
CA PHE B 331 -12.46 0.79 -20.96
C PHE B 331 -11.60 0.81 -19.69
N GLY B 332 -12.24 1.15 -18.57
CA GLY B 332 -11.53 1.37 -17.32
C GLY B 332 -11.11 2.80 -17.08
N LEU B 333 -11.17 3.66 -18.11
CA LEU B 333 -10.72 5.04 -18.01
C LEU B 333 -11.86 6.03 -17.77
N GLY B 334 -13.09 5.55 -17.64
CA GLY B 334 -14.22 6.43 -17.42
C GLY B 334 -14.66 6.49 -15.96
N VAL B 335 -15.80 5.86 -15.65
CA VAL B 335 -16.25 5.81 -14.27
C VAL B 335 -15.39 4.86 -13.43
N TRP B 336 -14.58 4.01 -14.06
CA TRP B 336 -13.68 3.13 -13.33
C TRP B 336 -12.27 3.69 -13.22
N LYS B 337 -12.04 4.89 -13.77
CA LYS B 337 -10.77 5.59 -13.62
C LYS B 337 -10.32 5.62 -12.17
N ALA B 338 -9.03 5.38 -11.94
CA ALA B 338 -8.49 5.38 -10.59
C ALA B 338 -7.14 6.07 -10.47
N ALA B 339 -6.41 6.30 -11.57
CA ALA B 339 -5.13 6.99 -11.53
C ALA B 339 -5.01 7.80 -12.82
N GLU B 340 -4.44 9.00 -12.69
CA GLU B 340 -4.30 9.88 -13.85
C GLU B 340 -3.36 9.31 -14.91
N GLN B 341 -2.54 8.32 -14.55
CA GLN B 341 -1.56 7.75 -15.47
C GLN B 341 -2.09 6.53 -16.23
N GLN B 342 -3.33 6.11 -15.97
CA GLN B 342 -3.87 4.93 -16.64
C GLN B 342 -4.00 5.17 -18.15
N GLU B 343 -4.41 6.38 -18.54
CA GLU B 343 -4.63 6.67 -19.95
C GLU B 343 -3.33 6.55 -20.75
N ARG B 344 -2.21 6.99 -20.18
CA ARG B 344 -0.93 6.82 -20.85
C ARG B 344 -0.51 5.36 -20.88
N ILE B 345 -0.81 4.61 -19.81
CA ILE B 345 -0.53 3.17 -19.79
C ILE B 345 -1.41 2.45 -20.80
N PHE B 346 -2.66 2.88 -20.95
CA PHE B 346 -3.50 2.39 -22.04
C PHE B 346 -2.83 2.55 -23.41
N MET B 347 -2.48 3.78 -23.81
CA MET B 347 -1.80 3.95 -25.12
C MET B 347 -0.57 3.05 -25.23
N GLU B 348 0.37 3.25 -24.33
CA GLU B 348 1.68 2.63 -24.43
C GLU B 348 1.52 1.13 -24.57
N THR B 349 0.65 0.53 -23.75
CA THR B 349 0.45 -0.92 -23.83
C THR B 349 -0.21 -1.31 -25.14
N PHE B 350 -1.10 -0.47 -25.66
CA PHE B 350 -1.78 -0.81 -26.92
C PHE B 350 -0.79 -0.82 -28.08
N GLU B 351 0.06 0.20 -28.16
CA GLU B 351 1.07 0.22 -29.22
C GLU B 351 2.07 -0.92 -29.06
N GLN B 352 2.41 -1.26 -27.82
CA GLN B 352 3.34 -2.35 -27.57
C GLN B 352 2.78 -3.68 -28.09
N ARG B 353 1.50 -3.95 -27.81
CA ARG B 353 0.90 -5.20 -28.25
C ARG B 353 0.74 -5.24 -29.77
N MET B 354 0.47 -4.10 -30.40
CA MET B 354 0.35 -4.05 -31.85
C MET B 354 1.66 -4.44 -32.52
N ARG B 355 2.78 -3.96 -31.98
CA ARG B 355 4.08 -4.27 -32.56
C ARG B 355 4.53 -5.69 -32.22
N THR B 356 4.21 -6.16 -31.02
CA THR B 356 4.59 -7.52 -30.64
C THR B 356 3.86 -8.56 -31.48
N LEU B 357 2.55 -8.38 -31.67
CA LEU B 357 1.79 -9.33 -32.48
C LEU B 357 2.23 -9.26 -33.94
N GLY B 358 2.55 -8.08 -34.43
CA GLY B 358 3.18 -7.95 -35.74
C GLY B 358 2.30 -8.43 -36.87
N ASN B 359 2.82 -9.40 -37.63
CA ASN B 359 2.12 -9.92 -38.79
C ASN B 359 0.86 -10.71 -38.43
N ARG B 360 0.67 -11.03 -37.15
CA ARG B 360 -0.59 -11.64 -36.72
C ARG B 360 -1.77 -10.67 -36.81
N LEU B 361 -1.52 -9.40 -37.12
CA LEU B 361 -2.55 -8.39 -37.27
C LEU B 361 -2.58 -7.83 -38.69
N ASN B 362 -2.20 -8.66 -39.67
CA ASN B 362 -2.16 -8.20 -41.05
C ASN B 362 -3.54 -7.85 -41.60
N ASN B 363 -4.60 -8.39 -41.00
CA ASN B 363 -5.97 -8.06 -41.39
C ASN B 363 -6.56 -6.93 -40.57
N VAL B 364 -5.74 -6.26 -39.76
CA VAL B 364 -6.16 -5.07 -39.02
C VAL B 364 -5.68 -3.85 -39.80
N GLY B 365 -6.61 -2.98 -40.16
CA GLY B 365 -6.26 -1.85 -41.00
C GLY B 365 -6.09 -0.53 -40.26
N LEU B 366 -6.92 -0.30 -39.24
CA LEU B 366 -6.92 0.97 -38.54
C LEU B 366 -7.41 0.80 -37.11
N VAL B 367 -6.81 1.55 -36.19
CA VAL B 367 -7.29 1.67 -34.82
C VAL B 367 -7.68 3.11 -34.59
N HIS B 368 -8.85 3.32 -33.99
CA HIS B 368 -9.38 4.66 -33.74
C HIS B 368 -9.59 4.84 -32.24
N PHE B 369 -8.82 5.74 -31.64
CA PHE B 369 -8.92 6.04 -30.22
C PHE B 369 -9.91 7.19 -30.05
N SER B 370 -11.13 6.87 -29.63
CA SER B 370 -12.18 7.86 -29.45
C SER B 370 -12.32 8.22 -27.98
N TRP B 371 -12.52 9.51 -27.71
CA TRP B 371 -12.70 10.03 -26.37
C TRP B 371 -11.50 9.76 -25.48
N PHE B 372 -10.32 10.03 -26.03
CA PHE B 372 -9.07 10.05 -25.28
C PHE B 372 -8.56 11.49 -25.23
N SER B 373 -8.07 11.92 -24.06
CA SER B 373 -7.57 13.28 -23.93
C SER B 373 -6.15 13.42 -24.49
N ILE B 374 -5.39 12.33 -24.51
CA ILE B 374 -4.03 12.35 -25.03
C ILE B 374 -4.06 12.39 -26.55
N THR B 375 -3.18 13.21 -27.14
CA THR B 375 -3.05 13.29 -28.59
C THR B 375 -1.74 12.70 -29.11
N HIS B 376 -0.71 12.60 -28.28
CA HIS B 376 0.58 12.04 -28.68
C HIS B 376 1.05 11.08 -27.61
N CYS B 377 1.41 9.86 -28.01
CA CYS B 377 1.98 8.89 -27.08
C CYS B 377 2.80 7.88 -27.89
N GLY B 378 4.11 8.04 -27.86
CA GLY B 378 4.97 7.16 -28.64
C GLY B 378 4.68 7.30 -30.11
N GLY B 379 4.54 6.18 -30.80
CA GLY B 379 4.19 6.18 -32.20
C GLY B 379 2.73 6.45 -32.49
N LEU B 380 1.93 6.77 -31.49
CA LEU B 380 0.51 7.00 -31.65
C LEU B 380 0.22 8.49 -31.77
N SER B 381 -0.49 8.85 -32.83
CA SER B 381 -0.95 10.22 -33.05
C SER B 381 -2.02 10.19 -34.13
N ASN B 382 -2.83 11.25 -34.16
CA ASN B 382 -3.90 11.35 -35.15
C ASN B 382 -3.33 11.32 -36.56
N GLY B 383 -3.41 10.17 -37.22
CA GLY B 383 -2.87 10.00 -38.56
C GLY B 383 -1.56 9.25 -38.62
N SER B 384 -1.02 8.83 -37.49
CA SER B 384 0.26 8.14 -37.46
C SER B 384 0.15 6.74 -38.05
N LEU B 385 1.30 6.12 -38.31
CA LEU B 385 1.36 4.78 -38.88
C LEU B 385 2.24 3.92 -37.99
N ILE B 386 1.69 2.81 -37.51
CA ILE B 386 2.46 1.82 -36.74
C ILE B 386 2.94 0.79 -37.75
N GLU B 387 4.15 0.98 -38.26
CA GLU B 387 4.65 0.16 -39.35
C GLU B 387 4.93 -1.26 -38.87
N ILE B 388 4.58 -2.23 -39.73
CA ILE B 388 4.80 -3.64 -39.46
C ILE B 388 5.34 -4.27 -40.74
N PRO B 389 6.55 -4.84 -40.72
CA PRO B 389 7.10 -5.42 -41.96
C PRO B 389 6.25 -6.59 -42.45
N GLY B 390 5.87 -6.54 -43.73
CA GLY B 390 5.04 -7.55 -44.34
C GLY B 390 3.57 -7.22 -44.38
N HIS B 391 3.13 -6.24 -43.59
CA HIS B 391 1.73 -5.85 -43.59
C HIS B 391 1.33 -5.36 -44.98
N PRO B 392 0.15 -5.76 -45.48
CA PRO B 392 -0.23 -5.37 -46.84
C PRO B 392 -0.28 -3.87 -47.06
N LYS B 393 -0.82 -3.13 -46.09
CA LYS B 393 -0.80 -1.67 -46.10
C LYS B 393 0.46 -1.11 -45.44
N ASP B 394 1.48 -1.94 -45.23
CA ASP B 394 2.77 -1.60 -44.62
C ASP B 394 2.64 -1.23 -43.14
N GLY B 395 1.44 -1.20 -42.59
CA GLY B 395 1.28 -0.85 -41.19
C GLY B 395 -0.18 -0.64 -40.86
N ILE B 396 -0.42 -0.13 -39.65
CA ILE B 396 -1.76 0.14 -39.14
C ILE B 396 -1.89 1.63 -38.91
N ARG B 397 -2.92 2.23 -39.50
CA ARG B 397 -3.19 3.65 -39.32
C ARG B 397 -3.85 3.91 -37.97
N VAL B 398 -3.53 5.06 -37.39
CA VAL B 398 -4.03 5.46 -36.08
C VAL B 398 -4.80 6.76 -36.22
N LEU B 399 -5.98 6.81 -35.61
CA LEU B 399 -6.76 8.04 -35.52
C LEU B 399 -7.11 8.29 -34.05
N ILE B 400 -6.89 9.52 -33.59
CA ILE B 400 -7.21 9.91 -32.22
C ILE B 400 -8.14 11.11 -32.30
N SER B 401 -9.43 10.85 -32.20
CA SER B 401 -10.45 11.89 -32.27
C SER B 401 -11.76 11.31 -31.78
N LYS B 402 -12.64 12.20 -31.31
CA LYS B 402 -13.97 11.78 -30.88
C LYS B 402 -14.77 11.31 -32.09
N ARG B 403 -15.33 10.10 -32.00
CA ARG B 403 -16.04 9.51 -33.12
C ARG B 403 -17.19 8.66 -32.59
N ASN B 404 -18.34 8.79 -33.24
CA ASN B 404 -19.46 7.91 -32.92
C ASN B 404 -19.10 6.47 -33.28
N PRO B 405 -19.47 5.49 -32.46
CA PRO B 405 -19.07 4.10 -32.74
C PRO B 405 -19.47 3.61 -34.11
N ALA B 406 -20.69 3.92 -34.56
CA ALA B 406 -21.22 3.42 -35.82
C ALA B 406 -21.38 4.51 -36.87
N ARG B 407 -20.53 5.53 -36.81
CA ARG B 407 -20.52 6.54 -37.87
C ARG B 407 -20.02 5.91 -39.17
N LYS B 408 -20.71 6.20 -40.27
CA LYS B 408 -20.37 5.60 -41.56
C LYS B 408 -18.91 5.85 -41.93
N LEU B 409 -18.24 4.79 -42.34
CA LEU B 409 -16.87 4.88 -42.85
C LEU B 409 -16.96 5.31 -44.31
N SER B 410 -16.92 6.62 -44.53
CA SER B 410 -17.10 7.19 -45.87
C SER B 410 -15.78 7.54 -46.54
N ASP B 411 -14.68 7.57 -45.80
CA ASP B 411 -13.38 7.82 -46.41
C ASP B 411 -13.04 6.69 -47.38
N PRO B 412 -12.67 6.99 -48.63
CA PRO B 412 -12.28 5.91 -49.55
C PRO B 412 -11.18 5.01 -49.00
N GLU B 413 -10.20 5.57 -48.30
CA GLU B 413 -9.19 4.74 -47.65
C GLU B 413 -9.76 3.95 -46.47
N HIS B 414 -10.95 4.32 -45.99
CA HIS B 414 -11.59 3.63 -44.88
C HIS B 414 -12.87 2.91 -45.28
N ALA B 415 -13.43 3.20 -46.45
CA ALA B 415 -14.60 2.48 -46.91
C ALA B 415 -14.20 1.07 -47.33
N GLY B 416 -15.11 0.12 -47.11
CA GLY B 416 -14.84 -1.27 -47.39
C GLY B 416 -14.15 -2.03 -46.28
N MET B 417 -13.80 -1.36 -45.18
CA MET B 417 -13.26 -2.07 -44.03
C MET B 417 -14.37 -2.60 -43.14
N LEU B 418 -14.00 -3.52 -42.26
CA LEU B 418 -14.94 -4.08 -41.30
C LEU B 418 -14.84 -3.26 -40.01
N LEU B 419 -15.97 -2.69 -39.59
CA LEU B 419 -16.03 -1.91 -38.36
C LEU B 419 -16.06 -2.85 -37.16
N VAL B 420 -15.05 -2.76 -36.30
CA VAL B 420 -14.98 -3.52 -35.07
C VAL B 420 -15.11 -2.51 -33.92
N VAL B 421 -16.23 -2.56 -33.21
CA VAL B 421 -16.51 -1.62 -32.13
C VAL B 421 -16.27 -2.32 -30.81
N SER B 422 -15.42 -1.73 -29.97
CA SER B 422 -15.23 -2.17 -28.60
C SER B 422 -16.07 -1.31 -27.67
N TYR B 423 -16.53 -1.90 -26.57
CA TYR B 423 -17.28 -1.16 -25.57
C TYR B 423 -16.91 -1.65 -24.18
N ALA B 424 -17.05 -0.76 -23.20
CA ALA B 424 -16.67 -1.05 -21.82
C ALA B 424 -17.80 -1.82 -21.14
N TRP B 425 -17.49 -3.02 -20.66
CA TRP B 425 -18.46 -3.93 -20.07
C TRP B 425 -18.18 -4.09 -18.58
N ASP B 426 -18.83 -5.09 -17.98
CA ASP B 426 -18.70 -5.38 -16.56
C ASP B 426 -18.66 -6.89 -16.38
N GLY B 427 -17.88 -7.35 -15.40
CA GLY B 427 -17.75 -8.79 -15.19
C GLY B 427 -18.98 -9.43 -14.58
N ASN B 428 -19.79 -8.66 -13.87
CA ASN B 428 -20.95 -9.18 -13.16
C ASN B 428 -22.25 -8.58 -13.69
N ALA B 429 -22.30 -8.26 -14.98
CA ALA B 429 -23.49 -7.62 -15.55
C ALA B 429 -23.75 -8.15 -16.95
N LEU B 430 -25.03 -8.33 -17.26
CA LEU B 430 -25.45 -8.59 -18.63
C LEU B 430 -25.09 -7.40 -19.51
N PRO B 431 -25.08 -7.59 -20.83
CA PRO B 431 -24.77 -6.46 -21.72
C PRO B 431 -25.70 -5.29 -21.47
N GLY B 432 -25.09 -4.12 -21.23
CA GLY B 432 -25.80 -2.90 -20.92
C GLY B 432 -25.72 -2.49 -19.47
N ASN B 433 -25.57 -3.46 -18.56
CA ASN B 433 -25.46 -3.19 -17.12
C ASN B 433 -26.66 -2.43 -16.60
N GLU B 434 -26.48 -1.14 -16.31
CA GLU B 434 -27.59 -0.30 -15.83
C GLU B 434 -28.67 -0.10 -16.89
N PHE B 435 -28.43 -0.57 -18.12
CA PHE B 435 -29.46 -0.60 -19.15
C PHE B 435 -30.71 -1.34 -18.67
N TRP B 436 -30.53 -2.35 -17.81
CA TRP B 436 -31.64 -3.12 -17.26
C TRP B 436 -32.29 -2.46 -16.05
N MET B 437 -31.70 -1.40 -15.51
CA MET B 437 -32.35 -0.55 -14.54
C MET B 437 -32.82 0.77 -15.14
N LYS B 438 -33.10 0.76 -16.45
CA LYS B 438 -33.70 1.86 -17.19
C LYS B 438 -32.80 3.09 -17.29
N MET B 439 -31.50 2.95 -17.07
CA MET B 439 -30.54 4.03 -17.31
C MET B 439 -29.83 3.74 -18.62
N LEU B 440 -30.03 4.63 -19.60
CA LEU B 440 -29.64 4.35 -20.98
C LEU B 440 -28.45 5.15 -21.48
N GLN B 441 -27.97 6.15 -20.72
CA GLN B 441 -26.95 7.04 -21.26
C GLN B 441 -25.90 7.45 -20.24
N SER B 442 -25.70 6.68 -19.17
CA SER B 442 -24.74 7.05 -18.15
C SER B 442 -23.32 6.55 -18.44
N THR B 443 -23.20 5.43 -19.15
CA THR B 443 -21.89 4.87 -19.49
C THR B 443 -21.92 4.31 -20.90
N GLY B 444 -20.75 3.89 -21.37
CA GLY B 444 -20.65 3.25 -22.67
C GLY B 444 -21.32 1.90 -22.74
N ASP B 445 -21.51 1.24 -21.60
CA ASP B 445 -22.18 -0.06 -21.58
C ASP B 445 -23.65 0.09 -21.95
N SER B 446 -24.36 1.00 -21.27
CA SER B 446 -25.78 1.17 -21.54
C SER B 446 -26.01 1.77 -22.92
N SER B 447 -25.15 2.70 -23.34
CA SER B 447 -25.29 3.30 -24.66
C SER B 447 -25.08 2.26 -25.76
N THR B 448 -24.18 1.30 -25.53
CA THR B 448 -23.97 0.24 -26.50
C THR B 448 -25.20 -0.66 -26.60
N ALA B 449 -25.83 -0.98 -25.47
CA ALA B 449 -27.03 -1.80 -25.48
C ALA B 449 -28.22 -1.08 -26.12
N CYS B 450 -28.15 0.23 -26.30
CA CYS B 450 -29.20 0.98 -26.97
C CYS B 450 -28.93 1.14 -28.47
N SER B 451 -27.70 0.88 -28.92
CA SER B 451 -27.32 1.07 -30.31
C SER B 451 -26.97 -0.22 -31.04
N THR B 452 -26.81 -1.33 -30.34
CA THR B 452 -26.46 -2.60 -30.98
C THR B 452 -27.44 -3.68 -30.57
N LEU B 453 -27.14 -4.94 -30.95
CA LEU B 453 -27.96 -6.08 -30.59
C LEU B 453 -27.35 -6.91 -29.47
N VAL B 454 -26.52 -6.28 -28.63
CA VAL B 454 -25.81 -7.03 -27.59
C VAL B 454 -26.78 -7.52 -26.51
N ALA B 455 -27.87 -6.77 -26.27
CA ALA B 455 -28.79 -7.14 -25.21
C ALA B 455 -29.45 -8.49 -25.46
N GLU B 456 -29.46 -8.97 -26.70
CA GLU B 456 -29.98 -10.28 -27.04
C GLU B 456 -28.90 -11.24 -27.53
N LEU B 457 -27.99 -10.77 -28.39
CA LEU B 457 -27.00 -11.67 -28.99
C LEU B 457 -25.88 -12.02 -28.03
N HIS B 458 -25.56 -11.13 -27.09
CA HIS B 458 -24.58 -11.41 -26.05
C HIS B 458 -25.24 -11.81 -24.74
N ASN B 459 -26.54 -12.07 -24.74
CA ASN B 459 -27.26 -12.45 -23.54
C ASN B 459 -27.31 -13.96 -23.45
N PRO B 460 -26.67 -14.60 -22.46
CA PRO B 460 -26.71 -16.06 -22.36
C PRO B 460 -28.09 -16.63 -22.07
N TYR B 461 -29.05 -15.81 -21.65
CA TYR B 461 -30.42 -16.25 -21.45
C TYR B 461 -31.26 -16.17 -22.72
N ILE B 462 -30.73 -15.53 -23.78
CA ILE B 462 -31.48 -15.36 -25.01
C ILE B 462 -30.77 -16.10 -26.15
N ASN B 463 -29.51 -15.72 -26.39
CA ASN B 463 -28.69 -16.41 -27.39
C ASN B 463 -28.02 -17.62 -26.75
N THR B 464 -28.84 -18.60 -26.39
CA THR B 464 -28.36 -19.74 -25.62
C THR B 464 -27.57 -20.73 -26.45
N LYS B 465 -27.83 -20.82 -27.75
CA LYS B 465 -27.12 -21.79 -28.58
C LYS B 465 -25.67 -21.36 -28.82
N PHE B 466 -25.41 -20.07 -28.85
CA PHE B 466 -24.09 -19.57 -29.22
C PHE B 466 -23.38 -18.78 -28.13
N CYS B 467 -24.13 -18.14 -27.22
CA CYS B 467 -23.51 -17.43 -26.10
C CYS B 467 -23.59 -18.31 -24.85
N ASN B 468 -22.78 -19.37 -24.88
CA ASN B 468 -22.71 -20.31 -23.77
C ASN B 468 -21.27 -20.81 -23.64
N GLY B 469 -21.01 -21.48 -22.51
CA GLY B 469 -19.66 -21.94 -22.23
C GLY B 469 -19.14 -22.95 -23.23
N GLY B 470 -20.03 -23.75 -23.82
CA GLY B 470 -19.62 -24.74 -24.81
C GLY B 470 -19.09 -24.12 -26.09
N ASN B 471 -19.41 -22.86 -26.37
CA ASN B 471 -18.93 -22.16 -27.54
C ASN B 471 -17.78 -21.20 -27.21
N LEU B 472 -17.10 -21.41 -26.08
CA LEU B 472 -16.00 -20.54 -25.70
C LEU B 472 -14.89 -20.59 -26.74
N HIS B 473 -14.36 -19.42 -27.09
CA HIS B 473 -13.25 -19.30 -28.02
C HIS B 473 -12.02 -18.79 -27.28
N ILE B 474 -10.85 -19.22 -27.75
CA ILE B 474 -9.58 -18.89 -27.12
C ILE B 474 -8.81 -17.95 -28.05
N ALA B 475 -8.53 -16.74 -27.57
CA ALA B 475 -7.67 -15.80 -28.28
C ALA B 475 -6.22 -16.17 -27.96
N SER B 476 -5.58 -16.89 -28.87
CA SER B 476 -4.20 -17.32 -28.69
C SER B 476 -3.30 -16.54 -29.62
N PRO B 477 -2.28 -15.84 -29.11
CA PRO B 477 -1.37 -15.10 -30.00
C PRO B 477 -0.69 -16.00 -31.03
N GLU B 478 -0.40 -17.25 -30.68
CA GLU B 478 0.29 -18.15 -31.59
C GLU B 478 -0.67 -18.86 -32.55
N HIS B 479 -1.92 -19.07 -32.15
CA HIS B 479 -2.85 -19.86 -32.94
C HIS B 479 -4.10 -19.10 -33.34
N GLY B 480 -4.16 -17.79 -33.12
CA GLY B 480 -5.34 -17.04 -33.49
C GLY B 480 -6.52 -17.34 -32.56
N VAL B 481 -7.71 -17.00 -33.05
CA VAL B 481 -8.94 -17.19 -32.30
C VAL B 481 -9.52 -18.54 -32.69
N LEU B 482 -9.43 -19.51 -31.78
CA LEU B 482 -9.91 -20.86 -32.02
C LEU B 482 -11.00 -21.22 -31.02
N HIS B 483 -11.94 -22.04 -31.47
CA HIS B 483 -12.90 -22.65 -30.55
C HIS B 483 -12.14 -23.51 -29.54
N ILE B 484 -12.71 -23.60 -28.33
CA ILE B 484 -12.01 -24.24 -27.22
C ILE B 484 -11.63 -25.69 -27.56
N ALA B 485 -12.47 -26.38 -28.33
CA ALA B 485 -12.15 -27.75 -28.70
C ALA B 485 -10.97 -27.81 -29.66
N GLU B 486 -10.97 -26.93 -30.67
CA GLU B 486 -9.85 -26.90 -31.60
C GLU B 486 -8.56 -26.48 -30.90
N TYR B 487 -8.66 -25.55 -29.95
CA TYR B 487 -7.48 -25.14 -29.20
C TYR B 487 -6.95 -26.28 -28.34
N ALA B 488 -7.84 -27.03 -27.70
CA ALA B 488 -7.41 -28.15 -26.87
C ALA B 488 -6.69 -29.21 -27.69
N LYS B 489 -7.23 -29.55 -28.87
CA LYS B 489 -6.54 -30.48 -29.75
C LYS B 489 -5.22 -29.90 -30.26
N ARG B 490 -5.12 -28.58 -30.35
CA ARG B 490 -3.91 -27.96 -30.89
C ARG B 490 -2.76 -27.99 -29.88
N VAL B 491 -3.06 -27.88 -28.58
CA VAL B 491 -2.02 -27.74 -27.57
C VAL B 491 -1.78 -29.01 -26.76
N ILE B 492 -2.75 -29.91 -26.68
CA ILE B 492 -2.59 -31.13 -25.89
C ILE B 492 -1.64 -32.09 -26.59
N SER C 5 -17.53 -16.56 18.88
CA SER C 5 -17.44 -16.08 20.26
C SER C 5 -16.83 -14.68 20.32
N TRP C 6 -17.16 -13.94 21.36
CA TRP C 6 -16.62 -12.61 21.57
C TRP C 6 -15.20 -12.70 22.12
N PRO C 7 -14.27 -11.86 21.64
CA PRO C 7 -14.51 -10.87 20.58
C PRO C 7 -14.35 -11.46 19.18
N ALA C 8 -15.00 -10.85 18.20
CA ALA C 8 -14.89 -11.31 16.83
C ALA C 8 -13.48 -11.06 16.30
N VAL C 9 -12.98 -12.01 15.51
CA VAL C 9 -11.64 -11.91 14.93
C VAL C 9 -11.66 -10.88 13.79
N THR C 10 -12.83 -10.32 13.53
CA THR C 10 -13.05 -9.54 12.32
C THR C 10 -14.17 -8.54 12.56
N GLY C 11 -13.82 -7.25 12.58
CA GLY C 11 -14.80 -6.19 12.74
C GLY C 11 -15.18 -5.84 14.16
N ASP C 12 -14.37 -6.21 15.15
CA ASP C 12 -14.71 -6.00 16.54
C ASP C 12 -13.94 -4.87 17.20
N SER C 13 -12.86 -4.41 16.59
CA SER C 13 -12.04 -3.35 17.17
C SER C 13 -12.83 -2.05 17.26
N PRO C 14 -13.06 -1.52 18.45
CA PRO C 14 -13.77 -0.23 18.55
C PRO C 14 -12.94 0.88 17.92
N HIS C 15 -13.64 1.79 17.23
CA HIS C 15 -12.96 2.82 16.45
C HIS C 15 -12.17 3.75 17.35
N LEU C 16 -10.99 4.15 16.87
CA LEU C 16 -10.14 5.07 17.61
C LEU C 16 -10.60 6.51 17.39
N THR C 17 -10.52 7.31 18.44
CA THR C 17 -10.76 8.74 18.29
C THR C 17 -9.53 9.39 17.67
N ASN C 18 -9.67 10.67 17.30
CA ASN C 18 -8.54 11.42 16.79
C ASN C 18 -7.40 11.48 17.79
N PHE C 19 -7.73 11.45 19.08
CA PHE C 19 -6.70 11.40 20.12
C PHE C 19 -5.90 10.11 20.03
N GLY C 20 -6.59 8.96 20.07
CA GLY C 20 -5.91 7.69 20.03
C GLY C 20 -5.21 7.41 18.71
N ARG C 21 -5.79 7.89 17.61
CA ARG C 21 -5.16 7.69 16.30
C ARG C 21 -3.81 8.40 16.22
N LYS C 22 -3.73 9.62 16.75
CA LYS C 22 -2.46 10.32 16.80
C LYS C 22 -1.45 9.56 17.64
N LEU C 23 -1.86 9.12 18.83
CA LEU C 23 -0.97 8.35 19.69
C LEU C 23 -0.48 7.09 18.98
N LEU C 24 -1.39 6.39 18.31
CA LEU C 24 -0.99 5.20 17.56
C LEU C 24 -0.10 5.57 16.37
N LYS C 25 -0.32 6.75 15.78
CA LYS C 25 0.57 7.23 14.72
C LYS C 25 2.00 7.37 15.23
N ASP C 26 2.16 7.92 16.43
CA ASP C 26 3.50 8.08 17.01
C ASP C 26 4.18 6.75 17.28
N CYS C 27 3.40 5.67 17.42
CA CYS C 27 3.98 4.36 17.63
C CYS C 27 4.63 3.79 16.38
N ARG C 28 4.34 4.36 15.20
CA ARG C 28 4.93 3.87 13.96
C ARG C 28 6.42 4.16 13.88
N GLN C 29 6.91 5.13 14.66
CA GLN C 29 8.33 5.48 14.66
C GLN C 29 9.12 4.82 15.78
N VAL C 30 8.45 4.34 16.83
CA VAL C 30 9.12 3.56 17.87
C VAL C 30 9.50 2.22 17.28
N GLN C 31 10.79 2.03 17.00
CA GLN C 31 11.26 0.85 16.30
C GLN C 31 11.72 -0.24 17.27
N LYS C 32 11.82 -1.45 16.74
CA LYS C 32 12.13 -2.65 17.51
C LYS C 32 13.60 -2.69 17.88
N PRO C 33 13.93 -3.07 19.12
CA PRO C 33 15.34 -3.23 19.49
C PRO C 33 15.96 -4.45 18.85
N ILE C 34 17.17 -4.28 18.32
CA ILE C 34 17.90 -5.34 17.64
C ILE C 34 18.84 -6.00 18.63
N GLY C 35 18.73 -7.32 18.75
CA GLY C 35 19.54 -8.08 19.70
C GLY C 35 20.76 -8.69 19.03
N GLY C 36 21.86 -8.73 19.76
CA GLY C 36 23.10 -9.32 19.31
C GLY C 36 23.61 -10.32 20.32
N TYR C 37 24.94 -10.40 20.40
CA TYR C 37 25.59 -11.30 21.35
C TYR C 37 25.86 -10.64 22.71
N GLU C 38 25.74 -9.32 22.80
CA GLU C 38 25.99 -8.58 24.03
C GLU C 38 24.71 -8.34 24.83
N ASN C 39 23.59 -8.95 24.45
CA ASN C 39 22.35 -8.80 25.21
C ASN C 39 22.55 -9.27 26.65
N LEU C 40 23.37 -10.29 26.84
CA LEU C 40 23.45 -10.95 28.14
C LEU C 40 24.21 -10.10 29.14
N GLY C 41 25.18 -9.32 28.66
CA GLY C 41 26.00 -8.54 29.56
C GLY C 41 25.23 -7.43 30.26
N ASN C 42 24.29 -6.80 29.56
CA ASN C 42 23.45 -5.80 30.21
C ASN C 42 22.60 -6.44 31.29
N VAL C 43 22.03 -7.62 31.01
CA VAL C 43 21.19 -8.29 31.99
C VAL C 43 22.00 -8.70 33.21
N ILE C 44 23.24 -9.15 33.00
CA ILE C 44 24.07 -9.60 34.11
C ILE C 44 24.48 -8.44 34.99
N LYS C 45 24.96 -7.35 34.37
CA LYS C 45 25.41 -6.20 35.15
C LYS C 45 24.28 -5.57 35.93
N LEU C 46 23.12 -5.39 35.29
CA LEU C 46 21.98 -4.77 35.97
C LEU C 46 21.35 -5.71 37.00
N SER C 47 21.54 -7.02 36.85
CA SER C 47 21.03 -7.95 37.87
C SER C 47 21.88 -7.90 39.12
N ALA C 48 23.20 -7.73 38.97
CA ALA C 48 24.07 -7.59 40.12
C ALA C 48 23.88 -6.27 40.85
N GLU C 49 23.25 -5.29 40.20
CA GLU C 49 22.98 -3.99 40.80
C GLU C 49 21.52 -3.82 41.19
N PHE C 50 20.69 -4.83 40.95
CA PHE C 50 19.30 -4.77 41.38
C PHE C 50 19.25 -4.64 42.91
N PRO C 51 18.56 -3.63 43.43
CA PRO C 51 18.62 -3.35 44.88
C PRO C 51 17.84 -4.32 45.76
N LEU C 52 17.34 -5.43 45.21
CA LEU C 52 16.61 -6.42 45.99
C LEU C 52 17.23 -7.79 45.80
N GLU C 53 17.20 -8.59 46.87
CA GLU C 53 17.73 -9.94 46.81
C GLU C 53 16.71 -10.89 46.19
N PHE C 54 17.19 -11.80 45.36
CA PHE C 54 16.33 -12.81 44.77
C PHE C 54 15.86 -13.79 45.84
N GLY C 55 14.68 -14.36 45.63
CA GLY C 55 14.19 -15.40 46.52
C GLY C 55 15.13 -16.60 46.55
N VAL C 56 15.59 -17.02 45.38
CA VAL C 56 16.69 -17.97 45.25
C VAL C 56 17.62 -17.47 44.15
N ASN C 57 18.91 -17.70 44.34
CA ASN C 57 19.92 -17.28 43.38
C ASN C 57 20.18 -18.30 42.28
N SER C 58 19.49 -19.45 42.33
CA SER C 58 19.70 -20.50 41.34
C SER C 58 19.06 -20.18 39.99
N VAL C 59 18.23 -19.14 39.91
CA VAL C 59 17.61 -18.73 38.66
C VAL C 59 18.32 -17.58 38.00
N LYS C 60 19.44 -17.12 38.56
CA LYS C 60 20.19 -16.02 37.97
C LYS C 60 21.05 -16.51 36.82
N VAL C 61 21.45 -15.58 35.96
CA VAL C 61 22.17 -15.94 34.74
C VAL C 61 23.59 -16.41 35.06
N TYR C 62 24.29 -15.70 35.94
CA TYR C 62 25.69 -16.01 36.22
C TYR C 62 25.90 -17.43 36.72
N ARG C 63 24.85 -18.06 37.25
CA ARG C 63 24.94 -19.35 37.89
C ARG C 63 24.23 -20.43 37.07
N GLN C 64 24.07 -20.18 35.78
CA GLN C 64 23.72 -21.19 34.79
C GLN C 64 24.99 -21.67 34.12
N SER C 65 24.88 -22.81 33.43
CA SER C 65 26.04 -23.38 32.76
C SER C 65 26.53 -22.42 31.69
N PRO C 66 27.86 -22.27 31.52
CA PRO C 66 28.36 -21.31 30.52
C PRO C 66 28.04 -21.72 29.09
N SER C 67 27.96 -23.02 28.81
CA SER C 67 27.64 -23.47 27.46
C SER C 67 26.20 -23.19 27.07
N ARG C 68 25.34 -22.89 28.03
CA ARG C 68 23.95 -22.51 27.76
C ARG C 68 23.76 -21.00 27.69
N LEU C 69 24.81 -20.22 27.93
CA LEU C 69 24.68 -18.76 27.93
C LEU C 69 24.37 -18.22 26.53
N ALA C 70 24.75 -18.95 25.49
CA ALA C 70 24.41 -18.54 24.13
C ALA C 70 22.90 -18.55 23.92
N ARG C 71 22.25 -19.64 24.33
CA ARG C 71 20.80 -19.72 24.17
C ARG C 71 20.07 -18.76 25.10
N ILE C 72 20.60 -18.56 26.31
CA ILE C 72 20.02 -17.58 27.21
C ILE C 72 20.15 -16.17 26.64
N ASN C 73 21.23 -15.92 25.89
CA ASN C 73 21.44 -14.59 25.32
C ASN C 73 20.33 -14.22 24.34
N GLU C 74 19.91 -15.17 23.50
CA GLU C 74 18.79 -14.91 22.61
C GLU C 74 17.45 -14.99 23.33
N GLU C 75 17.39 -15.68 24.47
CA GLU C 75 16.18 -15.67 25.28
C GLU C 75 15.93 -14.27 25.86
N VAL C 76 17.00 -13.56 26.21
CA VAL C 76 16.87 -12.17 26.64
C VAL C 76 16.19 -11.35 25.56
N ALA C 77 16.65 -11.50 24.31
CA ALA C 77 16.09 -10.75 23.19
C ALA C 77 14.70 -11.22 22.79
N SER C 78 14.24 -12.36 23.31
CA SER C 78 12.92 -12.89 22.98
C SER C 78 11.82 -12.38 23.90
N ALA C 79 12.14 -11.49 24.83
CA ALA C 79 11.16 -10.99 25.80
C ALA C 79 10.51 -9.72 25.29
N TYR C 80 9.20 -9.59 25.56
CA TYR C 80 8.48 -8.36 25.25
C TYR C 80 7.19 -8.35 26.06
N PRO C 81 6.66 -7.17 26.39
CA PRO C 81 5.29 -7.11 26.93
C PRO C 81 4.28 -7.31 25.83
N LEU C 82 3.10 -7.81 26.22
CA LEU C 82 2.09 -8.23 25.26
C LEU C 82 0.70 -7.87 25.75
N ILE C 83 -0.09 -7.24 24.88
CA ILE C 83 -1.48 -6.91 25.18
C ILE C 83 -2.34 -7.29 23.99
N HIS C 84 -3.62 -7.53 24.26
CA HIS C 84 -4.61 -7.72 23.22
C HIS C 84 -4.85 -6.40 22.50
N GLU C 85 -5.26 -6.49 21.23
CA GLU C 85 -5.56 -5.27 20.49
C GLU C 85 -6.77 -4.55 21.06
N ARG C 86 -7.69 -5.28 21.67
CA ARG C 86 -8.78 -4.64 22.40
C ARG C 86 -8.24 -3.87 23.60
N THR C 87 -7.27 -4.44 24.31
CA THR C 87 -6.60 -3.73 25.39
C THR C 87 -5.85 -2.51 24.84
N LEU C 88 -5.38 -2.60 23.61
CA LEU C 88 -4.70 -1.46 22.99
C LEU C 88 -5.63 -0.26 22.89
N GLY C 89 -6.85 -0.48 22.39
CA GLY C 89 -7.82 0.61 22.32
C GLY C 89 -8.26 1.09 23.68
N LEU C 90 -8.33 0.19 24.67
CA LEU C 90 -8.69 0.59 26.02
C LEU C 90 -7.58 1.44 26.66
N TYR C 91 -6.32 1.10 26.37
CA TYR C 91 -5.21 1.91 26.86
C TYR C 91 -5.27 3.33 26.28
N LEU C 92 -5.47 3.42 24.96
CA LEU C 92 -5.51 4.73 24.31
C LEU C 92 -6.67 5.57 24.85
N GLN C 93 -7.83 4.95 25.07
CA GLN C 93 -8.97 5.68 25.62
C GLN C 93 -8.75 6.07 27.07
N TYR C 94 -8.01 5.25 27.83
CA TYR C 94 -7.69 5.57 29.21
C TYR C 94 -6.83 6.83 29.30
N LEU C 95 -5.85 6.95 28.40
CA LEU C 95 -5.02 8.15 28.38
C LEU C 95 -5.85 9.39 28.04
N GLU C 96 -6.76 9.26 27.07
CA GLU C 96 -7.63 10.38 26.73
C GLU C 96 -8.54 10.75 27.88
N HIS C 97 -9.04 9.75 28.61
CA HIS C 97 -9.92 10.01 29.75
C HIS C 97 -9.18 10.76 30.85
N LYS C 98 -7.98 10.27 31.21
CA LYS C 98 -7.22 10.91 32.28
C LYS C 98 -6.71 12.29 31.87
N CYS C 99 -6.44 12.49 30.57
CA CYS C 99 -5.94 13.79 30.12
C CYS C 99 -6.97 14.89 30.27
N ARG C 100 -8.25 14.56 30.39
CA ARG C 100 -9.30 15.54 30.62
C ARG C 100 -9.97 15.41 31.98
N TRP C 101 -10.13 14.20 32.49
CA TRP C 101 -10.85 13.96 33.74
C TRP C 101 -9.92 13.68 34.92
N GLY C 102 -8.60 13.73 34.72
CA GLY C 102 -7.68 13.55 35.81
C GLY C 102 -7.58 14.79 36.68
N ASN C 103 -7.33 14.57 37.97
CA ASN C 103 -7.21 15.66 38.93
C ASN C 103 -5.86 16.35 38.75
N ALA C 104 -5.54 17.27 39.67
CA ALA C 104 -4.29 18.02 39.57
C ALA C 104 -3.08 17.15 39.84
N VAL C 105 -3.26 15.98 40.48
CA VAL C 105 -2.16 15.06 40.70
C VAL C 105 -1.95 14.14 39.50
N GLU C 106 -3.05 13.71 38.87
CA GLU C 106 -2.95 12.73 37.80
C GLU C 106 -2.59 13.36 36.47
N LYS C 107 -3.14 14.56 36.19
CA LYS C 107 -3.07 15.09 34.83
C LYS C 107 -1.65 15.43 34.39
N PRO C 108 -0.79 15.98 35.26
CA PRO C 108 0.61 16.20 34.82
C PRO C 108 1.39 14.91 34.58
N ILE C 109 0.92 13.76 35.07
CA ILE C 109 1.62 12.51 34.85
C ILE C 109 1.18 11.84 33.56
N TYR C 110 -0.13 11.77 33.31
CA TYR C 110 -0.65 11.12 32.12
C TYR C 110 -0.55 11.99 30.87
N ARG C 111 -0.27 13.29 31.02
CA ARG C 111 -0.16 14.15 29.84
C ARG C 111 1.14 13.87 29.07
N ASN C 112 2.25 13.72 29.78
CA ASN C 112 3.54 13.44 29.17
C ASN C 112 3.70 11.98 28.75
N LEU C 113 2.63 11.19 28.79
CA LEU C 113 2.70 9.77 28.49
C LEU C 113 2.25 9.51 27.06
N SER C 114 3.03 8.74 26.32
CA SER C 114 2.60 8.22 25.04
C SER C 114 1.98 6.84 25.26
N LEU C 115 1.81 6.05 24.21
CA LEU C 115 1.23 4.74 24.45
C LEU C 115 2.29 3.94 25.19
N CYS C 116 3.44 3.78 24.55
CA CYS C 116 4.52 2.98 25.10
C CYS C 116 4.99 3.55 26.43
N GLY C 117 5.11 4.88 26.53
CA GLY C 117 5.45 5.49 27.80
C GLY C 117 4.49 5.10 28.89
N PHE C 118 3.20 4.92 28.55
CA PHE C 118 2.25 4.42 29.52
C PHE C 118 2.51 2.95 29.85
N VAL C 119 2.82 2.14 28.84
CA VAL C 119 3.18 0.75 29.09
C VAL C 119 4.44 0.68 29.93
N GLN C 120 5.41 1.54 29.65
CA GLN C 120 6.63 1.59 30.46
C GLN C 120 6.31 1.96 31.90
N ARG C 121 5.36 2.87 32.10
CA ARG C 121 4.92 3.19 33.46
C ARG C 121 4.35 1.96 34.16
N LEU C 122 3.52 1.19 33.46
CA LEU C 122 2.94 -0.02 34.02
C LEU C 122 4.00 -1.09 34.31
N LEU C 123 5.22 -0.93 33.79
CA LEU C 123 6.28 -1.91 34.00
C LEU C 123 7.21 -1.54 35.15
N VAL C 124 7.67 -0.29 35.20
CA VAL C 124 8.65 0.09 36.20
C VAL C 124 8.00 0.59 37.50
N LYS C 125 6.87 1.27 37.41
CA LYS C 125 6.22 1.79 38.61
C LYS C 125 5.45 0.73 39.37
N ARG C 126 5.52 -0.53 38.95
CA ARG C 126 4.98 -1.63 39.73
C ARG C 126 5.69 -1.74 41.07
N CYS C 127 5.05 -2.42 42.01
CA CYS C 127 5.77 -2.89 43.18
C CYS C 127 6.56 -4.13 42.81
N ALA C 128 7.56 -4.44 43.65
CA ALA C 128 8.20 -5.74 43.53
C ALA C 128 7.28 -6.83 44.08
N SER C 129 6.71 -6.60 45.26
CA SER C 129 5.75 -7.51 45.87
C SER C 129 4.46 -6.76 46.14
N PHE C 130 3.33 -7.43 45.91
CA PHE C 130 2.01 -6.83 46.11
C PHE C 130 1.00 -7.97 46.12
N PHE C 131 0.64 -8.43 47.33
CA PHE C 131 -0.25 -9.58 47.47
C PHE C 131 -1.10 -9.40 48.72
N ALA C 132 -1.88 -10.44 49.03
CA ALA C 132 -2.76 -10.49 50.20
C ALA C 132 -3.91 -9.50 50.10
N ARG C 133 -4.90 -9.64 50.98
CA ARG C 133 -6.09 -8.79 50.93
C ARG C 133 -5.80 -7.38 51.47
N ASN C 134 -4.88 -7.26 52.42
CA ASN C 134 -4.52 -5.96 52.98
C ASN C 134 -3.43 -5.26 52.19
N ASP C 135 -3.09 -5.77 51.00
CA ASP C 135 -2.13 -5.13 50.10
C ASP C 135 -0.75 -4.97 50.74
N LYS C 136 -0.22 -6.07 51.24
CA LYS C 136 1.17 -6.09 51.70
C LYS C 136 2.09 -5.91 50.50
N TYR C 137 2.98 -4.92 50.58
CA TYR C 137 3.76 -4.53 49.41
C TYR C 137 5.23 -4.36 49.77
N LEU C 138 6.05 -4.37 48.72
CA LEU C 138 7.48 -4.11 48.83
C LEU C 138 7.92 -3.41 47.55
N LEU C 139 8.35 -2.16 47.67
CA LEU C 139 8.78 -1.41 46.50
C LEU C 139 10.20 -1.80 46.10
N VAL C 140 10.56 -1.46 44.85
CA VAL C 140 11.91 -1.73 44.37
C VAL C 140 12.93 -0.96 45.21
N SER C 141 12.55 0.22 45.69
CA SER C 141 13.40 1.03 46.56
C SER C 141 13.53 0.47 47.98
N GLY C 142 13.14 -0.79 48.24
CA GLY C 142 13.29 -1.40 49.53
C GLY C 142 12.23 -1.05 50.56
N GLU C 143 11.32 -0.14 50.22
CA GLU C 143 10.31 0.34 51.15
C GLU C 143 9.11 -0.62 51.19
N SER C 144 8.67 -0.99 52.39
CA SER C 144 7.59 -1.97 52.54
C SER C 144 6.59 -1.52 53.59
N GLY C 145 5.44 -2.18 53.58
CA GLY C 145 4.35 -1.87 54.49
C GLY C 145 3.10 -2.63 54.08
N ALA C 146 1.93 -2.03 54.26
CA ALA C 146 0.69 -2.67 53.87
C ALA C 146 -0.36 -1.60 53.62
N SER C 147 -1.19 -1.82 52.60
CA SER C 147 -2.33 -0.95 52.28
C SER C 147 -1.90 0.47 51.95
N GLY C 148 -2.88 1.36 51.79
CA GLY C 148 -2.62 2.74 51.43
C GLY C 148 -2.68 3.03 49.94
N PHE C 149 -2.94 2.03 49.10
CA PHE C 149 -2.97 2.22 47.67
C PHE C 149 -4.27 2.83 47.17
N GLU C 150 -5.27 2.99 48.04
CA GLU C 150 -6.49 3.70 47.65
C GLU C 150 -6.20 5.18 47.41
N ALA C 151 -5.29 5.75 48.21
CA ALA C 151 -4.99 7.17 48.14
C ALA C 151 -4.08 7.53 46.96
N VAL C 152 -3.49 6.54 46.29
CA VAL C 152 -2.58 6.83 45.18
C VAL C 152 -3.36 7.45 44.04
N GLY C 153 -3.01 8.68 43.68
CA GLY C 153 -3.68 9.39 42.61
C GLY C 153 -4.67 10.44 43.05
N THR C 154 -4.82 10.67 44.35
CA THR C 154 -5.73 11.66 44.88
C THR C 154 -4.95 12.83 45.46
N ARG C 155 -5.69 13.84 45.93
CA ARG C 155 -5.05 15.03 46.49
C ARG C 155 -4.36 14.73 47.82
N GLU C 156 -4.83 13.71 48.54
CA GLU C 156 -4.25 13.38 49.83
C GLU C 156 -3.46 12.08 49.78
N GLU C 157 -2.58 11.95 48.79
CA GLU C 157 -1.72 10.78 48.68
C GLU C 157 -0.47 10.98 49.53
N LYS C 158 -0.12 9.95 50.31
CA LYS C 158 0.99 10.03 51.24
C LYS C 158 2.18 9.23 50.69
N ALA C 159 3.36 9.83 50.80
CA ALA C 159 4.59 9.14 50.40
C ALA C 159 4.83 7.93 51.29
N PRO C 160 5.50 6.89 50.78
CA PRO C 160 6.08 6.77 49.44
C PRO C 160 5.08 6.32 48.38
N LEU C 161 3.79 6.28 48.73
CA LEU C 161 2.75 5.85 47.80
C LEU C 161 2.17 7.07 47.08
N VAL C 162 3.00 7.64 46.21
CA VAL C 162 2.62 8.77 45.36
C VAL C 162 2.52 8.27 43.93
N LEU C 163 1.71 8.98 43.12
CA LEU C 163 1.43 8.52 41.77
C LEU C 163 2.67 8.56 40.89
N ALA C 164 3.61 9.46 41.18
CA ALA C 164 4.83 9.54 40.38
C ALA C 164 5.76 8.36 40.60
N ASN C 165 5.53 7.56 41.64
CA ASN C 165 6.39 6.42 41.95
C ASN C 165 5.70 5.08 41.85
N VAL C 166 4.42 4.99 42.24
CA VAL C 166 3.70 3.72 42.21
C VAL C 166 2.49 3.85 41.30
N LEU C 167 1.72 2.78 41.18
CA LEU C 167 0.52 2.75 40.34
C LEU C 167 -0.72 2.92 41.21
N SER C 168 -1.69 3.65 40.67
CA SER C 168 -3.02 3.71 41.27
C SER C 168 -3.80 2.45 40.93
N TYR C 169 -4.82 2.16 41.73
CA TYR C 169 -5.74 1.07 41.40
C TYR C 169 -6.33 1.20 39.99
N ASP C 170 -6.48 2.42 39.48
CA ASP C 170 -6.89 2.55 38.09
C ASP C 170 -5.81 1.98 37.17
N ASP C 171 -4.55 2.30 37.46
CA ASP C 171 -3.44 1.81 36.66
C ASP C 171 -3.29 0.30 36.80
N ILE C 172 -3.37 -0.21 38.04
CA ILE C 172 -3.18 -1.64 38.27
C ILE C 172 -4.26 -2.44 37.56
N LYS C 173 -5.47 -1.89 37.46
CA LYS C 173 -6.54 -2.58 36.76
C LYS C 173 -6.20 -2.76 35.28
N LEU C 174 -5.55 -1.76 34.68
CA LEU C 174 -5.12 -1.90 33.30
C LEU C 174 -3.91 -2.82 33.19
N SER C 175 -2.99 -2.75 34.16
CA SER C 175 -1.81 -3.60 34.14
C SER C 175 -2.15 -5.07 34.27
N ALA C 176 -3.33 -5.39 34.80
CA ALA C 176 -3.79 -6.77 34.84
C ALA C 176 -4.08 -7.35 33.46
N LEU C 177 -4.19 -6.50 32.45
CA LEU C 177 -4.32 -6.93 31.07
C LEU C 177 -3.00 -6.89 30.31
N LEU C 178 -1.88 -6.73 31.03
CA LEU C 178 -0.56 -6.62 30.44
C LEU C 178 0.24 -7.86 30.80
N SER C 179 0.66 -8.62 29.80
CA SER C 179 1.45 -9.82 29.98
C SER C 179 2.87 -9.60 29.48
N VAL C 180 3.80 -10.40 30.01
CA VAL C 180 5.18 -10.44 29.54
C VAL C 180 5.49 -11.88 29.15
N SER C 181 6.14 -12.05 28.01
CA SER C 181 6.39 -13.37 27.45
C SER C 181 7.81 -13.43 26.90
N SER C 182 8.38 -14.64 26.94
CA SER C 182 9.74 -14.86 26.44
C SER C 182 10.01 -16.35 26.41
N ARG C 183 10.98 -16.74 25.59
CA ARG C 183 11.62 -18.03 25.75
C ARG C 183 12.42 -18.05 27.05
N THR C 184 12.61 -19.23 27.62
CA THR C 184 13.31 -19.33 28.88
C THR C 184 13.93 -20.70 29.03
N GLU C 185 14.92 -20.78 29.92
CA GLU C 185 15.44 -22.06 30.39
C GLU C 185 14.64 -22.49 31.62
N PHE C 186 14.39 -23.79 31.72
CA PHE C 186 13.67 -24.36 32.86
C PHE C 186 14.69 -24.88 33.86
N VAL C 187 14.84 -24.16 34.98
CA VAL C 187 15.84 -24.55 35.97
C VAL C 187 15.47 -25.88 36.60
N ASN C 188 14.18 -26.09 36.88
CA ASN C 188 13.69 -27.39 37.35
C ASN C 188 12.29 -27.60 36.78
N GLU C 189 11.62 -28.66 37.25
CA GLU C 189 10.35 -29.05 36.66
C GLU C 189 9.22 -28.06 36.96
N GLY C 190 9.34 -27.26 38.01
CA GLY C 190 8.40 -26.20 38.26
C GLY C 190 7.24 -26.53 39.17
N GLU C 191 7.30 -27.63 39.92
CA GLU C 191 6.28 -27.89 40.92
C GLU C 191 6.25 -26.75 41.94
N ARG C 192 5.12 -26.65 42.66
CA ARG C 192 4.94 -25.53 43.57
C ARG C 192 6.02 -25.48 44.64
N THR C 193 6.53 -26.64 45.06
CA THR C 193 7.55 -26.73 46.10
C THR C 193 8.94 -26.97 45.51
N ASN C 194 9.25 -26.41 44.34
CA ASN C 194 10.53 -26.66 43.70
C ASN C 194 11.66 -25.86 44.35
N CYS C 195 11.46 -24.54 44.50
CA CYS C 195 12.24 -23.72 45.40
C CYS C 195 13.65 -23.45 44.90
N GLY C 196 13.82 -23.39 43.57
CA GLY C 196 15.15 -23.23 43.01
C GLY C 196 16.05 -24.43 43.13
N HIS C 197 15.57 -25.55 43.66
CA HIS C 197 16.39 -26.74 43.73
C HIS C 197 16.70 -27.26 42.33
N VAL C 198 17.94 -27.67 42.11
CA VAL C 198 18.42 -28.12 40.82
C VAL C 198 18.93 -29.55 40.96
N ASP C 199 18.55 -30.40 40.01
CA ASP C 199 19.06 -31.77 39.91
C ASP C 199 19.86 -31.85 38.61
N LEU C 200 21.19 -31.76 38.73
CA LEU C 200 22.05 -31.75 37.55
C LEU C 200 22.06 -33.07 36.80
N ASN C 201 21.52 -34.14 37.39
CA ASN C 201 21.50 -35.46 36.75
C ASN C 201 20.10 -35.87 36.31
N THR C 202 19.14 -34.94 36.31
CA THR C 202 17.77 -35.31 35.99
C THR C 202 17.62 -35.63 34.50
N LYS C 203 16.77 -36.60 34.21
CA LYS C 203 16.43 -36.98 32.84
C LYS C 203 14.98 -36.69 32.50
N THR C 204 14.26 -36.01 33.40
CA THR C 204 12.83 -35.76 33.24
C THR C 204 12.51 -34.27 33.18
N LEU C 205 13.45 -33.47 32.69
CA LEU C 205 13.30 -32.02 32.66
C LEU C 205 13.42 -31.53 31.22
N GLU C 206 12.39 -30.84 30.74
CA GLU C 206 12.48 -30.13 29.47
C GLU C 206 13.39 -28.92 29.64
N ARG C 207 14.45 -28.84 28.83
CA ARG C 207 15.50 -27.87 29.08
C ARG C 207 15.01 -26.44 28.85
N HIS C 208 14.37 -26.18 27.72
CA HIS C 208 13.96 -24.82 27.37
C HIS C 208 12.54 -24.84 26.82
N GLY C 209 11.96 -23.64 26.72
CA GLY C 209 10.61 -23.47 26.22
C GLY C 209 10.20 -22.02 26.22
N VAL C 210 8.90 -21.76 26.42
CA VAL C 210 8.37 -20.40 26.45
C VAL C 210 7.57 -20.24 27.74
N ILE C 211 7.78 -19.13 28.43
CA ILE C 211 7.06 -18.79 29.66
C ILE C 211 6.23 -17.53 29.39
N VAL C 212 4.97 -17.55 29.82
CA VAL C 212 4.06 -16.44 29.57
C VAL C 212 3.30 -16.15 30.86
N GLY C 213 3.36 -14.90 31.32
CA GLY C 213 2.67 -14.50 32.53
C GLY C 213 1.24 -14.06 32.30
N MET C 214 0.29 -14.85 32.81
CA MET C 214 -1.13 -14.52 32.72
C MET C 214 -1.61 -13.97 34.05
N ILE C 215 -2.57 -13.03 33.98
CA ILE C 215 -3.10 -12.36 35.16
C ILE C 215 -4.60 -12.63 35.23
N GLY C 216 -5.03 -13.29 36.29
CA GLY C 216 -6.44 -13.53 36.51
C GLY C 216 -7.15 -12.27 36.96
N ALA C 217 -8.42 -12.45 37.32
CA ALA C 217 -9.27 -11.36 37.77
C ALA C 217 -9.22 -11.30 39.29
N ARG C 218 -8.72 -10.18 39.83
CA ARG C 218 -8.73 -9.95 41.27
C ARG C 218 -10.09 -9.42 41.66
N LEU C 219 -10.85 -10.21 42.42
CA LEU C 219 -12.17 -9.83 42.88
C LEU C 219 -12.27 -9.71 44.40
N SER C 220 -11.17 -9.90 45.11
CA SER C 220 -11.18 -9.85 46.57
C SER C 220 -11.17 -8.42 47.11
N ARG C 221 -10.82 -7.44 46.28
CA ARG C 221 -10.76 -6.04 46.70
C ARG C 221 -12.05 -5.36 46.24
N ARG C 222 -12.90 -5.03 47.20
CA ARG C 222 -14.22 -4.50 46.88
C ARG C 222 -14.10 -3.13 46.23
N ASN C 223 -14.98 -2.86 45.27
CA ASN C 223 -15.08 -1.62 44.50
C ASN C 223 -13.83 -1.33 43.67
N LEU C 224 -12.91 -2.29 43.56
CA LEU C 224 -11.62 -2.03 42.92
C LEU C 224 -11.29 -3.13 41.92
N MET C 225 -10.65 -2.72 40.82
CA MET C 225 -10.20 -3.59 39.73
C MET C 225 -11.38 -4.43 39.24
N GLU C 226 -11.21 -5.74 39.02
CA GLU C 226 -12.23 -6.52 38.32
C GLU C 226 -13.53 -6.62 39.09
N PHE C 227 -13.54 -6.29 40.39
CA PHE C 227 -14.78 -6.17 41.13
C PHE C 227 -15.70 -5.12 40.50
N GLN C 228 -15.13 -4.07 39.91
CA GLN C 228 -15.93 -2.99 39.36
C GLN C 228 -16.78 -3.45 38.19
N ASP C 229 -16.38 -4.53 37.53
CA ASP C 229 -16.97 -4.92 36.26
C ASP C 229 -17.73 -6.23 36.34
N ILE C 230 -17.36 -7.12 37.25
CA ILE C 230 -17.89 -8.46 37.31
C ILE C 230 -18.87 -8.65 38.47
N VAL C 231 -18.65 -7.99 39.60
CA VAL C 231 -19.53 -8.09 40.75
C VAL C 231 -20.48 -6.90 40.75
N ILE C 232 -21.78 -7.17 40.84
CA ILE C 232 -22.80 -6.15 40.95
C ILE C 232 -23.11 -6.00 42.44
N ALA C 233 -22.60 -4.92 43.04
CA ALA C 233 -22.72 -4.69 44.46
C ALA C 233 -23.71 -3.55 44.74
N ARG C 234 -24.26 -3.55 45.95
CA ARG C 234 -25.29 -2.58 46.30
C ARG C 234 -24.73 -1.17 46.37
N GLN C 235 -23.52 -1.00 46.91
CA GLN C 235 -22.96 0.32 47.11
C GLN C 235 -22.08 0.78 45.95
N GLN C 236 -21.61 -0.14 45.12
CA GLN C 236 -20.82 0.22 43.96
C GLN C 236 -21.69 0.51 42.74
N ASN C 237 -22.67 -0.36 42.48
CA ASN C 237 -23.45 -0.30 41.25
C ASN C 237 -24.65 0.64 41.44
N THR C 238 -24.32 1.91 41.62
CA THR C 238 -25.30 2.98 41.66
C THR C 238 -25.05 3.93 40.49
N ARG C 239 -26.01 4.84 40.26
CA ARG C 239 -25.89 5.74 39.11
C ARG C 239 -25.00 6.93 39.42
N GLU C 240 -25.07 7.47 40.64
CA GLU C 240 -24.18 8.57 40.97
C GLU C 240 -22.72 8.18 40.80
N ARG C 241 -22.43 6.89 40.84
CA ARG C 241 -21.09 6.37 40.57
C ARG C 241 -20.85 6.08 39.10
N GLY C 242 -21.83 6.32 38.23
CA GLY C 242 -21.65 6.20 36.80
C GLY C 242 -22.15 4.91 36.17
N TYR C 243 -22.78 4.04 36.94
CA TYR C 243 -23.21 2.74 36.41
C TYR C 243 -24.57 2.83 35.73
N GLY C 244 -24.76 2.00 34.72
CA GLY C 244 -26.07 1.82 34.11
C GLY C 244 -26.38 2.72 32.94
N MET C 245 -25.37 3.31 32.31
CA MET C 245 -25.61 4.18 31.16
C MET C 245 -25.67 3.36 29.87
N ALA C 246 -26.46 3.84 28.93
CA ALA C 246 -26.62 3.16 27.66
C ALA C 246 -25.48 3.53 26.71
N LEU C 247 -25.46 2.84 25.57
CA LEU C 247 -24.48 3.18 24.53
C LEU C 247 -24.80 4.55 23.95
N ASP C 248 -23.73 5.25 23.56
CA ASP C 248 -23.81 6.58 22.95
C ASP C 248 -24.33 7.64 23.92
N GLU C 249 -24.78 7.23 25.11
CA GLU C 249 -25.12 8.17 26.17
C GLU C 249 -23.86 8.93 26.56
N PRO C 250 -23.78 10.23 26.27
CA PRO C 250 -22.52 10.96 26.52
C PRO C 250 -22.28 11.11 28.01
N ALA C 251 -21.06 10.78 28.43
CA ALA C 251 -20.67 10.89 29.83
C ALA C 251 -20.34 12.34 30.17
N THR C 252 -20.86 12.81 31.31
CA THR C 252 -20.67 14.19 31.72
C THR C 252 -20.00 14.33 33.08
N THR C 253 -19.66 13.23 33.73
CA THR C 253 -18.95 13.27 35.00
C THR C 253 -17.66 12.49 34.88
N ARG C 254 -16.79 12.65 35.88
CA ARG C 254 -15.56 11.90 35.85
C ARG C 254 -15.81 10.41 36.03
N ASP C 255 -16.79 10.06 36.86
CA ASP C 255 -17.11 8.65 37.10
C ASP C 255 -17.81 8.03 35.91
N GLU C 256 -18.62 8.80 35.20
CA GLU C 256 -19.36 8.24 34.05
C GLU C 256 -18.42 7.97 32.88
N ASP C 257 -17.42 8.84 32.68
CA ASP C 257 -16.44 8.58 31.63
C ASP C 257 -15.58 7.37 31.96
N TYR C 258 -15.29 7.15 33.25
CA TYR C 258 -14.55 5.96 33.65
C TYR C 258 -15.36 4.70 33.38
N ARG C 259 -16.66 4.73 33.69
CA ARG C 259 -17.51 3.57 33.42
C ARG C 259 -17.66 3.33 31.93
N ARG C 260 -17.62 4.40 31.12
CA ARG C 260 -17.73 4.23 29.67
C ARG C 260 -16.51 3.52 29.10
N LEU C 261 -15.35 3.69 29.74
CA LEU C 261 -14.14 3.00 29.29
C LEU C 261 -14.33 1.49 29.30
N TRP C 262 -14.82 0.95 30.42
CA TRP C 262 -14.97 -0.48 30.56
C TRP C 262 -16.23 -1.01 29.89
N ARG C 263 -17.26 -0.17 29.77
CA ARG C 263 -18.43 -0.55 28.98
C ARG C 263 -18.05 -0.79 27.53
N GLU C 264 -17.17 0.05 26.98
CA GLU C 264 -16.78 -0.09 25.58
C GLU C 264 -15.72 -1.17 25.38
N PHE C 265 -14.91 -1.44 26.42
CA PHE C 265 -13.93 -2.52 26.32
C PHE C 265 -14.62 -3.88 26.27
N TYR C 266 -15.54 -4.13 27.20
CA TYR C 266 -16.29 -5.38 27.22
C TYR C 266 -17.48 -5.36 26.28
N ALA C 267 -17.85 -4.20 25.73
CA ALA C 267 -18.95 -4.06 24.78
C ALA C 267 -20.27 -4.53 25.37
N THR C 268 -20.45 -4.31 26.68
CA THR C 268 -21.71 -4.59 27.35
C THR C 268 -22.06 -3.42 28.26
N ARG C 269 -23.34 -3.32 28.61
CA ARG C 269 -23.75 -2.37 29.63
C ARG C 269 -23.36 -2.87 31.01
N ASP C 270 -22.78 -1.99 31.83
CA ASP C 270 -22.66 -2.31 33.24
C ASP C 270 -24.03 -2.16 33.91
N LEU C 271 -24.15 -2.66 35.13
CA LEU C 271 -25.45 -2.82 35.74
C LEU C 271 -25.56 -2.03 37.05
N ILE C 272 -26.78 -1.60 37.32
CA ILE C 272 -27.17 -0.99 38.58
C ILE C 272 -27.77 -2.06 39.47
N HIS C 273 -27.44 -2.01 40.77
CA HIS C 273 -27.93 -3.02 41.70
C HIS C 273 -29.45 -3.07 41.67
N GLY C 274 -29.99 -4.29 41.64
CA GLY C 274 -31.40 -4.53 41.49
C GLY C 274 -31.82 -4.84 40.07
N GLN C 275 -31.07 -4.34 39.08
CA GLN C 275 -31.33 -4.66 37.68
C GLN C 275 -30.88 -6.07 37.31
N ALA C 276 -30.14 -6.75 38.17
CA ALA C 276 -29.54 -8.05 37.86
C ALA C 276 -30.02 -9.10 38.84
N VAL C 277 -31.05 -9.85 38.45
CA VAL C 277 -31.46 -11.04 39.20
C VAL C 277 -30.49 -12.17 38.93
N ILE C 278 -30.07 -12.86 39.99
CA ILE C 278 -29.34 -14.11 39.86
C ILE C 278 -30.23 -15.13 39.18
N ASP C 279 -29.86 -15.53 37.96
CA ASP C 279 -30.61 -16.51 37.20
C ASP C 279 -29.76 -17.72 36.83
N ASN C 280 -28.50 -17.75 37.25
CA ASN C 280 -27.54 -18.81 36.90
C ASN C 280 -27.36 -18.94 35.39
N GLN C 281 -27.68 -17.88 34.65
CA GLN C 281 -27.41 -17.81 33.22
C GLN C 281 -26.31 -16.77 32.97
N ARG C 282 -26.69 -15.49 32.92
CA ARG C 282 -25.68 -14.44 32.90
C ARG C 282 -25.23 -14.07 34.30
N PHE C 283 -26.13 -14.16 35.28
CA PHE C 283 -25.84 -13.73 36.64
C PHE C 283 -25.85 -14.93 37.58
N GLY C 284 -24.83 -15.02 38.44
CA GLY C 284 -24.72 -16.09 39.38
C GLY C 284 -24.33 -15.60 40.76
N PRO C 285 -24.17 -16.52 41.71
CA PRO C 285 -23.81 -16.13 43.07
C PRO C 285 -22.34 -15.75 43.18
N SER C 286 -22.02 -15.10 44.29
CA SER C 286 -20.66 -14.67 44.61
C SER C 286 -20.28 -15.20 45.98
N LYS C 287 -19.03 -14.94 46.39
CA LYS C 287 -18.60 -15.28 47.73
C LYS C 287 -19.30 -14.45 48.79
N ASN C 288 -19.88 -13.31 48.39
CA ASN C 288 -20.72 -12.50 49.26
C ASN C 288 -22.18 -12.76 48.89
N LYS C 289 -23.02 -12.98 49.89
CA LYS C 289 -24.39 -13.42 49.64
C LYS C 289 -25.20 -12.36 48.90
N MET C 290 -25.03 -11.09 49.26
CA MET C 290 -25.85 -10.03 48.70
C MET C 290 -25.36 -9.54 47.35
N ASP C 291 -24.25 -10.06 46.84
CA ASP C 291 -23.69 -9.60 45.58
C ASP C 291 -24.23 -10.43 44.41
N VAL C 292 -23.93 -9.97 43.20
CA VAL C 292 -24.30 -10.65 41.98
C VAL C 292 -23.05 -10.78 41.10
N PHE C 293 -22.80 -11.99 40.61
CA PHE C 293 -21.66 -12.27 39.76
C PHE C 293 -22.10 -12.22 38.29
N ASP C 294 -21.38 -11.45 37.49
CA ASP C 294 -21.71 -11.27 36.07
C ASP C 294 -20.88 -12.27 35.26
N ASN C 295 -21.50 -13.40 34.90
CA ASN C 295 -20.78 -14.44 34.19
C ASN C 295 -20.36 -13.99 32.78
N LEU C 296 -21.13 -13.10 32.16
CA LEU C 296 -20.80 -12.63 30.82
C LEU C 296 -19.49 -11.86 30.82
N VAL C 297 -19.38 -10.85 31.70
CA VAL C 297 -18.16 -10.05 31.76
C VAL C 297 -16.98 -10.91 32.18
N MET C 298 -17.21 -11.94 32.99
CA MET C 298 -16.13 -12.87 33.31
C MET C 298 -15.71 -13.65 32.07
N LYS C 299 -16.69 -14.12 31.29
CA LYS C 299 -16.37 -14.82 30.05
C LYS C 299 -15.56 -13.95 29.12
N ARG C 300 -15.90 -12.66 29.02
CA ARG C 300 -15.20 -11.76 28.12
C ARG C 300 -13.82 -11.35 28.65
N ARG C 301 -13.61 -11.42 29.97
CA ARG C 301 -12.28 -11.11 30.51
C ARG C 301 -11.31 -12.26 30.27
N TYR C 302 -11.75 -13.50 30.53
CA TYR C 302 -10.96 -14.66 30.14
C TYR C 302 -10.78 -14.75 28.62
N ALA C 303 -11.79 -14.35 27.85
CA ALA C 303 -11.66 -14.44 26.40
C ALA C 303 -10.51 -13.58 25.90
N ILE C 304 -10.32 -12.40 26.48
CA ILE C 304 -9.20 -11.55 26.12
C ILE C 304 -7.89 -12.22 26.51
N SER C 305 -7.83 -12.82 27.70
CA SER C 305 -6.61 -13.47 28.15
C SER C 305 -6.29 -14.69 27.28
N PHE C 306 -7.31 -15.51 26.99
CA PHE C 306 -7.08 -16.73 26.23
C PHE C 306 -6.55 -16.41 24.82
N ASP C 307 -7.03 -15.32 24.23
CA ASP C 307 -6.51 -14.90 22.94
C ASP C 307 -5.03 -14.53 23.05
N MET C 308 -4.62 -13.92 24.15
CA MET C 308 -3.22 -13.58 24.35
C MET C 308 -2.36 -14.83 24.38
N LEU C 309 -2.75 -15.81 25.21
CA LEU C 309 -1.92 -17.01 25.38
C LEU C 309 -1.88 -17.85 24.12
N LEU C 310 -3.02 -18.02 23.45
CA LEU C 310 -3.06 -18.89 22.27
C LEU C 310 -2.29 -18.26 21.11
N LEU C 311 -2.50 -16.97 20.85
CA LEU C 311 -1.77 -16.30 19.79
C LEU C 311 -0.28 -16.21 20.08
N GLU C 312 0.10 -16.13 21.35
CA GLU C 312 1.51 -16.09 21.69
C GLU C 312 2.16 -17.46 21.53
N ALA C 313 1.49 -18.52 22.00
CA ALA C 313 2.01 -19.87 21.80
C ALA C 313 2.11 -20.20 20.31
N GLU C 314 1.19 -19.66 19.49
CA GLU C 314 1.24 -19.88 18.06
C GLU C 314 2.45 -19.18 17.44
N ALA C 315 2.65 -17.91 17.79
CA ALA C 315 3.75 -17.15 17.20
C ALA C 315 5.11 -17.71 17.59
N ARG C 316 5.23 -18.19 18.83
CA ARG C 316 6.51 -18.77 19.27
C ARG C 316 6.76 -20.10 18.60
N ALA C 317 5.74 -20.95 18.49
CA ALA C 317 5.91 -22.26 17.88
C ALA C 317 6.15 -22.16 16.38
N LYS C 318 5.55 -21.15 15.73
CA LYS C 318 5.74 -20.99 14.29
C LYS C 318 7.14 -20.50 13.96
N ARG C 319 7.68 -19.61 14.80
CA ARG C 319 9.02 -19.08 14.55
C ARG C 319 10.10 -20.14 14.67
N VAL C 320 9.83 -21.25 15.36
CA VAL C 320 10.78 -22.34 15.52
C VAL C 320 10.33 -23.58 14.77
N LYS C 321 9.28 -23.47 13.95
CA LYS C 321 8.81 -24.56 13.09
C LYS C 321 8.38 -25.79 13.91
N LYS C 322 7.69 -25.54 15.03
CA LYS C 322 7.22 -26.60 15.90
C LYS C 322 5.74 -26.39 16.20
N LEU C 323 5.17 -27.40 16.86
CA LEU C 323 3.79 -27.33 17.35
C LEU C 323 3.84 -27.00 18.83
N ALA C 324 2.93 -26.15 19.30
CA ALA C 324 2.96 -25.70 20.72
C ALA C 324 2.20 -26.62 21.68
N TYR C 325 2.86 -26.95 22.77
CA TYR C 325 2.24 -27.74 23.86
C TYR C 325 2.09 -26.73 24.99
N ILE C 326 0.86 -26.37 25.30
CA ILE C 326 0.62 -25.28 26.26
C ILE C 326 0.27 -25.81 27.65
N HIS C 327 1.15 -25.55 28.61
CA HIS C 327 0.80 -25.86 29.99
C HIS C 327 -0.13 -24.76 30.49
N VAL C 328 -1.41 -25.07 30.59
CA VAL C 328 -2.43 -24.11 30.98
C VAL C 328 -2.69 -24.25 32.47
N VAL C 329 -2.39 -23.20 33.22
CA VAL C 329 -2.72 -23.14 34.63
C VAL C 329 -3.96 -22.27 34.79
N GLY C 330 -4.66 -22.45 35.91
CA GLY C 330 -5.86 -21.69 36.17
C GLY C 330 -5.61 -20.37 36.87
N PHE C 331 -5.15 -19.37 36.12
CA PHE C 331 -4.93 -18.06 36.71
C PHE C 331 -6.26 -17.42 37.09
N GLY C 332 -6.32 -16.88 38.30
CA GLY C 332 -7.57 -16.39 38.86
C GLY C 332 -8.37 -17.44 39.60
N LEU C 333 -7.99 -18.71 39.50
CA LEU C 333 -8.72 -19.81 40.11
C LEU C 333 -8.06 -20.33 41.38
N GLY C 334 -6.91 -19.80 41.77
CA GLY C 334 -6.26 -20.23 42.99
C GLY C 334 -6.68 -19.39 44.19
N VAL C 335 -5.73 -18.63 44.75
CA VAL C 335 -6.06 -17.75 45.86
C VAL C 335 -6.97 -16.61 45.45
N TRP C 336 -7.23 -16.43 44.16
CA TRP C 336 -7.99 -15.30 43.65
C TRP C 336 -9.42 -15.66 43.24
N LYS C 337 -9.83 -16.92 43.36
CA LYS C 337 -11.14 -17.30 42.86
C LYS C 337 -12.22 -16.89 43.85
N ALA C 338 -13.31 -16.34 43.32
CA ALA C 338 -14.38 -15.77 44.13
C ALA C 338 -15.74 -16.42 43.92
N ALA C 339 -15.93 -17.16 42.83
CA ALA C 339 -17.16 -17.88 42.58
C ALA C 339 -16.81 -19.29 42.09
N GLU C 340 -17.60 -20.27 42.51
CA GLU C 340 -17.30 -21.65 42.18
C GLU C 340 -17.57 -21.98 40.71
N GLN C 341 -18.27 -21.12 39.99
CA GLN C 341 -18.54 -21.34 38.57
C GLN C 341 -17.44 -20.79 37.67
N GLN C 342 -16.40 -20.18 38.25
CA GLN C 342 -15.32 -19.61 37.45
C GLN C 342 -14.60 -20.68 36.64
N GLU C 343 -14.42 -21.86 37.22
CA GLU C 343 -13.66 -22.91 36.55
C GLU C 343 -14.35 -23.36 35.26
N ARG C 344 -15.68 -23.52 35.31
CA ARG C 344 -16.41 -23.87 34.09
C ARG C 344 -16.34 -22.75 33.07
N ILE C 345 -16.54 -21.50 33.50
CA ILE C 345 -16.44 -20.37 32.59
C ILE C 345 -15.03 -20.29 31.99
N PHE C 346 -14.02 -20.63 32.79
CA PHE C 346 -12.65 -20.70 32.29
C PHE C 346 -12.55 -21.67 31.11
N MET C 347 -12.94 -22.94 31.33
CA MET C 347 -12.72 -23.96 30.32
C MET C 347 -13.66 -23.79 29.13
N GLU C 348 -14.91 -23.37 29.39
CA GLU C 348 -15.85 -23.13 28.29
C GLU C 348 -15.32 -22.03 27.37
N THR C 349 -14.89 -20.90 27.94
CA THR C 349 -14.38 -19.81 27.13
C THR C 349 -13.09 -20.20 26.41
N PHE C 350 -12.26 -21.03 27.03
CA PHE C 350 -11.03 -21.46 26.39
C PHE C 350 -11.31 -22.28 25.14
N GLU C 351 -12.25 -23.22 25.23
CA GLU C 351 -12.63 -24.01 24.06
C GLU C 351 -13.24 -23.12 22.98
N GLN C 352 -14.03 -22.12 23.39
CA GLN C 352 -14.68 -21.24 22.43
C GLN C 352 -13.66 -20.36 21.70
N ARG C 353 -12.65 -19.88 22.43
CA ARG C 353 -11.61 -19.08 21.78
C ARG C 353 -10.76 -19.92 20.84
N MET C 354 -10.61 -21.21 21.13
CA MET C 354 -9.91 -22.10 20.20
C MET C 354 -10.68 -22.24 18.89
N ARG C 355 -11.97 -22.56 18.98
CA ARG C 355 -12.78 -22.71 17.77
C ARG C 355 -12.91 -21.40 17.02
N THR C 356 -13.04 -20.29 17.76
CA THR C 356 -13.19 -18.99 17.11
C THR C 356 -11.94 -18.62 16.32
N LEU C 357 -10.76 -18.80 16.94
CA LEU C 357 -9.52 -18.51 16.23
C LEU C 357 -9.29 -19.50 15.09
N GLY C 358 -9.65 -20.76 15.29
CA GLY C 358 -9.67 -21.73 14.20
C GLY C 358 -8.29 -21.95 13.59
N ASN C 359 -8.20 -21.70 12.28
CA ASN C 359 -6.96 -21.94 11.56
C ASN C 359 -5.82 -21.06 12.04
N ARG C 360 -6.12 -19.96 12.73
CA ARG C 360 -5.07 -19.11 13.28
C ARG C 360 -4.24 -19.82 14.36
N LEU C 361 -4.67 -21.01 14.80
CA LEU C 361 -3.93 -21.80 15.78
C LEU C 361 -3.34 -23.06 15.16
N ASN C 362 -2.95 -22.99 13.87
CA ASN C 362 -2.45 -24.16 13.18
C ASN C 362 -1.14 -24.67 13.74
N ASN C 363 -0.40 -23.84 14.49
CA ASN C 363 0.84 -24.25 15.11
C ASN C 363 0.67 -24.59 16.59
N VAL C 364 -0.57 -24.65 17.07
CA VAL C 364 -0.86 -25.13 18.41
C VAL C 364 -1.21 -26.61 18.30
N GLY C 365 -0.46 -27.45 19.02
CA GLY C 365 -0.66 -28.88 18.92
C GLY C 365 -1.41 -29.49 20.08
N LEU C 366 -1.23 -28.94 21.27
CA LEU C 366 -1.85 -29.52 22.46
C LEU C 366 -2.00 -28.43 23.52
N VAL C 367 -3.09 -28.53 24.29
CA VAL C 367 -3.31 -27.70 25.47
C VAL C 367 -3.51 -28.64 26.66
N HIS C 368 -2.78 -28.37 27.74
CA HIS C 368 -2.80 -29.21 28.93
C HIS C 368 -3.29 -28.39 30.11
N PHE C 369 -4.50 -28.69 30.58
CA PHE C 369 -5.06 -28.04 31.75
C PHE C 369 -4.57 -28.78 32.99
N SER C 370 -3.62 -28.18 33.70
CA SER C 370 -3.06 -28.78 34.91
C SER C 370 -3.71 -28.17 36.15
N TRP C 371 -4.01 -29.04 37.12
CA TRP C 371 -4.61 -28.65 38.39
C TRP C 371 -5.99 -28.01 38.14
N PHE C 372 -6.86 -28.78 37.51
CA PHE C 372 -8.24 -28.37 37.26
C PHE C 372 -9.18 -29.40 37.87
N SER C 373 -10.26 -28.91 38.49
CA SER C 373 -11.21 -29.79 39.16
C SER C 373 -12.15 -30.48 38.17
N ILE C 374 -12.49 -29.81 37.08
CA ILE C 374 -13.43 -30.33 36.10
C ILE C 374 -12.74 -31.34 35.19
N THR C 375 -13.38 -32.48 34.97
CA THR C 375 -12.83 -33.51 34.09
C THR C 375 -13.45 -33.51 32.70
N HIS C 376 -14.65 -32.94 32.53
CA HIS C 376 -15.32 -32.89 31.24
C HIS C 376 -16.07 -31.57 31.11
N CYS C 377 -15.87 -30.88 29.98
CA CYS C 377 -16.54 -29.62 29.74
C CYS C 377 -16.64 -29.42 28.23
N GLY C 378 -17.84 -29.57 27.69
CA GLY C 378 -18.03 -29.44 26.26
C GLY C 378 -17.21 -30.49 25.53
N GLY C 379 -16.27 -30.04 24.71
CA GLY C 379 -15.34 -30.92 24.03
C GLY C 379 -14.03 -31.13 24.74
N LEU C 380 -13.86 -30.56 25.93
CA LEU C 380 -12.61 -30.66 26.67
C LEU C 380 -12.66 -31.89 27.57
N SER C 381 -11.87 -32.91 27.21
CA SER C 381 -11.67 -34.07 28.06
C SER C 381 -10.25 -34.57 27.85
N ASN C 382 -9.75 -35.31 28.82
CA ASN C 382 -8.38 -35.82 28.75
C ASN C 382 -8.22 -36.74 27.55
N GLY C 383 -7.43 -36.30 26.57
CA GLY C 383 -7.20 -37.06 25.37
C GLY C 383 -8.10 -36.71 24.19
N SER C 384 -9.02 -35.77 24.36
CA SER C 384 -9.94 -35.41 23.30
C SER C 384 -9.22 -34.53 22.26
N LEU C 385 -9.96 -34.18 21.21
CA LEU C 385 -9.41 -33.40 20.10
C LEU C 385 -10.39 -32.29 19.75
N ILE C 386 -9.91 -31.04 19.80
CA ILE C 386 -10.69 -29.90 19.33
C ILE C 386 -10.48 -29.84 17.82
N GLU C 387 -11.42 -30.42 17.06
CA GLU C 387 -11.24 -30.58 15.63
C GLU C 387 -11.26 -29.22 14.93
N ILE C 388 -10.15 -28.90 14.27
CA ILE C 388 -10.05 -27.69 13.46
C ILE C 388 -9.77 -28.10 12.02
N PRO C 389 -10.68 -27.88 11.08
CA PRO C 389 -10.41 -28.25 9.69
C PRO C 389 -9.24 -27.47 9.11
N GLY C 390 -8.34 -28.19 8.44
CA GLY C 390 -7.12 -27.61 7.92
C GLY C 390 -5.94 -27.67 8.86
N HIS C 391 -6.17 -27.90 10.15
CA HIS C 391 -5.07 -28.01 11.11
C HIS C 391 -4.17 -29.18 10.71
N PRO C 392 -2.84 -29.03 10.88
CA PRO C 392 -1.94 -30.13 10.50
C PRO C 392 -2.28 -31.47 11.13
N LYS C 393 -2.53 -31.49 12.45
CA LYS C 393 -2.93 -32.70 13.15
C LYS C 393 -4.43 -32.84 13.25
N ASP C 394 -5.19 -32.18 12.36
CA ASP C 394 -6.65 -32.14 12.32
C ASP C 394 -7.26 -31.41 13.51
N GLY C 395 -6.46 -30.91 14.44
CA GLY C 395 -6.98 -30.21 15.58
C GLY C 395 -5.96 -30.17 16.71
N ILE C 396 -6.39 -29.59 17.82
CA ILE C 396 -5.55 -29.42 18.99
C ILE C 396 -5.92 -30.50 20.00
N ARG C 397 -4.93 -31.31 20.38
CA ARG C 397 -5.13 -32.31 21.42
C ARG C 397 -5.34 -31.63 22.78
N VAL C 398 -6.15 -32.26 23.62
CA VAL C 398 -6.46 -31.74 24.94
C VAL C 398 -6.06 -32.77 25.98
N LEU C 399 -5.47 -32.30 27.07
CA LEU C 399 -5.11 -33.15 28.21
C LEU C 399 -5.50 -32.45 29.49
N ILE C 400 -6.06 -33.21 30.42
CA ILE C 400 -6.45 -32.69 31.74
C ILE C 400 -5.84 -33.63 32.79
N SER C 401 -4.81 -33.15 33.48
CA SER C 401 -4.13 -33.92 34.51
C SER C 401 -3.14 -33.00 35.22
N LYS C 402 -2.78 -33.38 36.44
CA LYS C 402 -1.74 -32.65 37.17
C LYS C 402 -0.39 -32.94 36.52
N ARG C 403 0.29 -31.88 36.07
CA ARG C 403 1.57 -32.02 35.41
C ARG C 403 2.51 -30.93 35.90
N ASN C 404 3.76 -31.30 36.15
CA ASN C 404 4.78 -30.30 36.43
C ASN C 404 4.97 -29.43 35.19
N PRO C 405 5.11 -28.12 35.34
CA PRO C 405 5.22 -27.24 34.16
C PRO C 405 6.30 -27.65 33.18
N ALA C 406 7.46 -28.11 33.66
CA ALA C 406 8.59 -28.45 32.81
C ALA C 406 8.91 -29.94 32.84
N ARG C 407 7.90 -30.78 33.06
CA ARG C 407 8.09 -32.21 32.89
C ARG C 407 8.43 -32.52 31.45
N LYS C 408 9.52 -33.26 31.24
CA LYS C 408 10.04 -33.49 29.89
C LYS C 408 9.00 -34.15 29.01
N LEU C 409 8.81 -33.61 27.81
CA LEU C 409 7.87 -34.15 26.83
C LEU C 409 8.46 -35.43 26.26
N SER C 410 8.25 -36.53 27.00
CA SER C 410 8.81 -37.83 26.62
C SER C 410 7.91 -38.62 25.71
N ASP C 411 6.60 -38.35 25.74
CA ASP C 411 5.68 -39.03 24.85
C ASP C 411 6.09 -38.77 23.39
N PRO C 412 6.21 -39.80 22.56
CA PRO C 412 6.62 -39.56 21.17
C PRO C 412 5.68 -38.65 20.40
N GLU C 413 4.37 -38.71 20.69
CA GLU C 413 3.43 -37.78 20.09
C GLU C 413 3.60 -36.36 20.62
N HIS C 414 4.36 -36.17 21.70
CA HIS C 414 4.64 -34.85 22.24
C HIS C 414 6.09 -34.42 22.08
N ALA C 415 7.00 -35.36 21.80
CA ALA C 415 8.41 -35.02 21.65
C ALA C 415 8.61 -34.16 20.40
N GLY C 416 9.55 -33.22 20.49
CA GLY C 416 9.78 -32.28 19.42
C GLY C 416 8.88 -31.08 19.41
N MET C 417 7.96 -30.98 20.36
CA MET C 417 7.05 -29.84 20.47
C MET C 417 7.69 -28.74 21.30
N LEU C 418 7.16 -27.53 21.16
CA LEU C 418 7.62 -26.38 21.94
C LEU C 418 6.76 -26.25 23.18
N LEU C 419 7.38 -26.39 24.35
CA LEU C 419 6.66 -26.30 25.62
C LEU C 419 6.38 -24.83 25.94
N VAL C 420 5.11 -24.46 25.97
CA VAL C 420 4.67 -23.11 26.30
C VAL C 420 4.00 -23.17 27.66
N VAL C 421 4.63 -22.54 28.66
CA VAL C 421 4.14 -22.57 30.04
C VAL C 421 3.47 -21.24 30.35
N SER C 422 2.24 -21.31 30.86
CA SER C 422 1.55 -20.15 31.41
C SER C 422 1.63 -20.21 32.93
N TYR C 423 1.69 -19.04 33.55
CA TYR C 423 1.69 -18.95 35.01
C TYR C 423 0.86 -17.75 35.45
N ALA C 424 0.32 -17.85 36.66
CA ALA C 424 -0.58 -16.85 37.20
C ALA C 424 0.21 -15.70 37.80
N TRP C 425 0.07 -14.50 37.20
CA TRP C 425 0.86 -13.34 37.56
C TRP C 425 -0.01 -12.33 38.32
N ASP C 426 0.47 -11.09 38.40
CA ASP C 426 -0.16 -10.01 39.15
C ASP C 426 0.18 -8.69 38.48
N GLY C 427 -0.82 -7.82 38.35
CA GLY C 427 -0.63 -6.57 37.62
C GLY C 427 0.27 -5.57 38.31
N ASN C 428 0.48 -5.72 39.62
CA ASN C 428 1.24 -4.74 40.40
C ASN C 428 2.47 -5.37 41.05
N ALA C 429 3.02 -6.42 40.45
CA ALA C 429 4.15 -7.12 41.04
C ALA C 429 5.14 -7.51 39.96
N LEU C 430 6.43 -7.48 40.32
CA LEU C 430 7.46 -8.04 39.47
C LEU C 430 7.28 -9.54 39.36
N PRO C 431 7.85 -10.17 38.32
CA PRO C 431 7.75 -11.63 38.20
C PRO C 431 8.28 -12.33 39.45
N GLY C 432 7.39 -13.03 40.14
CA GLY C 432 7.68 -13.64 41.43
C GLY C 432 6.78 -13.13 42.55
N ASN C 433 6.38 -11.87 42.48
CA ASN C 433 5.58 -11.23 43.52
C ASN C 433 6.19 -11.46 44.89
N GLU C 434 5.57 -12.31 45.71
CA GLU C 434 6.09 -12.60 47.04
C GLU C 434 7.43 -13.34 47.00
N PHE C 435 7.86 -13.79 45.81
CA PHE C 435 9.21 -14.33 45.65
C PHE C 435 10.26 -13.34 46.12
N TRP C 436 9.95 -12.04 46.05
CA TRP C 436 10.86 -10.99 46.52
C TRP C 436 10.77 -10.76 48.02
N MET C 437 10.10 -11.65 48.76
CA MET C 437 10.07 -11.61 50.21
C MET C 437 10.37 -13.00 50.78
N LYS C 438 11.23 -13.74 50.10
CA LYS C 438 11.68 -15.09 50.46
C LYS C 438 10.56 -16.11 50.54
N MET C 439 9.37 -15.77 50.04
CA MET C 439 8.23 -16.70 50.01
C MET C 439 8.23 -17.38 48.65
N LEU C 440 8.66 -18.63 48.61
CA LEU C 440 9.02 -19.30 47.36
C LEU C 440 8.04 -20.35 46.88
N GLN C 441 7.30 -20.99 47.79
CA GLN C 441 6.44 -22.11 47.41
C GLN C 441 4.99 -21.83 47.78
N SER C 442 4.60 -20.57 47.71
CA SER C 442 3.26 -20.11 48.13
C SER C 442 2.28 -20.00 46.95
N THR C 443 2.78 -19.67 45.76
CA THR C 443 1.86 -19.48 44.62
C THR C 443 2.52 -19.77 43.28
N GLY C 444 1.83 -19.35 42.21
CA GLY C 444 2.34 -19.49 40.84
C GLY C 444 3.55 -18.62 40.57
N ASP C 445 3.48 -17.31 40.82
CA ASP C 445 4.74 -16.60 40.62
C ASP C 445 5.89 -17.26 41.35
N SER C 446 5.81 -17.27 42.68
CA SER C 446 6.94 -17.69 43.51
C SER C 446 7.48 -19.04 43.09
N SER C 447 6.60 -19.96 42.67
CA SER C 447 7.07 -21.22 42.13
C SER C 447 7.64 -21.04 40.73
N THR C 448 7.02 -20.20 39.91
CA THR C 448 7.52 -19.97 38.56
C THR C 448 8.85 -19.21 38.59
N ALA C 449 8.95 -18.19 39.45
CA ALA C 449 10.19 -17.44 39.56
C ALA C 449 11.34 -18.28 40.08
N CYS C 450 11.05 -19.37 40.80
CA CYS C 450 12.07 -20.27 41.30
C CYS C 450 12.46 -21.35 40.30
N SER C 451 11.76 -21.46 39.17
CA SER C 451 12.01 -22.51 38.20
C SER C 451 12.30 -22.01 36.80
N THR C 452 12.16 -20.71 36.54
CA THR C 452 12.43 -20.16 35.22
C THR C 452 13.39 -18.97 35.32
N LEU C 453 13.53 -18.21 34.23
CA LEU C 453 14.39 -17.04 34.20
C LEU C 453 13.60 -15.74 34.20
N VAL C 454 12.34 -15.78 34.65
CA VAL C 454 11.50 -14.58 34.59
C VAL C 454 11.96 -13.52 35.56
N ALA C 455 12.62 -13.91 36.65
CA ALA C 455 13.04 -12.93 37.66
C ALA C 455 14.01 -11.92 37.07
N GLU C 456 14.73 -12.29 36.01
CA GLU C 456 15.61 -11.37 35.29
C GLU C 456 15.10 -11.02 33.91
N LEU C 457 14.60 -12.00 33.14
CA LEU C 457 14.24 -11.77 31.76
C LEU C 457 12.89 -11.07 31.59
N HIS C 458 12.02 -11.14 32.60
CA HIS C 458 10.76 -10.41 32.59
C HIS C 458 10.80 -9.22 33.55
N ASN C 459 11.99 -8.82 33.98
CA ASN C 459 12.15 -7.71 34.91
C ASN C 459 12.50 -6.45 34.14
N PRO C 460 11.65 -5.42 34.15
CA PRO C 460 11.98 -4.18 33.42
C PRO C 460 13.14 -3.41 34.03
N TYR C 461 13.59 -3.76 35.23
CA TYR C 461 14.78 -3.15 35.81
C TYR C 461 16.06 -3.89 35.44
N ILE C 462 15.95 -5.12 34.96
CA ILE C 462 17.10 -5.94 34.59
C ILE C 462 17.19 -6.13 33.09
N ASN C 463 16.11 -6.61 32.46
CA ASN C 463 16.04 -6.74 31.01
C ASN C 463 15.45 -5.45 30.43
N THR C 464 16.23 -4.38 30.54
CA THR C 464 15.74 -3.06 30.16
C THR C 464 15.61 -2.91 28.65
N LYS C 465 16.43 -3.62 27.88
CA LYS C 465 16.45 -3.42 26.43
C LYS C 465 15.20 -4.00 25.78
N PHE C 466 14.69 -5.11 26.29
CA PHE C 466 13.59 -5.82 25.66
C PHE C 466 12.30 -5.87 26.47
N CYS C 467 12.37 -5.68 27.78
CA CYS C 467 11.15 -5.63 28.60
C CYS C 467 10.84 -4.18 28.95
N ASN C 468 10.49 -3.43 27.91
CA ASN C 468 10.13 -2.03 28.05
C ASN C 468 8.93 -1.73 27.17
N GLY C 469 8.41 -0.50 27.30
CA GLY C 469 7.24 -0.11 26.52
C GLY C 469 7.52 -0.01 25.04
N GLY C 470 8.75 0.36 24.66
CA GLY C 470 9.09 0.46 23.25
C GLY C 470 9.09 -0.87 22.52
N ASN C 471 9.20 -1.97 23.25
CA ASN C 471 9.16 -3.31 22.67
C ASN C 471 7.79 -3.97 22.83
N LEU C 472 6.75 -3.18 23.08
CA LEU C 472 5.42 -3.73 23.30
C LEU C 472 4.93 -4.46 22.05
N HIS C 473 4.35 -5.63 22.26
CA HIS C 473 3.78 -6.43 21.19
C HIS C 473 2.26 -6.51 21.34
N ILE C 474 1.57 -6.62 20.22
CA ILE C 474 0.11 -6.67 20.17
C ILE C 474 -0.30 -8.08 19.77
N ALA C 475 -1.24 -8.64 20.52
CA ALA C 475 -1.85 -9.93 20.19
C ALA C 475 -3.16 -9.64 19.47
N SER C 476 -3.12 -9.69 18.14
CA SER C 476 -4.30 -9.41 17.32
C SER C 476 -4.74 -10.70 16.63
N PRO C 477 -5.99 -11.14 16.80
CA PRO C 477 -6.44 -12.34 16.08
C PRO C 477 -6.30 -12.22 14.58
N GLU C 478 -6.60 -11.04 14.02
CA GLU C 478 -6.50 -10.87 12.57
C GLU C 478 -5.05 -10.80 12.11
N HIS C 479 -4.19 -10.13 12.88
CA HIS C 479 -2.82 -9.88 12.46
C HIS C 479 -1.79 -10.79 13.13
N GLY C 480 -2.14 -11.43 14.25
CA GLY C 480 -1.18 -12.25 14.97
C GLY C 480 -0.49 -11.48 16.08
N VAL C 481 0.74 -11.87 16.39
CA VAL C 481 1.55 -11.18 17.38
C VAL C 481 2.54 -10.29 16.65
N LEU C 482 2.43 -8.98 16.85
CA LEU C 482 3.23 -8.01 16.11
C LEU C 482 3.78 -6.95 17.07
N HIS C 483 4.98 -6.47 16.76
CA HIS C 483 5.51 -5.31 17.45
C HIS C 483 4.57 -4.12 17.26
N ILE C 484 4.56 -3.22 18.25
CA ILE C 484 3.59 -2.13 18.24
C ILE C 484 3.75 -1.26 16.99
N ALA C 485 5.00 -1.08 16.53
CA ALA C 485 5.23 -0.28 15.33
C ALA C 485 4.60 -0.93 14.11
N GLU C 486 4.79 -2.24 13.95
CA GLU C 486 4.24 -2.93 12.79
C GLU C 486 2.72 -3.04 12.87
N TYR C 487 2.17 -3.20 14.08
CA TYR C 487 0.71 -3.20 14.21
C TYR C 487 0.13 -1.83 13.85
N ALA C 488 0.77 -0.76 14.32
CA ALA C 488 0.28 0.58 13.99
C ALA C 488 0.34 0.84 12.49
N LYS C 489 1.33 0.26 11.80
CA LYS C 489 1.45 0.43 10.36
C LYS C 489 0.37 -0.32 9.58
N ARG C 490 -0.37 -1.21 10.23
CA ARG C 490 -1.45 -1.95 9.57
C ARG C 490 -2.83 -1.43 9.93
N VAL C 491 -2.95 -0.59 10.95
CA VAL C 491 -4.24 -0.04 11.35
C VAL C 491 -4.37 1.44 10.97
N ILE C 492 -3.30 2.21 11.04
CA ILE C 492 -3.36 3.63 10.69
C ILE C 492 -2.95 3.84 9.24
N SER D 5 46.13 -23.76 4.55
CA SER D 5 46.25 -23.97 3.10
C SER D 5 47.35 -23.09 2.51
N TRP D 6 47.66 -23.34 1.24
CA TRP D 6 48.67 -22.56 0.53
C TRP D 6 48.02 -21.40 -0.22
N PRO D 7 48.58 -20.18 -0.15
CA PRO D 7 49.82 -19.88 0.59
C PRO D 7 49.57 -19.61 2.07
N ALA D 8 50.57 -19.86 2.90
CA ALA D 8 50.44 -19.63 4.33
C ALA D 8 50.20 -18.15 4.61
N VAL D 9 49.51 -17.88 5.73
CA VAL D 9 49.21 -16.50 6.12
C VAL D 9 50.39 -15.80 6.74
N THR D 10 51.50 -16.50 6.98
CA THR D 10 52.72 -15.89 7.49
C THR D 10 53.58 -15.26 6.40
N GLY D 11 52.99 -14.97 5.23
CA GLY D 11 53.67 -14.32 4.13
C GLY D 11 54.04 -12.88 4.36
N ASP D 12 53.84 -12.35 5.56
CA ASP D 12 54.23 -10.99 5.89
C ASP D 12 55.74 -10.80 5.95
N SER D 13 56.51 -11.89 5.95
CA SER D 13 57.97 -11.85 5.96
C SER D 13 58.48 -12.54 4.71
N PRO D 14 58.46 -11.86 3.57
CA PRO D 14 58.96 -12.49 2.33
C PRO D 14 60.48 -12.51 2.32
N HIS D 15 61.02 -13.60 1.79
CA HIS D 15 62.47 -13.75 1.68
C HIS D 15 62.91 -13.16 0.34
N LEU D 16 62.98 -11.83 0.31
CA LEU D 16 63.48 -11.10 -0.83
C LEU D 16 65.00 -11.28 -0.94
N THR D 17 65.55 -10.84 -2.06
CA THR D 17 66.99 -10.71 -2.22
C THR D 17 67.39 -9.25 -1.99
N ASN D 18 68.70 -8.98 -2.05
CA ASN D 18 69.18 -7.61 -2.04
C ASN D 18 68.43 -6.77 -3.06
N PHE D 19 68.39 -7.25 -4.30
CA PHE D 19 67.76 -6.53 -5.40
C PHE D 19 66.31 -6.21 -5.09
N GLY D 20 65.53 -7.23 -4.73
CA GLY D 20 64.13 -7.00 -4.44
C GLY D 20 63.91 -6.17 -3.19
N ARG D 21 64.75 -6.40 -2.16
CA ARG D 21 64.59 -5.64 -0.92
C ARG D 21 64.83 -4.16 -1.13
N LYS D 22 65.85 -3.80 -1.92
CA LYS D 22 66.10 -2.39 -2.19
C LYS D 22 64.98 -1.78 -3.02
N LEU D 23 64.45 -2.53 -3.99
CA LEU D 23 63.32 -2.04 -4.75
C LEU D 23 62.09 -1.85 -3.87
N LEU D 24 61.92 -2.70 -2.86
CA LEU D 24 60.81 -2.54 -1.92
C LEU D 24 61.06 -1.36 -0.98
N LYS D 25 62.32 -1.14 -0.59
CA LYS D 25 62.64 0.01 0.25
C LYS D 25 62.38 1.31 -0.49
N ASP D 26 62.64 1.34 -1.80
CA ASP D 26 62.32 2.51 -2.60
C ASP D 26 60.82 2.73 -2.71
N CYS D 27 60.00 1.70 -2.46
CA CYS D 27 58.55 1.85 -2.49
C CYS D 27 58.04 2.63 -1.30
N ARG D 28 58.80 2.71 -0.21
CA ARG D 28 58.36 3.49 0.95
C ARG D 28 58.19 4.96 0.60
N GLN D 29 58.92 5.44 -0.41
CA GLN D 29 58.84 6.83 -0.82
C GLN D 29 57.75 7.09 -1.86
N VAL D 30 57.11 6.05 -2.41
CA VAL D 30 56.01 6.31 -3.33
C VAL D 30 54.90 7.00 -2.54
N GLN D 31 54.28 7.98 -3.14
CA GLN D 31 53.54 8.98 -2.38
C GLN D 31 52.10 8.99 -2.84
N LYS D 32 51.18 8.62 -1.94
CA LYS D 32 49.84 8.21 -2.32
C LYS D 32 49.06 9.37 -2.93
N PRO D 33 48.26 9.12 -3.99
CA PRO D 33 47.50 10.21 -4.63
C PRO D 33 46.29 10.67 -3.83
N ILE D 34 46.36 11.92 -3.34
CA ILE D 34 45.17 12.65 -2.90
C ILE D 34 44.25 12.90 -4.09
N GLY D 35 42.96 12.95 -3.80
CA GLY D 35 41.97 13.32 -4.81
C GLY D 35 41.07 14.41 -4.27
N GLY D 36 40.77 15.38 -5.13
CA GLY D 36 39.91 16.49 -4.75
C GLY D 36 38.62 16.51 -5.54
N TYR D 37 37.95 17.66 -5.54
CA TYR D 37 36.70 17.82 -6.27
C TYR D 37 36.90 17.97 -7.78
N GLU D 38 38.13 17.80 -8.27
CA GLU D 38 38.44 17.96 -9.68
C GLU D 38 38.80 16.63 -10.35
N ASN D 39 38.47 15.51 -9.71
CA ASN D 39 38.80 14.21 -10.31
C ASN D 39 38.01 13.95 -11.58
N LEU D 40 36.80 14.50 -11.69
CA LEU D 40 35.97 14.25 -12.86
C LEU D 40 36.53 14.93 -14.10
N GLY D 41 37.15 16.10 -13.93
CA GLY D 41 37.63 16.85 -15.09
C GLY D 41 38.68 16.09 -15.88
N ASN D 42 39.67 15.52 -15.17
CA ASN D 42 40.71 14.77 -15.86
C ASN D 42 40.14 13.55 -16.56
N VAL D 43 39.12 12.92 -15.98
CA VAL D 43 38.53 11.73 -16.59
C VAL D 43 37.68 12.11 -17.79
N ILE D 44 36.92 13.20 -17.69
CA ILE D 44 36.10 13.65 -18.81
C ILE D 44 37.00 14.09 -19.96
N LYS D 45 38.08 14.82 -19.65
CA LYS D 45 39.00 15.27 -20.69
C LYS D 45 39.62 14.09 -21.42
N LEU D 46 40.26 13.17 -20.68
CA LEU D 46 41.00 12.08 -21.29
C LEU D 46 40.07 11.07 -21.96
N SER D 47 38.83 10.96 -21.49
CA SER D 47 37.88 10.08 -22.16
C SER D 47 37.46 10.65 -23.51
N ALA D 48 37.28 11.97 -23.59
CA ALA D 48 36.94 12.60 -24.85
C ALA D 48 38.10 12.57 -25.82
N GLU D 49 39.34 12.71 -25.31
CA GLU D 49 40.54 12.68 -26.13
C GLU D 49 41.13 11.29 -26.26
N PHE D 50 40.35 10.25 -25.96
CA PHE D 50 40.83 8.88 -26.12
C PHE D 50 40.79 8.49 -27.60
N PRO D 51 41.85 7.88 -28.14
CA PRO D 51 41.89 7.66 -29.59
C PRO D 51 40.89 6.64 -30.09
N LEU D 52 40.56 5.62 -29.30
CA LEU D 52 39.63 4.59 -29.73
C LEU D 52 38.20 4.92 -29.32
N GLU D 53 37.24 4.45 -30.12
CA GLU D 53 35.83 4.67 -29.84
C GLU D 53 35.30 3.57 -28.93
N PHE D 54 34.54 3.97 -27.92
CA PHE D 54 33.98 3.02 -26.98
C PHE D 54 33.03 2.06 -27.69
N GLY D 55 32.94 0.84 -27.16
CA GLY D 55 31.96 -0.11 -27.68
C GLY D 55 30.54 0.39 -27.50
N VAL D 56 30.25 0.97 -26.33
CA VAL D 56 29.00 1.68 -26.09
C VAL D 56 29.35 2.99 -25.39
N ASN D 57 28.67 4.07 -25.78
CA ASN D 57 28.91 5.37 -25.19
C ASN D 57 28.12 5.60 -23.91
N SER D 58 27.19 4.71 -23.57
CA SER D 58 26.32 4.90 -22.41
C SER D 58 27.02 4.68 -21.08
N VAL D 59 28.30 4.31 -21.08
CA VAL D 59 29.04 4.08 -19.84
C VAL D 59 29.99 5.23 -19.53
N LYS D 60 29.94 6.31 -20.30
CA LYS D 60 30.82 7.43 -20.07
C LYS D 60 30.30 8.30 -18.91
N VAL D 61 31.23 9.00 -18.27
CA VAL D 61 30.86 9.90 -17.17
C VAL D 61 29.94 11.00 -17.68
N TYR D 62 30.32 11.64 -18.79
CA TYR D 62 29.61 12.83 -19.26
C TYR D 62 28.13 12.55 -19.53
N ARG D 63 27.74 11.29 -19.66
CA ARG D 63 26.36 10.94 -20.00
C ARG D 63 25.61 10.34 -18.82
N GLN D 64 26.16 10.40 -17.61
CA GLN D 64 25.44 10.01 -16.42
C GLN D 64 24.66 11.20 -15.86
N SER D 65 23.80 10.92 -14.90
CA SER D 65 22.95 11.97 -14.34
C SER D 65 23.80 12.97 -13.55
N PRO D 66 23.50 14.27 -13.65
CA PRO D 66 24.28 15.26 -12.88
C PRO D 66 24.20 15.06 -11.38
N SER D 67 23.09 14.53 -10.86
CA SER D 67 22.96 14.32 -9.42
C SER D 67 23.81 13.17 -8.92
N ARG D 68 24.48 12.43 -9.81
CA ARG D 68 25.35 11.33 -9.41
C ARG D 68 26.82 11.63 -9.67
N LEU D 69 27.15 12.84 -10.12
CA LEU D 69 28.54 13.16 -10.43
C LEU D 69 29.38 13.36 -9.17
N ALA D 70 28.75 13.78 -8.07
CA ALA D 70 29.49 13.91 -6.81
C ALA D 70 29.99 12.56 -6.32
N ARG D 71 29.19 11.51 -6.51
CA ARG D 71 29.59 10.17 -6.09
C ARG D 71 30.56 9.55 -7.08
N ILE D 72 30.38 9.82 -8.38
CA ILE D 72 31.32 9.33 -9.39
C ILE D 72 32.70 9.95 -9.17
N ASN D 73 32.74 11.19 -8.66
CA ASN D 73 34.01 11.79 -8.29
C ASN D 73 34.74 10.94 -7.25
N GLU D 74 34.00 10.41 -6.27
CA GLU D 74 34.60 9.52 -5.28
C GLU D 74 34.99 8.18 -5.89
N GLU D 75 34.24 7.72 -6.90
CA GLU D 75 34.55 6.43 -7.52
C GLU D 75 35.81 6.51 -8.37
N VAL D 76 36.07 7.66 -9.00
CA VAL D 76 37.33 7.84 -9.72
C VAL D 76 38.50 7.71 -8.76
N ALA D 77 38.40 8.34 -7.58
CA ALA D 77 39.45 8.26 -6.58
C ALA D 77 39.54 6.89 -5.91
N SER D 78 38.60 5.99 -6.18
CA SER D 78 38.58 4.69 -5.54
C SER D 78 39.31 3.61 -6.33
N ALA D 79 39.68 3.88 -7.58
CA ALA D 79 40.33 2.88 -8.42
C ALA D 79 41.81 2.75 -8.06
N TYR D 80 42.31 1.51 -8.12
CA TYR D 80 43.73 1.26 -7.95
C TYR D 80 44.05 -0.14 -8.47
N PRO D 81 45.27 -0.39 -8.92
CA PRO D 81 45.70 -1.76 -9.21
C PRO D 81 46.02 -2.51 -7.93
N LEU D 82 45.95 -3.83 -8.02
CA LEU D 82 46.06 -4.68 -6.83
C LEU D 82 46.73 -6.00 -7.19
N ILE D 83 47.70 -6.40 -6.38
CA ILE D 83 48.36 -7.69 -6.51
C ILE D 83 48.50 -8.32 -5.14
N HIS D 84 48.68 -9.64 -5.15
CA HIS D 84 48.95 -10.38 -3.92
C HIS D 84 50.37 -10.13 -3.45
N GLU D 85 50.60 -10.28 -2.15
CA GLU D 85 51.95 -10.11 -1.63
C GLU D 85 52.89 -11.18 -2.18
N ARG D 86 52.37 -12.37 -2.46
CA ARG D 86 53.15 -13.37 -3.18
C ARG D 86 53.52 -12.86 -4.57
N THR D 87 52.58 -12.18 -5.24
CA THR D 87 52.87 -11.60 -6.55
C THR D 87 53.89 -10.47 -6.44
N LEU D 88 53.90 -9.76 -5.30
CA LEU D 88 54.91 -8.74 -5.07
C LEU D 88 56.32 -9.32 -5.10
N GLY D 89 56.50 -10.48 -4.47
CA GLY D 89 57.79 -11.14 -4.53
C GLY D 89 58.13 -11.65 -5.92
N LEU D 90 57.11 -12.08 -6.67
CA LEU D 90 57.35 -12.57 -8.02
C LEU D 90 57.74 -11.43 -8.96
N TYR D 91 57.03 -10.29 -8.87
CA TYR D 91 57.37 -9.13 -9.68
C TYR D 91 58.79 -8.66 -9.40
N LEU D 92 59.10 -8.43 -8.13
CA LEU D 92 60.44 -7.99 -7.74
C LEU D 92 61.53 -8.93 -8.23
N GLN D 93 61.28 -10.25 -8.22
CA GLN D 93 62.28 -11.30 -8.60
C GLN D 93 62.40 -11.43 -10.10
N TYR D 94 61.33 -11.09 -10.78
CA TYR D 94 61.34 -11.10 -12.24
C TYR D 94 62.11 -9.91 -12.80
N LEU D 95 61.99 -8.75 -12.15
CA LEU D 95 62.82 -7.61 -12.54
C LEU D 95 64.29 -7.96 -12.40
N GLU D 96 64.62 -8.71 -11.35
CA GLU D 96 66.00 -9.18 -11.15
C GLU D 96 66.39 -10.12 -12.30
N HIS D 97 65.50 -11.01 -12.67
CA HIS D 97 65.80 -11.98 -13.72
C HIS D 97 66.01 -11.30 -15.07
N LYS D 98 65.18 -10.31 -15.38
CA LYS D 98 65.33 -9.59 -16.65
C LYS D 98 66.56 -8.70 -16.64
N CYS D 99 66.95 -8.19 -15.46
CA CYS D 99 68.12 -7.32 -15.38
C CYS D 99 69.43 -8.04 -15.66
N ARG D 100 69.45 -9.36 -15.51
CA ARG D 100 70.67 -10.14 -15.76
C ARG D 100 70.58 -11.04 -16.97
N TRP D 101 69.44 -11.69 -17.20
CA TRP D 101 69.28 -12.63 -18.29
C TRP D 101 68.58 -12.04 -19.51
N GLY D 102 68.19 -10.77 -19.45
CA GLY D 102 67.58 -10.14 -20.61
C GLY D 102 68.55 -9.97 -21.76
N ASN D 103 68.00 -9.82 -22.95
CA ASN D 103 68.80 -9.62 -24.15
C ASN D 103 68.98 -8.13 -24.41
N ALA D 104 69.56 -7.79 -25.57
CA ALA D 104 69.82 -6.38 -25.89
C ALA D 104 68.53 -5.57 -26.02
N VAL D 105 67.40 -6.23 -26.26
CA VAL D 105 66.14 -5.52 -26.40
C VAL D 105 65.45 -5.32 -25.05
N GLU D 106 65.61 -6.25 -24.11
CA GLU D 106 64.90 -6.17 -22.84
C GLU D 106 65.62 -5.29 -21.81
N LYS D 107 66.95 -5.31 -21.80
CA LYS D 107 67.69 -4.57 -20.79
C LYS D 107 67.38 -3.07 -20.74
N PRO D 108 67.26 -2.35 -21.88
CA PRO D 108 66.91 -0.92 -21.78
C PRO D 108 65.53 -0.64 -21.21
N ILE D 109 64.68 -1.66 -21.04
CA ILE D 109 63.35 -1.46 -20.48
C ILE D 109 63.31 -1.84 -19.01
N TYR D 110 64.09 -2.84 -18.60
CA TYR D 110 64.02 -3.36 -17.25
C TYR D 110 65.18 -2.93 -16.34
N ARG D 111 66.19 -2.24 -16.88
CA ARG D 111 67.48 -2.07 -16.19
C ARG D 111 67.30 -1.54 -14.76
N ASN D 112 66.65 -0.39 -14.62
CA ASN D 112 66.41 0.21 -13.31
C ASN D 112 64.94 0.56 -13.14
N LEU D 113 64.08 -0.39 -13.50
CA LEU D 113 62.64 -0.22 -13.32
C LEU D 113 62.26 -0.38 -11.86
N SER D 114 61.65 0.65 -11.29
CA SER D 114 61.02 0.48 -10.00
C SER D 114 59.84 -0.49 -10.13
N LEU D 115 59.38 -1.01 -9.00
CA LEU D 115 58.23 -1.90 -9.06
C LEU D 115 56.93 -1.14 -9.35
N CYS D 116 56.79 0.10 -8.89
CA CYS D 116 55.63 0.87 -9.30
C CYS D 116 55.68 1.22 -10.78
N GLY D 117 56.88 1.44 -11.32
CA GLY D 117 57.01 1.67 -12.74
C GLY D 117 56.79 0.42 -13.58
N PHE D 118 57.12 -0.76 -13.02
CA PHE D 118 56.86 -2.00 -13.73
C PHE D 118 55.37 -2.32 -13.75
N VAL D 119 54.66 -2.01 -12.67
CA VAL D 119 53.21 -2.14 -12.66
C VAL D 119 52.60 -1.19 -13.68
N GLN D 120 53.16 0.02 -13.80
CA GLN D 120 52.67 0.97 -14.78
C GLN D 120 52.84 0.44 -16.20
N ARG D 121 53.98 -0.19 -16.48
CA ARG D 121 54.21 -0.77 -17.80
C ARG D 121 53.15 -1.83 -18.11
N LEU D 122 52.84 -2.69 -17.13
CA LEU D 122 51.79 -3.70 -17.33
C LEU D 122 50.44 -3.06 -17.60
N LEU D 123 50.22 -1.83 -17.16
CA LEU D 123 48.93 -1.17 -17.35
C LEU D 123 48.84 -0.44 -18.68
N VAL D 124 49.83 0.40 -19.01
CA VAL D 124 49.73 1.22 -20.21
C VAL D 124 50.07 0.42 -21.46
N LYS D 125 51.09 -0.44 -21.40
CA LYS D 125 51.52 -1.20 -22.57
C LYS D 125 50.58 -2.37 -22.88
N ARG D 126 49.46 -2.48 -22.19
CA ARG D 126 48.43 -3.44 -22.56
C ARG D 126 47.90 -3.13 -23.95
N CYS D 127 47.35 -4.16 -24.59
CA CYS D 127 46.53 -3.92 -25.75
C CYS D 127 45.15 -3.43 -25.32
N ALA D 128 44.45 -2.77 -26.24
CA ALA D 128 43.03 -2.51 -26.00
C ALA D 128 42.24 -3.81 -26.07
N SER D 129 42.41 -4.56 -27.15
CA SER D 129 41.82 -5.87 -27.31
C SER D 129 42.90 -6.91 -27.56
N PHE D 130 42.71 -8.11 -27.00
CA PHE D 130 43.68 -9.19 -27.16
C PHE D 130 42.93 -10.48 -26.75
N PHE D 131 42.36 -11.15 -27.75
CA PHE D 131 41.51 -12.30 -27.49
C PHE D 131 41.69 -13.33 -28.61
N ALA D 132 40.96 -14.44 -28.48
CA ALA D 132 40.99 -15.56 -29.42
C ALA D 132 42.33 -16.29 -29.40
N ARG D 133 42.39 -17.45 -30.06
CA ARG D 133 43.60 -18.27 -30.02
C ARG D 133 44.69 -17.66 -30.89
N ASN D 134 44.33 -17.10 -32.05
CA ASN D 134 45.29 -16.54 -32.99
C ASN D 134 45.77 -15.15 -32.58
N ASP D 135 45.43 -14.69 -31.36
CA ASP D 135 45.91 -13.42 -30.82
C ASP D 135 45.46 -12.24 -31.68
N LYS D 136 44.14 -12.13 -31.86
CA LYS D 136 43.59 -10.93 -32.46
C LYS D 136 43.80 -9.75 -31.52
N TYR D 137 44.41 -8.68 -32.02
CA TYR D 137 44.79 -7.58 -31.17
C TYR D 137 44.36 -6.25 -31.77
N LEU D 138 44.19 -5.26 -30.89
CA LEU D 138 43.95 -3.87 -31.27
C LEU D 138 44.69 -2.99 -30.27
N LEU D 139 45.67 -2.23 -30.75
CA LEU D 139 46.43 -1.37 -29.86
C LEU D 139 45.70 -0.06 -29.63
N VAL D 140 46.09 0.64 -28.55
CA VAL D 140 45.53 1.95 -28.27
C VAL D 140 45.88 2.93 -29.38
N SER D 141 46.98 2.69 -30.09
CA SER D 141 47.34 3.47 -31.25
C SER D 141 46.52 3.11 -32.50
N GLY D 142 45.36 2.47 -32.32
CA GLY D 142 44.44 2.20 -33.40
C GLY D 142 44.90 1.17 -34.42
N GLU D 143 46.09 0.60 -34.26
CA GLU D 143 46.66 -0.33 -35.22
C GLU D 143 46.46 -1.76 -34.73
N SER D 144 45.96 -2.62 -35.62
CA SER D 144 45.44 -3.93 -35.25
C SER D 144 46.02 -5.02 -36.15
N GLY D 145 45.67 -6.26 -35.81
CA GLY D 145 46.14 -7.41 -36.59
C GLY D 145 45.84 -8.71 -35.88
N ALA D 146 46.67 -9.72 -36.15
CA ALA D 146 46.51 -11.03 -35.54
C ALA D 146 47.89 -11.66 -35.36
N SER D 147 48.16 -12.09 -34.12
CA SER D 147 49.40 -12.80 -33.76
C SER D 147 50.63 -11.94 -33.96
N GLY D 148 51.80 -12.48 -33.62
CA GLY D 148 53.05 -11.75 -33.67
C GLY D 148 53.62 -11.36 -32.31
N PHE D 149 52.93 -11.70 -31.22
CA PHE D 149 53.41 -11.35 -29.89
C PHE D 149 54.48 -12.29 -29.38
N GLU D 150 54.66 -13.44 -30.03
CA GLU D 150 55.69 -14.40 -29.61
C GLU D 150 57.08 -13.77 -29.71
N ALA D 151 57.29 -12.90 -30.70
CA ALA D 151 58.60 -12.32 -30.95
C ALA D 151 58.86 -11.06 -30.13
N VAL D 152 57.86 -10.54 -29.42
CA VAL D 152 58.07 -9.36 -28.59
C VAL D 152 59.09 -9.67 -27.52
N GLY D 153 60.14 -8.84 -27.44
CA GLY D 153 61.23 -9.07 -26.53
C GLY D 153 62.43 -9.77 -27.13
N THR D 154 62.31 -10.27 -28.36
CA THR D 154 63.42 -10.88 -29.08
C THR D 154 64.05 -9.86 -30.01
N ARG D 155 65.19 -10.24 -30.59
CA ARG D 155 65.82 -9.39 -31.59
C ARG D 155 64.99 -9.31 -32.86
N GLU D 156 64.23 -10.37 -33.15
CA GLU D 156 63.37 -10.40 -34.32
C GLU D 156 62.02 -9.73 -34.09
N GLU D 157 61.87 -8.97 -33.01
CA GLU D 157 60.62 -8.25 -32.79
C GLU D 157 60.45 -7.16 -33.85
N LYS D 158 59.23 -6.67 -33.96
CA LYS D 158 58.88 -5.86 -35.11
C LYS D 158 57.72 -4.92 -34.79
N ALA D 159 57.89 -3.65 -35.16
CA ALA D 159 56.83 -2.68 -34.98
C ALA D 159 55.58 -3.12 -35.72
N PRO D 160 54.38 -2.85 -35.16
CA PRO D 160 54.18 -2.12 -33.91
C PRO D 160 54.28 -2.99 -32.65
N LEU D 161 54.68 -4.26 -32.81
CA LEU D 161 54.77 -5.18 -31.69
C LEU D 161 56.21 -5.25 -31.16
N VAL D 162 56.70 -4.11 -30.69
CA VAL D 162 58.02 -4.01 -30.08
C VAL D 162 57.84 -3.92 -28.57
N LEU D 163 58.88 -4.35 -27.84
CA LEU D 163 58.77 -4.40 -26.39
C LEU D 163 58.52 -3.03 -25.77
N ALA D 164 59.09 -1.98 -26.37
CA ALA D 164 58.92 -0.63 -25.82
C ALA D 164 57.48 -0.14 -25.90
N ASN D 165 56.67 -0.71 -26.80
CA ASN D 165 55.30 -0.26 -26.98
C ASN D 165 54.25 -1.26 -26.52
N VAL D 166 54.61 -2.54 -26.35
CA VAL D 166 53.65 -3.58 -26.02
C VAL D 166 54.30 -4.58 -25.08
N LEU D 167 53.45 -5.32 -24.36
CA LEU D 167 53.92 -6.32 -23.42
C LEU D 167 54.35 -7.60 -24.13
N SER D 168 55.36 -8.26 -23.57
CA SER D 168 55.76 -9.58 -24.04
C SER D 168 54.93 -10.65 -23.34
N TYR D 169 55.03 -11.89 -23.85
CA TYR D 169 54.33 -12.98 -23.20
C TYR D 169 54.85 -13.24 -21.79
N ASP D 170 56.13 -12.96 -21.55
CA ASP D 170 56.64 -13.00 -20.19
C ASP D 170 56.02 -11.88 -19.35
N ASP D 171 55.75 -10.72 -19.97
CA ASP D 171 55.08 -9.65 -19.26
C ASP D 171 53.60 -9.96 -19.05
N ILE D 172 52.91 -10.39 -20.11
CA ILE D 172 51.49 -10.72 -20.01
C ILE D 172 51.25 -11.80 -18.97
N LYS D 173 52.21 -12.73 -18.83
CA LYS D 173 52.05 -13.80 -17.85
C LYS D 173 51.97 -13.24 -16.43
N LEU D 174 52.72 -12.18 -16.14
CA LEU D 174 52.64 -11.55 -14.82
C LEU D 174 51.46 -10.60 -14.71
N SER D 175 51.08 -9.94 -15.80
CA SER D 175 49.91 -9.06 -15.78
C SER D 175 48.64 -9.85 -15.52
N ALA D 176 48.63 -11.16 -15.80
CA ALA D 176 47.49 -11.99 -15.44
C ALA D 176 47.28 -12.07 -13.94
N LEU D 177 48.29 -11.70 -13.14
CA LEU D 177 48.20 -11.66 -11.70
C LEU D 177 47.92 -10.27 -11.16
N LEU D 178 47.73 -9.29 -12.04
CA LEU D 178 47.47 -7.90 -11.66
C LEU D 178 46.02 -7.58 -11.98
N SER D 179 45.24 -7.31 -10.94
CA SER D 179 43.88 -6.86 -11.11
C SER D 179 43.76 -5.37 -10.88
N VAL D 180 42.63 -4.82 -11.32
CA VAL D 180 42.25 -3.45 -11.04
C VAL D 180 40.88 -3.47 -10.40
N SER D 181 40.74 -2.76 -9.27
CA SER D 181 39.50 -2.73 -8.50
C SER D 181 39.10 -1.29 -8.27
N SER D 182 37.79 -1.06 -8.15
CA SER D 182 37.27 0.28 -7.95
C SER D 182 35.81 0.20 -7.54
N ARG D 183 35.34 1.28 -6.90
CA ARG D 183 33.92 1.50 -6.78
C ARG D 183 33.37 2.04 -8.10
N THR D 184 32.11 1.72 -8.38
CA THR D 184 31.56 2.06 -9.68
C THR D 184 30.04 2.17 -9.58
N GLU D 185 29.47 2.91 -10.53
CA GLU D 185 28.04 2.83 -10.78
C GLU D 185 27.74 1.61 -11.63
N PHE D 186 26.54 1.08 -11.47
CA PHE D 186 26.06 -0.04 -12.28
C PHE D 186 25.03 0.51 -13.26
N VAL D 187 25.43 0.60 -14.52
CA VAL D 187 24.56 1.21 -15.53
C VAL D 187 23.34 0.35 -15.79
N ASN D 188 23.51 -0.96 -15.81
CA ASN D 188 22.38 -1.89 -15.87
C ASN D 188 22.76 -3.13 -15.06
N GLU D 189 21.90 -4.15 -15.11
CA GLU D 189 22.07 -5.32 -14.25
C GLU D 189 23.29 -6.15 -14.59
N GLY D 190 23.85 -5.97 -15.79
CA GLY D 190 25.09 -6.64 -16.14
C GLY D 190 24.96 -8.03 -16.72
N GLU D 191 23.76 -8.42 -17.16
CA GLU D 191 23.64 -9.67 -17.90
C GLU D 191 24.49 -9.60 -19.16
N ARG D 192 24.87 -10.78 -19.66
CA ARG D 192 25.81 -10.84 -20.78
C ARG D 192 25.29 -10.10 -22.01
N THR D 193 23.97 -10.11 -22.22
CA THR D 193 23.37 -9.49 -23.39
C THR D 193 22.86 -8.08 -23.11
N ASN D 194 23.47 -7.37 -22.15
CA ASN D 194 22.99 -6.05 -21.81
C ASN D 194 23.37 -5.02 -22.87
N CYS D 195 24.57 -5.14 -23.44
CA CYS D 195 25.00 -4.32 -24.57
C CYS D 195 24.87 -2.82 -24.30
N GLY D 196 25.04 -2.43 -23.04
CA GLY D 196 25.00 -1.02 -22.68
C GLY D 196 23.62 -0.41 -22.62
N HIS D 197 22.56 -1.21 -22.66
CA HIS D 197 21.21 -0.67 -22.59
C HIS D 197 20.96 -0.03 -21.24
N VAL D 198 20.62 1.25 -21.24
CA VAL D 198 20.25 1.97 -20.03
C VAL D 198 18.73 1.84 -19.90
N ASP D 199 18.29 0.97 -18.99
CA ASP D 199 16.85 0.74 -18.84
C ASP D 199 16.15 1.98 -18.31
N LEU D 200 16.68 2.59 -17.26
CA LEU D 200 16.05 3.70 -16.53
C LEU D 200 14.71 3.26 -15.95
N ASN D 201 14.19 4.04 -14.99
CA ASN D 201 12.94 3.71 -14.31
C ASN D 201 12.98 2.32 -13.69
N THR D 202 14.18 1.85 -13.33
CA THR D 202 14.39 0.50 -12.86
C THR D 202 14.42 0.46 -11.33
N LYS D 203 13.70 -0.49 -10.75
CA LYS D 203 13.74 -0.74 -9.33
C LYS D 203 14.39 -2.08 -8.99
N THR D 204 15.06 -2.71 -9.96
CA THR D 204 15.72 -3.99 -9.77
C THR D 204 17.23 -3.89 -9.95
N LEU D 205 17.80 -2.69 -9.84
CA LEU D 205 19.21 -2.45 -10.10
C LEU D 205 19.88 -1.90 -8.85
N GLU D 206 20.98 -2.52 -8.45
CA GLU D 206 21.84 -1.96 -7.41
C GLU D 206 22.55 -0.74 -7.98
N ARG D 207 22.40 0.40 -7.29
CA ARG D 207 22.90 1.67 -7.84
C ARG D 207 24.41 1.65 -7.99
N HIS D 208 25.13 1.46 -6.89
CA HIS D 208 26.58 1.50 -6.90
C HIS D 208 27.14 0.31 -6.12
N GLY D 209 28.43 0.05 -6.33
CA GLY D 209 29.12 -1.03 -5.66
C GLY D 209 30.59 -1.06 -6.01
N VAL D 210 31.20 -2.24 -5.92
CA VAL D 210 32.61 -2.42 -6.24
C VAL D 210 32.71 -3.39 -7.41
N ILE D 211 33.60 -3.08 -8.36
CA ILE D 211 33.88 -3.93 -9.51
C ILE D 211 35.35 -4.33 -9.45
N VAL D 212 35.61 -5.63 -9.62
CA VAL D 212 36.95 -6.18 -9.50
C VAL D 212 37.24 -7.06 -10.71
N GLY D 213 38.37 -6.82 -11.36
CA GLY D 213 38.73 -7.58 -12.55
C GLY D 213 39.65 -8.75 -12.29
N MET D 214 39.09 -9.95 -12.20
CA MET D 214 39.89 -11.15 -11.97
C MET D 214 40.28 -11.79 -13.29
N ILE D 215 41.51 -12.25 -13.37
CA ILE D 215 42.06 -12.86 -14.58
C ILE D 215 42.30 -14.34 -14.31
N GLY D 216 41.59 -15.20 -15.04
CA GLY D 216 41.79 -16.62 -14.92
C GLY D 216 43.08 -17.07 -15.56
N ALA D 217 43.21 -18.38 -15.70
CA ALA D 217 44.39 -19.00 -16.28
C ALA D 217 44.13 -19.31 -17.75
N ARG D 218 44.95 -18.73 -18.63
CA ARG D 218 44.88 -19.00 -20.07
C ARG D 218 45.79 -20.19 -20.37
N LEU D 219 45.19 -21.30 -20.76
CA LEU D 219 45.93 -22.53 -21.03
C LEU D 219 45.83 -22.99 -22.48
N SER D 220 45.19 -22.22 -23.35
CA SER D 220 45.00 -22.61 -24.74
C SER D 220 46.14 -22.18 -25.66
N ARG D 221 47.00 -21.27 -25.20
CA ARG D 221 48.17 -20.85 -25.96
C ARG D 221 49.33 -21.74 -25.53
N ARG D 222 49.61 -22.78 -26.31
CA ARG D 222 50.58 -23.79 -25.90
C ARG D 222 51.96 -23.17 -25.69
N ASN D 223 52.65 -23.69 -24.68
CA ASN D 223 54.00 -23.28 -24.25
C ASN D 223 54.05 -21.85 -23.74
N LEU D 224 52.91 -21.18 -23.60
CA LEU D 224 52.88 -19.81 -23.14
C LEU D 224 51.83 -19.67 -22.05
N MET D 225 51.92 -18.59 -21.29
CA MET D 225 50.95 -18.25 -20.24
C MET D 225 50.99 -19.34 -19.16
N GLU D 226 49.86 -19.56 -18.49
CA GLU D 226 49.79 -20.54 -17.40
C GLU D 226 49.95 -21.97 -17.88
N PHE D 227 49.94 -22.20 -19.20
CA PHE D 227 50.31 -23.51 -19.74
C PHE D 227 51.71 -23.92 -19.29
N GLN D 228 52.59 -22.95 -19.06
CA GLN D 228 53.97 -23.25 -18.69
C GLN D 228 54.07 -23.95 -17.34
N ASP D 229 53.10 -23.73 -16.45
CA ASP D 229 53.18 -24.23 -15.09
C ASP D 229 52.08 -25.20 -14.70
N ILE D 230 51.08 -25.42 -15.56
CA ILE D 230 49.92 -26.23 -15.18
C ILE D 230 49.82 -27.46 -16.06
N VAL D 231 50.22 -27.34 -17.32
CA VAL D 231 50.12 -28.41 -18.29
C VAL D 231 51.51 -28.98 -18.55
N ILE D 232 51.64 -30.30 -18.41
CA ILE D 232 52.89 -31.00 -18.69
C ILE D 232 52.77 -31.60 -20.09
N ALA D 233 53.54 -31.06 -21.03
CA ALA D 233 53.48 -31.47 -22.43
C ALA D 233 54.86 -31.94 -22.88
N ARG D 234 54.91 -32.51 -24.09
CA ARG D 234 56.13 -33.13 -24.57
C ARG D 234 57.17 -32.10 -24.96
N GLN D 235 56.80 -31.17 -25.85
CA GLN D 235 57.82 -30.21 -26.30
C GLN D 235 58.10 -29.12 -25.28
N GLN D 236 57.23 -28.95 -24.27
CA GLN D 236 57.45 -27.89 -23.29
C GLN D 236 58.31 -28.37 -22.12
N ASN D 237 57.98 -29.52 -21.54
CA ASN D 237 58.57 -29.94 -20.28
C ASN D 237 59.82 -30.80 -20.53
N THR D 238 60.88 -30.11 -20.93
CA THR D 238 62.18 -30.74 -21.13
C THR D 238 63.22 -30.09 -20.24
N ARG D 239 64.35 -30.76 -20.11
CA ARG D 239 65.49 -30.19 -19.39
C ARG D 239 66.23 -29.13 -20.18
N GLU D 240 66.11 -29.08 -21.51
CA GLU D 240 66.79 -27.94 -22.13
C GLU D 240 66.08 -26.62 -21.86
N ARG D 241 64.91 -26.67 -21.24
CA ARG D 241 64.11 -25.48 -21.00
C ARG D 241 63.89 -25.26 -19.50
N GLY D 242 64.72 -25.90 -18.66
CA GLY D 242 64.75 -25.60 -17.23
C GLY D 242 63.85 -26.45 -16.36
N TYR D 243 63.10 -27.39 -16.92
CA TYR D 243 62.17 -28.17 -16.14
C TYR D 243 62.88 -29.31 -15.41
N GLY D 244 62.35 -29.65 -14.23
CA GLY D 244 62.84 -30.78 -13.48
C GLY D 244 64.02 -30.52 -12.58
N MET D 245 64.32 -29.25 -12.27
CA MET D 245 65.45 -28.92 -11.42
C MET D 245 65.04 -28.95 -9.96
N ALA D 246 65.95 -29.42 -9.11
CA ALA D 246 65.67 -29.55 -7.69
C ALA D 246 65.65 -28.18 -7.01
N LEU D 247 65.12 -28.15 -5.80
CA LEU D 247 65.13 -26.94 -5.00
C LEU D 247 66.57 -26.55 -4.66
N ASP D 248 66.85 -25.24 -4.73
CA ASP D 248 68.15 -24.63 -4.50
C ASP D 248 69.19 -25.02 -5.54
N GLU D 249 68.86 -25.88 -6.51
CA GLU D 249 69.76 -26.18 -7.61
C GLU D 249 69.96 -24.92 -8.43
N PRO D 250 71.18 -24.37 -8.47
CA PRO D 250 71.36 -23.06 -9.11
C PRO D 250 71.11 -23.12 -10.61
N ALA D 251 70.56 -22.02 -11.13
CA ALA D 251 70.26 -21.88 -12.55
C ALA D 251 71.40 -21.14 -13.23
N THR D 252 71.88 -21.69 -14.35
CA THR D 252 73.00 -21.12 -15.07
C THR D 252 72.67 -20.68 -16.49
N THR D 253 71.41 -20.81 -16.92
CA THR D 253 70.96 -20.32 -18.21
C THR D 253 69.73 -19.46 -18.02
N ARG D 254 69.36 -18.74 -19.09
CA ARG D 254 68.12 -17.96 -19.07
C ARG D 254 66.91 -18.85 -18.80
N ASP D 255 66.82 -19.97 -19.52
CA ASP D 255 65.64 -20.83 -19.40
C ASP D 255 65.52 -21.44 -18.01
N GLU D 256 66.65 -21.87 -17.44
CA GLU D 256 66.62 -22.43 -16.09
C GLU D 256 66.18 -21.39 -15.07
N ASP D 257 66.68 -20.16 -15.19
CA ASP D 257 66.35 -19.12 -14.23
C ASP D 257 64.88 -18.70 -14.37
N TYR D 258 64.37 -18.66 -15.60
CA TYR D 258 62.96 -18.34 -15.80
C TYR D 258 62.06 -19.37 -15.14
N ARG D 259 62.40 -20.65 -15.28
CA ARG D 259 61.63 -21.70 -14.62
C ARG D 259 61.74 -21.61 -13.10
N ARG D 260 62.86 -21.08 -12.59
CA ARG D 260 63.03 -20.98 -11.15
C ARG D 260 62.10 -19.92 -10.56
N LEU D 261 61.84 -18.84 -11.31
CA LEU D 261 60.91 -17.82 -10.83
C LEU D 261 59.55 -18.42 -10.51
N TRP D 262 59.09 -19.35 -11.36
CA TRP D 262 57.75 -19.91 -11.22
C TRP D 262 57.72 -21.14 -10.33
N ARG D 263 58.78 -21.94 -10.33
CA ARG D 263 58.91 -23.00 -9.35
C ARG D 263 58.85 -22.45 -7.93
N GLU D 264 59.58 -21.34 -7.69
CA GLU D 264 59.60 -20.75 -6.36
C GLU D 264 58.34 -19.95 -6.06
N PHE D 265 57.67 -19.43 -7.09
CA PHE D 265 56.41 -18.73 -6.87
C PHE D 265 55.33 -19.69 -6.38
N TYR D 266 55.23 -20.85 -7.00
CA TYR D 266 54.24 -21.86 -6.61
C TYR D 266 54.73 -22.78 -5.51
N ALA D 267 55.96 -22.58 -5.02
CA ALA D 267 56.52 -23.36 -3.91
C ALA D 267 56.43 -24.86 -4.17
N THR D 268 56.65 -25.24 -5.43
CA THR D 268 56.61 -26.64 -5.82
C THR D 268 57.54 -26.85 -7.00
N ARG D 269 57.69 -28.11 -7.38
CA ARG D 269 58.54 -28.48 -8.50
C ARG D 269 57.73 -28.47 -9.81
N ASP D 270 58.40 -28.08 -10.88
CA ASP D 270 57.87 -28.35 -12.22
C ASP D 270 58.41 -29.69 -12.69
N LEU D 271 57.72 -30.29 -13.66
CA LEU D 271 58.01 -31.65 -14.05
C LEU D 271 58.44 -31.73 -15.51
N ILE D 272 59.28 -32.72 -15.78
CA ILE D 272 59.67 -33.10 -17.14
C ILE D 272 58.65 -34.10 -17.65
N HIS D 273 58.35 -34.02 -18.95
CA HIS D 273 57.37 -34.93 -19.55
C HIS D 273 57.81 -36.38 -19.36
N GLY D 274 57.01 -37.15 -18.63
CA GLY D 274 57.36 -38.52 -18.31
C GLY D 274 57.38 -38.76 -16.82
N GLN D 275 57.82 -37.76 -16.06
CA GLN D 275 57.79 -37.87 -14.60
C GLN D 275 56.37 -37.79 -14.06
N ALA D 276 55.48 -37.12 -14.78
CA ALA D 276 54.11 -36.89 -14.33
C ALA D 276 53.20 -37.94 -14.95
N VAL D 277 52.75 -38.89 -14.14
CA VAL D 277 51.74 -39.87 -14.52
C VAL D 277 50.43 -39.48 -13.86
N ILE D 278 49.35 -39.52 -14.63
CA ILE D 278 48.03 -39.13 -14.13
C ILE D 278 47.64 -39.99 -12.95
N ASP D 279 47.58 -39.39 -11.77
CA ASP D 279 47.22 -40.09 -10.54
C ASP D 279 45.87 -39.64 -9.98
N ASN D 280 45.29 -38.57 -10.52
CA ASN D 280 44.05 -37.95 -10.04
C ASN D 280 44.19 -37.34 -8.65
N GLN D 281 45.42 -37.26 -8.12
CA GLN D 281 45.68 -36.47 -6.92
C GLN D 281 46.27 -35.13 -7.34
N ARG D 282 47.58 -35.11 -7.62
CA ARG D 282 48.19 -33.90 -8.15
C ARG D 282 47.98 -33.76 -9.66
N PHE D 283 47.97 -34.87 -10.39
CA PHE D 283 47.96 -34.85 -11.84
C PHE D 283 46.65 -35.41 -12.38
N GLY D 284 46.04 -34.69 -13.31
CA GLY D 284 44.81 -35.12 -13.94
C GLY D 284 44.85 -34.92 -15.45
N PRO D 285 43.73 -35.22 -16.11
CA PRO D 285 43.69 -35.10 -17.57
C PRO D 285 43.49 -33.67 -18.03
N SER D 286 43.97 -33.39 -19.24
CA SER D 286 43.85 -32.11 -19.89
C SER D 286 42.86 -32.20 -21.05
N LYS D 287 42.73 -31.11 -21.80
CA LYS D 287 41.92 -31.15 -23.02
C LYS D 287 42.53 -32.10 -24.03
N ASN D 288 43.81 -31.93 -24.33
CA ASN D 288 44.54 -32.90 -25.13
C ASN D 288 44.80 -34.13 -24.29
N LYS D 289 44.45 -35.31 -24.82
CA LYS D 289 44.77 -36.55 -24.14
C LYS D 289 46.23 -36.98 -24.28
N MET D 290 47.11 -36.13 -24.82
CA MET D 290 48.56 -36.26 -24.62
C MET D 290 49.06 -35.58 -23.36
N ASP D 291 48.42 -34.48 -22.96
CA ASP D 291 48.96 -33.64 -21.91
C ASP D 291 48.52 -34.13 -20.54
N VAL D 292 49.18 -33.61 -19.51
CA VAL D 292 48.86 -33.89 -18.12
C VAL D 292 48.59 -32.57 -17.42
N PHE D 293 47.51 -32.54 -16.63
CA PHE D 293 47.08 -31.34 -15.92
C PHE D 293 47.59 -31.38 -14.48
N ASP D 294 48.28 -30.31 -14.06
CA ASP D 294 48.81 -30.21 -12.71
C ASP D 294 47.74 -29.59 -11.82
N ASN D 295 46.99 -30.43 -11.12
CA ASN D 295 45.92 -29.93 -10.26
C ASN D 295 46.47 -29.10 -9.10
N LEU D 296 47.72 -29.36 -8.68
CA LEU D 296 48.29 -28.64 -7.56
C LEU D 296 48.53 -27.17 -7.93
N VAL D 297 49.14 -26.93 -9.09
CA VAL D 297 49.45 -25.55 -9.49
C VAL D 297 48.16 -24.78 -9.81
N MET D 298 47.16 -25.46 -10.37
CA MET D 298 45.88 -24.79 -10.62
C MET D 298 45.22 -24.35 -9.32
N LYS D 299 45.30 -25.19 -8.28
CA LYS D 299 44.78 -24.79 -6.97
C LYS D 299 45.55 -23.60 -6.40
N ARG D 300 46.87 -23.62 -6.52
CA ARG D 300 47.68 -22.53 -6.00
C ARG D 300 47.50 -21.26 -6.81
N ARG D 301 47.24 -21.38 -8.12
CA ARG D 301 47.01 -20.21 -8.95
C ARG D 301 45.70 -19.53 -8.56
N TYR D 302 44.61 -20.32 -8.45
CA TYR D 302 43.37 -19.80 -7.90
C TYR D 302 43.55 -19.27 -6.49
N ALA D 303 44.39 -19.91 -5.67
CA ALA D 303 44.57 -19.46 -4.30
C ALA D 303 45.04 -18.01 -4.25
N ILE D 304 45.97 -17.64 -5.13
CA ILE D 304 46.44 -16.26 -5.20
C ILE D 304 45.28 -15.34 -5.59
N SER D 305 44.49 -15.75 -6.58
CA SER D 305 43.38 -14.93 -7.04
C SER D 305 42.34 -14.74 -5.94
N PHE D 306 41.94 -15.82 -5.27
CA PHE D 306 40.88 -15.74 -4.29
C PHE D 306 41.27 -14.87 -3.10
N ASP D 307 42.53 -14.94 -2.67
CA ASP D 307 43.00 -14.06 -1.60
C ASP D 307 42.86 -12.60 -2.01
N MET D 308 43.19 -12.28 -3.27
CA MET D 308 42.97 -10.93 -3.76
C MET D 308 41.51 -10.51 -3.62
N LEU D 309 40.61 -11.33 -4.17
CA LEU D 309 39.20 -10.97 -4.22
C LEU D 309 38.59 -10.91 -2.82
N LEU D 310 38.95 -11.85 -1.95
CA LEU D 310 38.36 -11.88 -0.61
C LEU D 310 38.87 -10.72 0.24
N LEU D 311 40.17 -10.49 0.25
CA LEU D 311 40.72 -9.39 1.03
C LEU D 311 40.30 -8.04 0.47
N GLU D 312 40.03 -7.96 -0.84
CA GLU D 312 39.63 -6.69 -1.43
C GLU D 312 38.19 -6.35 -1.08
N ALA D 313 37.27 -7.31 -1.21
CA ALA D 313 35.90 -7.09 -0.78
C ALA D 313 35.85 -6.80 0.72
N GLU D 314 36.70 -7.48 1.50
CA GLU D 314 36.80 -7.20 2.92
C GLU D 314 37.18 -5.75 3.18
N ALA D 315 38.16 -5.23 2.43
CA ALA D 315 38.61 -3.87 2.65
C ALA D 315 37.58 -2.85 2.19
N ARG D 316 36.93 -3.11 1.05
CA ARG D 316 35.91 -2.19 0.55
C ARG D 316 34.73 -2.10 1.51
N ALA D 317 34.26 -3.26 1.98
CA ALA D 317 33.13 -3.27 2.92
C ALA D 317 33.52 -2.63 4.25
N LYS D 318 34.75 -2.90 4.73
CA LYS D 318 35.20 -2.34 5.99
C LYS D 318 35.26 -0.81 5.94
N ARG D 319 35.59 -0.25 4.76
CA ARG D 319 35.70 1.20 4.65
C ARG D 319 34.36 1.88 4.88
N VAL D 320 33.27 1.28 4.40
CA VAL D 320 31.96 1.92 4.44
C VAL D 320 31.09 1.38 5.56
N LYS D 321 31.65 0.58 6.47
CA LYS D 321 30.93 0.00 7.61
C LYS D 321 29.77 -0.87 7.14
N LYS D 322 30.06 -1.73 6.15
CA LYS D 322 29.09 -2.67 5.61
C LYS D 322 29.70 -4.06 5.56
N LEU D 323 28.86 -5.04 5.24
CA LEU D 323 29.29 -6.40 4.97
C LEU D 323 29.30 -6.65 3.47
N ALA D 324 30.31 -7.35 2.97
CA ALA D 324 30.50 -7.51 1.55
C ALA D 324 29.61 -8.62 1.00
N TYR D 325 28.95 -8.33 -0.12
CA TYR D 325 28.17 -9.31 -0.88
C TYR D 325 28.92 -9.54 -2.19
N ILE D 326 29.71 -10.61 -2.24
CA ILE D 326 30.62 -10.85 -3.35
C ILE D 326 29.89 -11.65 -4.43
N HIS D 327 29.79 -11.07 -5.63
CA HIS D 327 29.30 -11.78 -6.80
C HIS D 327 30.50 -12.44 -7.48
N VAL D 328 30.60 -13.76 -7.34
CA VAL D 328 31.78 -14.51 -7.77
C VAL D 328 31.48 -15.18 -9.10
N VAL D 329 32.27 -14.86 -10.11
CA VAL D 329 32.19 -15.52 -11.40
C VAL D 329 33.36 -16.48 -11.53
N GLY D 330 33.23 -17.44 -12.45
CA GLY D 330 34.29 -18.40 -12.67
C GLY D 330 35.27 -17.97 -13.73
N PHE D 331 36.18 -17.06 -13.40
CA PHE D 331 37.19 -16.65 -14.35
C PHE D 331 38.12 -17.83 -14.66
N GLY D 332 38.46 -17.99 -15.94
CA GLY D 332 39.16 -19.16 -16.40
C GLY D 332 38.29 -20.36 -16.66
N LEU D 333 37.04 -20.34 -16.22
CA LEU D 333 36.11 -21.44 -16.43
C LEU D 333 35.20 -21.23 -17.63
N GLY D 334 35.39 -20.15 -18.39
CA GLY D 334 34.59 -19.92 -19.57
C GLY D 334 35.32 -20.28 -20.84
N VAL D 335 35.68 -19.28 -21.65
CA VAL D 335 36.39 -19.53 -22.90
C VAL D 335 37.82 -19.98 -22.67
N TRP D 336 38.34 -19.86 -21.45
CA TRP D 336 39.72 -20.20 -21.14
C TRP D 336 39.87 -21.56 -20.49
N LYS D 337 38.78 -22.29 -20.28
CA LYS D 337 38.87 -23.58 -19.60
C LYS D 337 39.60 -24.60 -20.46
N ALA D 338 40.42 -25.42 -19.80
CA ALA D 338 41.19 -26.45 -20.50
C ALA D 338 41.05 -27.83 -19.88
N ALA D 339 40.43 -27.96 -18.71
CA ALA D 339 40.21 -29.24 -18.07
C ALA D 339 38.88 -29.21 -17.34
N GLU D 340 38.22 -30.37 -17.28
CA GLU D 340 36.88 -30.43 -16.69
C GLU D 340 36.92 -30.31 -15.18
N GLN D 341 38.03 -30.71 -14.54
CA GLN D 341 38.14 -30.65 -13.09
C GLN D 341 38.47 -29.26 -12.58
N GLN D 342 38.60 -28.27 -13.46
CA GLN D 342 38.98 -26.93 -13.03
C GLN D 342 37.93 -26.32 -12.11
N GLU D 343 36.65 -26.59 -12.37
CA GLU D 343 35.59 -25.98 -11.59
C GLU D 343 35.56 -26.52 -10.17
N ARG D 344 35.82 -27.82 -10.00
CA ARG D 344 35.93 -28.37 -8.65
C ARG D 344 37.13 -27.77 -7.91
N ILE D 345 38.25 -27.62 -8.61
CA ILE D 345 39.42 -26.99 -8.01
C ILE D 345 39.11 -25.54 -7.64
N PHE D 346 38.34 -24.86 -8.48
CA PHE D 346 37.95 -23.47 -8.18
C PHE D 346 37.22 -23.38 -6.85
N MET D 347 36.21 -24.22 -6.65
CA MET D 347 35.37 -24.11 -5.46
C MET D 347 36.03 -24.75 -4.24
N GLU D 348 36.79 -25.84 -4.43
CA GLU D 348 37.57 -26.39 -3.32
C GLU D 348 38.57 -25.36 -2.79
N THR D 349 39.25 -24.67 -3.70
CA THR D 349 40.23 -23.67 -3.29
C THR D 349 39.56 -22.45 -2.66
N PHE D 350 38.40 -22.04 -3.18
CA PHE D 350 37.73 -20.89 -2.63
C PHE D 350 37.35 -21.11 -1.17
N GLU D 351 36.74 -22.25 -0.87
CA GLU D 351 36.41 -22.56 0.51
C GLU D 351 37.66 -22.68 1.37
N GLN D 352 38.73 -23.24 0.82
CA GLN D 352 39.98 -23.35 1.56
C GLN D 352 40.49 -21.99 2.00
N ARG D 353 40.53 -21.02 1.07
CA ARG D 353 41.06 -19.70 1.41
C ARG D 353 40.12 -18.93 2.33
N MET D 354 38.81 -19.16 2.24
CA MET D 354 37.88 -18.53 3.18
C MET D 354 38.17 -18.97 4.61
N ARG D 355 38.38 -20.27 4.81
CA ARG D 355 38.63 -20.77 6.16
C ARG D 355 40.02 -20.36 6.64
N THR D 356 41.01 -20.34 5.74
CA THR D 356 42.37 -19.95 6.14
C THR D 356 42.42 -18.49 6.54
N LEU D 357 41.81 -17.61 5.74
CA LEU D 357 41.79 -16.20 6.09
C LEU D 357 40.94 -15.94 7.33
N GLY D 358 39.80 -16.63 7.43
CA GLY D 358 39.04 -16.63 8.67
C GLY D 358 38.57 -15.25 9.09
N ASN D 359 39.00 -14.83 10.28
CA ASN D 359 38.59 -13.53 10.82
C ASN D 359 39.09 -12.37 9.97
N ARG D 360 40.08 -12.60 9.10
CA ARG D 360 40.47 -11.58 8.13
C ARG D 360 39.33 -11.27 7.16
N LEU D 361 38.26 -12.06 7.15
CA LEU D 361 37.07 -11.82 6.36
C LEU D 361 35.87 -11.51 7.25
N ASN D 362 36.11 -10.81 8.36
CA ASN D 362 35.03 -10.47 9.28
C ASN D 362 33.99 -9.56 8.62
N ASN D 363 34.42 -8.74 7.66
CA ASN D 363 33.53 -7.83 6.95
C ASN D 363 33.03 -8.40 5.63
N VAL D 364 33.29 -9.68 5.37
CA VAL D 364 32.71 -10.38 4.23
C VAL D 364 31.50 -11.16 4.74
N GLY D 365 30.34 -10.92 4.12
CA GLY D 365 29.11 -11.50 4.62
C GLY D 365 28.51 -12.58 3.75
N LEU D 366 28.76 -12.53 2.44
CA LEU D 366 28.18 -13.52 1.54
C LEU D 366 29.01 -13.61 0.27
N VAL D 367 29.07 -14.83 -0.28
CA VAL D 367 29.69 -15.08 -1.57
C VAL D 367 28.65 -15.76 -2.45
N HIS D 368 28.47 -15.26 -3.67
CA HIS D 368 27.46 -15.77 -4.59
C HIS D 368 28.16 -16.28 -5.85
N PHE D 369 28.10 -17.60 -6.05
CA PHE D 369 28.72 -18.24 -7.21
C PHE D 369 27.68 -18.29 -8.33
N SER D 370 27.81 -17.39 -9.30
CA SER D 370 26.88 -17.34 -10.43
C SER D 370 27.46 -18.09 -11.62
N TRP D 371 26.59 -18.83 -12.31
CA TRP D 371 26.93 -19.51 -13.56
C TRP D 371 28.02 -20.56 -13.33
N PHE D 372 27.96 -21.25 -12.20
CA PHE D 372 28.79 -22.42 -11.94
C PHE D 372 27.95 -23.66 -12.16
N SER D 373 28.48 -24.62 -12.91
CA SER D 373 27.74 -25.85 -13.17
C SER D 373 27.61 -26.69 -11.90
N ILE D 374 28.63 -26.68 -11.05
CA ILE D 374 28.61 -27.44 -9.81
C ILE D 374 27.80 -26.70 -8.76
N THR D 375 26.84 -27.38 -8.15
CA THR D 375 26.01 -26.79 -7.11
C THR D 375 26.33 -27.30 -5.72
N HIS D 376 27.34 -28.16 -5.57
CA HIS D 376 27.73 -28.67 -4.26
C HIS D 376 29.21 -29.04 -4.29
N CYS D 377 29.96 -28.55 -3.31
CA CYS D 377 31.39 -28.85 -3.22
C CYS D 377 31.84 -28.58 -1.80
N GLY D 378 32.08 -29.65 -1.03
CA GLY D 378 32.50 -29.48 0.35
C GLY D 378 31.46 -28.73 1.15
N GLY D 379 31.91 -27.75 1.92
CA GLY D 379 31.00 -26.88 2.64
C GLY D 379 30.34 -25.82 1.82
N LEU D 380 30.68 -25.72 0.53
CA LEU D 380 30.06 -24.75 -0.37
C LEU D 380 28.76 -25.34 -0.90
N SER D 381 27.64 -24.77 -0.46
CA SER D 381 26.32 -25.16 -0.96
C SER D 381 25.38 -23.98 -0.81
N ASN D 382 24.37 -23.94 -1.67
CA ASN D 382 23.42 -22.83 -1.65
C ASN D 382 22.72 -22.77 -0.29
N GLY D 383 22.94 -21.67 0.43
CA GLY D 383 22.39 -21.50 1.76
C GLY D 383 23.30 -21.95 2.88
N SER D 384 24.40 -22.63 2.58
CA SER D 384 25.32 -23.07 3.61
C SER D 384 26.07 -21.88 4.21
N LEU D 385 26.75 -22.13 5.32
CA LEU D 385 27.46 -21.10 6.06
C LEU D 385 28.87 -21.58 6.38
N ILE D 386 29.87 -20.86 5.86
CA ILE D 386 31.25 -21.10 6.25
C ILE D 386 31.45 -20.50 7.64
N GLU D 387 31.31 -21.33 8.66
CA GLU D 387 31.34 -20.82 10.03
C GLU D 387 32.72 -20.31 10.39
N ILE D 388 32.77 -19.11 10.97
CA ILE D 388 34.02 -18.48 11.40
C ILE D 388 33.82 -17.96 12.82
N PRO D 389 34.51 -18.51 13.81
CA PRO D 389 34.42 -17.97 15.16
C PRO D 389 34.85 -16.51 15.20
N GLY D 390 33.99 -15.67 15.80
CA GLY D 390 34.24 -14.26 15.88
C GLY D 390 33.63 -13.43 14.76
N HIS D 391 33.13 -14.07 13.71
CA HIS D 391 32.50 -13.33 12.63
C HIS D 391 31.18 -12.74 13.12
N PRO D 392 30.89 -11.48 12.78
CA PRO D 392 29.68 -10.83 13.32
C PRO D 392 28.38 -11.50 12.89
N LYS D 393 28.41 -12.35 11.86
CA LYS D 393 27.23 -13.09 11.43
C LYS D 393 27.47 -14.60 11.47
N ASP D 394 28.30 -15.04 12.42
CA ASP D 394 28.63 -16.44 12.65
C ASP D 394 29.46 -17.04 11.52
N GLY D 395 29.67 -16.27 10.45
CA GLY D 395 30.44 -16.74 9.32
C GLY D 395 29.98 -16.07 8.04
N ILE D 396 30.38 -16.66 6.92
CA ILE D 396 30.08 -16.13 5.59
C ILE D 396 29.03 -17.02 4.95
N ARG D 397 27.90 -16.41 4.59
CA ARG D 397 26.84 -17.15 3.91
C ARG D 397 27.24 -17.44 2.46
N VAL D 398 26.71 -18.53 1.92
CA VAL D 398 27.02 -18.98 0.57
C VAL D 398 25.74 -19.09 -0.23
N LEU D 399 25.78 -18.61 -1.46
CA LEU D 399 24.69 -18.79 -2.43
C LEU D 399 25.27 -19.27 -3.74
N ILE D 400 24.63 -20.26 -4.35
CA ILE D 400 25.03 -20.80 -5.64
C ILE D 400 23.79 -20.76 -6.54
N SER D 401 23.75 -19.80 -7.45
CA SER D 401 22.62 -19.61 -8.36
C SER D 401 23.00 -18.61 -9.43
N LYS D 402 22.32 -18.71 -10.57
CA LYS D 402 22.50 -17.73 -11.64
C LYS D 402 21.94 -16.39 -11.19
N ARG D 403 22.75 -15.34 -11.29
CA ARG D 403 22.36 -14.02 -10.82
C ARG D 403 22.98 -12.97 -11.71
N ASN D 404 22.20 -11.94 -12.03
CA ASN D 404 22.75 -10.80 -12.75
C ASN D 404 23.74 -10.07 -11.85
N PRO D 405 24.90 -9.65 -12.39
CA PRO D 405 25.94 -9.07 -11.53
C PRO D 405 25.46 -7.94 -10.63
N ALA D 406 24.71 -6.98 -11.18
CA ALA D 406 24.23 -5.84 -10.43
C ALA D 406 22.76 -5.94 -10.08
N ARG D 407 22.25 -7.16 -9.89
CA ARG D 407 20.86 -7.34 -9.46
C ARG D 407 20.67 -6.73 -8.08
N LYS D 408 19.59 -5.97 -7.91
CA LYS D 408 19.33 -5.29 -6.66
C LYS D 408 19.31 -6.25 -5.49
N LEU D 409 20.06 -5.91 -4.44
CA LEU D 409 20.07 -6.69 -3.20
C LEU D 409 18.83 -6.30 -2.39
N SER D 410 17.69 -6.82 -2.84
CA SER D 410 16.41 -6.50 -2.21
C SER D 410 16.09 -7.38 -1.02
N ASP D 411 16.77 -8.50 -0.87
CA ASP D 411 16.52 -9.39 0.25
C ASP D 411 16.79 -8.66 1.57
N PRO D 412 15.93 -8.82 2.58
CA PRO D 412 16.14 -8.08 3.83
C PRO D 412 17.49 -8.35 4.49
N GLU D 413 17.88 -9.63 4.61
CA GLU D 413 19.17 -9.98 5.18
C GLU D 413 20.33 -9.63 4.27
N HIS D 414 20.06 -9.31 3.00
CA HIS D 414 21.07 -8.82 2.08
C HIS D 414 21.07 -7.31 1.94
N ALA D 415 20.03 -6.64 2.42
CA ALA D 415 19.95 -5.19 2.32
C ALA D 415 21.04 -4.53 3.15
N GLY D 416 21.51 -3.38 2.67
CA GLY D 416 22.59 -2.68 3.32
C GLY D 416 23.97 -3.24 3.08
N MET D 417 24.08 -4.37 2.38
CA MET D 417 25.38 -4.94 2.07
C MET D 417 26.02 -4.20 0.90
N LEU D 418 27.35 -4.25 0.85
CA LEU D 418 28.09 -3.65 -0.25
C LEU D 418 28.30 -4.71 -1.33
N LEU D 419 27.76 -4.46 -2.52
CA LEU D 419 27.87 -5.40 -3.62
C LEU D 419 29.26 -5.29 -4.24
N VAL D 420 30.01 -6.40 -4.20
CA VAL D 420 31.33 -6.48 -4.79
C VAL D 420 31.24 -7.46 -5.95
N VAL D 421 31.33 -6.96 -7.18
CA VAL D 421 31.21 -7.77 -8.38
C VAL D 421 32.60 -8.08 -8.91
N SER D 422 32.84 -9.34 -9.25
CA SER D 422 34.05 -9.78 -9.92
C SER D 422 33.72 -10.10 -11.37
N TYR D 423 34.65 -9.80 -12.27
CA TYR D 423 34.46 -10.11 -13.68
C TYR D 423 35.75 -10.67 -14.26
N ALA D 424 35.60 -11.51 -15.28
CA ALA D 424 36.74 -12.20 -15.91
C ALA D 424 37.44 -11.24 -16.86
N TRP D 425 38.66 -10.86 -16.52
CA TRP D 425 39.43 -9.87 -17.26
C TRP D 425 40.51 -10.58 -18.09
N ASP D 426 41.49 -9.82 -18.56
CA ASP D 426 42.57 -10.32 -19.39
C ASP D 426 43.84 -9.56 -19.06
N GLY D 427 44.98 -10.26 -19.11
CA GLY D 427 46.24 -9.65 -18.74
C GLY D 427 46.80 -8.67 -19.76
N ASN D 428 46.41 -8.81 -21.02
CA ASN D 428 46.93 -7.97 -22.10
C ASN D 428 45.83 -7.16 -22.76
N ALA D 429 44.76 -6.87 -22.03
CA ALA D 429 43.62 -6.15 -22.58
C ALA D 429 43.20 -5.03 -21.65
N LEU D 430 42.69 -3.96 -22.25
CA LEU D 430 42.02 -2.92 -21.49
C LEU D 430 40.71 -3.48 -20.95
N PRO D 431 40.14 -2.85 -19.91
CA PRO D 431 38.85 -3.30 -19.38
C PRO D 431 37.79 -3.37 -20.46
N GLY D 432 37.31 -4.59 -20.77
CA GLY D 432 36.36 -4.82 -21.83
C GLY D 432 36.91 -5.70 -22.94
N ASN D 433 38.21 -5.61 -23.21
CA ASN D 433 38.88 -6.41 -24.23
C ASN D 433 38.26 -6.21 -25.61
N GLU D 434 37.52 -7.23 -26.08
CA GLU D 434 36.90 -7.16 -27.39
C GLU D 434 35.89 -6.02 -27.49
N PHE D 435 35.43 -5.51 -26.35
CA PHE D 435 34.55 -4.35 -26.26
C PHE D 435 35.05 -3.22 -27.16
N TRP D 436 36.36 -3.03 -27.24
CA TRP D 436 36.96 -2.00 -28.06
C TRP D 436 36.96 -2.35 -29.55
N MET D 437 36.64 -3.58 -29.91
CA MET D 437 36.38 -3.96 -31.30
C MET D 437 34.89 -4.11 -31.57
N LYS D 438 34.06 -3.38 -30.83
CA LYS D 438 32.60 -3.34 -31.00
C LYS D 438 31.94 -4.69 -30.78
N MET D 439 32.56 -5.58 -30.02
CA MET D 439 31.96 -6.85 -29.62
C MET D 439 31.53 -6.72 -28.16
N LEU D 440 30.23 -6.60 -27.93
CA LEU D 440 29.70 -6.16 -26.65
C LEU D 440 29.21 -7.29 -25.75
N GLN D 441 28.99 -8.50 -26.29
CA GLN D 441 28.35 -9.54 -25.48
C GLN D 441 28.98 -10.91 -25.66
N SER D 442 30.25 -10.99 -26.07
CA SER D 442 30.85 -12.30 -26.30
C SER D 442 31.35 -12.93 -25.01
N THR D 443 31.88 -12.14 -24.09
CA THR D 443 32.41 -12.65 -22.83
C THR D 443 31.98 -11.73 -21.69
N GLY D 444 32.29 -12.17 -20.46
CA GLY D 444 32.01 -11.36 -19.30
C GLY D 444 32.83 -10.09 -19.25
N ASP D 445 34.00 -10.09 -19.88
CA ASP D 445 34.81 -8.88 -19.97
C ASP D 445 34.09 -7.80 -20.76
N SER D 446 33.45 -8.17 -21.87
CA SER D 446 32.76 -7.19 -22.71
C SER D 446 31.44 -6.76 -22.10
N SER D 447 30.72 -7.69 -21.47
CA SER D 447 29.46 -7.33 -20.84
C SER D 447 29.66 -6.40 -19.64
N THR D 448 30.79 -6.56 -18.94
CA THR D 448 31.08 -5.67 -17.81
C THR D 448 31.37 -4.25 -18.30
N ALA D 449 32.13 -4.12 -19.40
CA ALA D 449 32.42 -2.81 -19.95
C ALA D 449 31.18 -2.10 -20.48
N CYS D 450 30.09 -2.83 -20.70
CA CYS D 450 28.83 -2.24 -21.12
C CYS D 450 27.90 -1.90 -19.96
N SER D 451 28.21 -2.38 -18.75
CA SER D 451 27.33 -2.21 -17.61
C SER D 451 27.98 -1.49 -16.43
N THR D 452 29.27 -1.16 -16.52
CA THR D 452 29.96 -0.46 -15.44
C THR D 452 30.74 0.73 -16.01
N LEU D 453 31.57 1.35 -15.17
CA LEU D 453 32.43 2.45 -15.60
C LEU D 453 33.89 2.03 -15.74
N VAL D 454 34.16 0.74 -15.94
CA VAL D 454 35.54 0.26 -16.00
C VAL D 454 36.25 0.80 -17.23
N ALA D 455 35.52 1.06 -18.31
CA ALA D 455 36.14 1.54 -19.54
C ALA D 455 36.83 2.88 -19.36
N GLU D 456 36.48 3.63 -18.32
CA GLU D 456 37.14 4.87 -17.98
C GLU D 456 37.83 4.82 -16.62
N LEU D 457 37.19 4.23 -15.61
CA LEU D 457 37.75 4.24 -14.26
C LEU D 457 38.88 3.24 -14.09
N HIS D 458 38.80 2.09 -14.78
CA HIS D 458 39.86 1.09 -14.75
C HIS D 458 40.85 1.27 -15.90
N ASN D 459 40.74 2.36 -16.66
CA ASN D 459 41.58 2.56 -17.84
C ASN D 459 42.78 3.42 -17.48
N PRO D 460 44.01 2.90 -17.59
CA PRO D 460 45.19 3.72 -17.29
C PRO D 460 45.46 4.81 -18.30
N TYR D 461 44.64 4.95 -19.34
CA TYR D 461 44.74 6.06 -20.27
C TYR D 461 43.71 7.16 -19.99
N ILE D 462 42.68 6.86 -19.22
CA ILE D 462 41.63 7.82 -18.88
C ILE D 462 41.71 8.23 -17.42
N ASN D 463 41.67 7.26 -16.50
CA ASN D 463 41.85 7.52 -15.08
C ASN D 463 43.34 7.43 -14.72
N THR D 464 44.12 8.30 -15.37
CA THR D 464 45.57 8.30 -15.21
C THR D 464 46.02 8.71 -13.82
N LYS D 465 45.12 9.26 -13.00
CA LYS D 465 45.48 9.80 -11.70
C LYS D 465 45.43 8.77 -10.58
N PHE D 466 44.52 7.80 -10.67
CA PHE D 466 44.38 6.77 -9.65
C PHE D 466 44.63 5.35 -10.18
N CYS D 467 44.41 5.10 -11.46
CA CYS D 467 44.73 3.81 -12.05
C CYS D 467 46.13 3.88 -12.69
N ASN D 468 47.12 3.89 -11.81
CA ASN D 468 48.52 3.97 -12.23
C ASN D 468 49.36 3.11 -11.30
N GLY D 469 50.61 2.89 -11.71
CA GLY D 469 51.51 2.07 -10.91
C GLY D 469 51.79 2.66 -9.54
N GLY D 470 51.90 3.99 -9.46
CA GLY D 470 52.14 4.65 -8.19
C GLY D 470 51.03 4.50 -7.18
N ASN D 471 49.87 3.98 -7.59
CA ASN D 471 48.75 3.72 -6.69
C ASN D 471 48.51 2.23 -6.49
N LEU D 472 49.56 1.42 -6.66
CA LEU D 472 49.43 -0.01 -6.48
C LEU D 472 49.09 -0.34 -5.03
N HIS D 473 48.17 -1.29 -4.85
CA HIS D 473 47.80 -1.78 -3.54
C HIS D 473 48.15 -3.25 -3.43
N ILE D 474 48.47 -3.69 -2.21
CA ILE D 474 48.93 -5.05 -1.95
C ILE D 474 47.88 -5.78 -1.13
N ALA D 475 47.49 -6.96 -1.60
CA ALA D 475 46.57 -7.82 -0.87
C ALA D 475 47.40 -8.76 0.01
N SER D 476 47.49 -8.44 1.29
CA SER D 476 48.27 -9.22 2.23
C SER D 476 47.37 -9.86 3.27
N PRO D 477 47.47 -11.17 3.50
CA PRO D 477 46.66 -11.79 4.56
C PRO D 477 46.98 -11.25 5.95
N GLU D 478 48.22 -10.86 6.20
CA GLU D 478 48.60 -10.41 7.54
C GLU D 478 48.42 -8.90 7.74
N HIS D 479 48.28 -8.13 6.66
CA HIS D 479 48.17 -6.69 6.76
C HIS D 479 46.96 -6.13 6.03
N GLY D 480 46.05 -6.98 5.56
CA GLY D 480 44.91 -6.49 4.81
C GLY D 480 45.34 -5.94 3.45
N VAL D 481 44.56 -4.97 2.97
CA VAL D 481 44.86 -4.29 1.71
C VAL D 481 45.46 -2.92 2.03
N LEU D 482 46.65 -2.67 1.51
CA LEU D 482 47.36 -1.44 1.78
C LEU D 482 47.94 -0.87 0.50
N HIS D 483 48.10 0.45 0.46
CA HIS D 483 48.92 1.08 -0.57
C HIS D 483 50.35 0.56 -0.44
N ILE D 484 51.04 0.47 -1.59
CA ILE D 484 52.35 -0.17 -1.62
C ILE D 484 53.34 0.53 -0.69
N ALA D 485 53.20 1.85 -0.52
CA ALA D 485 54.10 2.57 0.38
C ALA D 485 53.94 2.12 1.82
N GLU D 486 52.70 2.04 2.30
CA GLU D 486 52.48 1.64 3.68
C GLU D 486 52.81 0.17 3.90
N TYR D 487 52.57 -0.68 2.90
CA TYR D 487 53.06 -2.04 2.97
C TYR D 487 54.57 -2.01 3.17
N ALA D 488 55.31 -1.55 2.15
CA ALA D 488 56.77 -1.52 2.20
C ALA D 488 57.29 -0.98 3.52
N LYS D 489 56.67 0.09 4.04
CA LYS D 489 57.08 0.61 5.34
C LYS D 489 56.88 -0.42 6.44
N ARG D 490 55.81 -1.21 6.35
CA ARG D 490 55.42 -2.14 7.41
C ARG D 490 56.12 -3.49 7.31
N VAL D 491 56.80 -3.78 6.20
CA VAL D 491 57.36 -5.09 5.96
C VAL D 491 58.88 -5.09 6.09
N ILE D 492 59.54 -4.01 5.69
CA ILE D 492 60.98 -3.87 5.82
C ILE D 492 61.35 -3.61 7.27
#